data_8TGD
#
_entry.id   8TGD
#
_cell.length_a   86.154
_cell.length_b   124.502
_cell.length_c   165.418
_cell.angle_alpha   90
_cell.angle_beta   92.86
_cell.angle_gamma   90
#
_symmetry.space_group_name_H-M   'P 1 21 1'
#
loop_
_entity.id
_entity.type
_entity.pdbx_description
1 polymer 'Phosphatidylinositol 4,5-bisphosphate 3-kinase catalytic subunit alpha isoform'
2 polymer 'Phosphatidylinositol 3-kinase regulatory subunit alpha'
3 non-polymer 1,2-ETHANEDIOL
4 non-polymer N~2~-{(4S,11aP)-2-[(4S)-4-(difluoromethyl)-2-oxo-1,3-oxazolidin-3-yl]-5,6-dihydroimidazo[1,2-d][1,4]benzoxazepin-9-yl}-L-alaninamide
5 non-polymer "N-(2-aminopyrimidin-5-yl)-N'-[(1R)-1-(5,7-difluoro-3-methyl-1-benzofuran-2-yl)-2,2,2-trifluoroethyl]urea"
6 water water
#
loop_
_entity_poly.entity_id
_entity_poly.type
_entity_poly.pdbx_seq_one_letter_code
_entity_poly.pdbx_strand_id
1 'polypeptide(L)'
;MPPRPSSGELWGIHLMPPRILVECLLPNGMIVTLECLREATLITIKHELFKEARKYPLHQLLQDESSYIFVSVTQEAERE
EFFDETRRLCDLRLFQPFLKVIEPVGNREEKILNREIGFAIGMPVCEFDMVKDPEVQDFRRNILNVCKEAVDLRDLNSPH
SRAMYVYPPNVESSPELPKHIYNKLDKGQIIVVIWVIVSPNNDKQKYTLKINHDCVPEQVIAEAIRKKTRSMLLSSEQLK
LCVLEYQGKYILKVCGCDEYFLEKYPLSQYKYIRSCIMLGRMPNLMLMAKESLYSQLPMDCFTMPSYSRRISTATPYMNG
ETSTKSLWVINSALRIKILCATYVNVNIRDIDKIYVRTGIYHGGEPLCDNVNTQRVPCSNPRWNEWLNYDIYIPDLPRAA
RLCLSICSVKGRKGAKEEHCPLAWGNINLFDYTDTLVSGKMALNLWPVPHGLEDLLNPIGVTGSNPNKETPCLELEFDWF
SSVVKFPDMSVIEEHANWSVSREAGFSYSHAGLSNRLARDNELRENDKEQLKAISTRDPLSEITEQEKDFLWSHRHYCVT
IPEILPKLLLSVKWNSRDEVAQMYCLVKDWPPIKPEQAMELLDCNYPDPMVRGFAVRCLEKYLTDDKLSQYLIQLVQVLK
YEQYLDNLLVRFLLKKALTNQRIGHFFFWHLKSEMHNKTVSQRFGLLLESYCRACGMYLKHLNRQVEAMEKLINLTDILK
QEKKDETQKVQMKFLVEQMRRPDFMDALQGFLSPLNPAHQLGNLRLEECRIMSSAKRPLWLNWENPDIMSELLFQNNEII
FKNGDDLRQDMLTLQIIRIMENIWQNQGLDLRMLPYGCLSIGDCVGLIEVVRNSHTIMQIQCKGGLKGALQFNSHTLHQW
LKDKNKGEIYDAAIDLFTRSCAGYCVATFILGIGDRHNSNIMVKDDGQLFHIDFGHFLDHKKKKFGYKRERVPFVLTQDF
LIVISKGAQECTKTREFERFQEMCYKAYLAIRQHANLFINLFSMMLGSGMPELQSFDDIAYIRKTLALDKTEQEALEYFM
KQMNDARHGGWTTKMDWIFHTIKQHALN
;
A,C
2 'polypeptide(L)'
;MHHHHHHPPKPPKPTTVANNGMNNNMSLQDAEWYWGDISREEVNEKLRDTADGTFLVRDASTKMHGDYTLTLRKGGNNKL
IKIFHRDGKYGFSDPLTFSSVVELINHYRNESLAQYNPKLDVKLLYPVSKYQQDQVVKEDNIEAVGKKLHEYNTQFQEKS
REYDRLYEEYTRTSQEIQMKRTAIEAFNETIKIFEEQCQTQERYSKEYIEKFKREGNEKEIQRIMHNYDKLKSRISEIID
SRRRLEEDLKKQAAEYREIDKRMNSIKPDLIQLRKTRDQYLMWLTQKGVRQKK
;
B,D
#
# COMPACT_ATOMS: atom_id res chain seq x y z
N PRO A 2 -58.62 7.32 -9.57
CA PRO A 2 -57.24 7.60 -9.08
C PRO A 2 -56.98 7.13 -7.63
N PRO A 3 -55.72 7.13 -7.09
CA PRO A 3 -55.54 6.70 -5.69
C PRO A 3 -56.36 7.52 -4.68
N ARG A 4 -56.78 6.90 -3.56
CA ARG A 4 -57.61 7.59 -2.56
C ARG A 4 -56.88 8.75 -1.85
N PRO A 5 -57.52 9.92 -1.62
CA PRO A 5 -56.81 11.01 -0.92
C PRO A 5 -56.73 10.85 0.60
N SER A 6 -57.62 10.02 1.20
CA SER A 6 -57.68 9.78 2.63
C SER A 6 -58.04 8.32 2.91
N SER A 7 -57.53 7.75 4.01
CA SER A 7 -57.85 6.36 4.38
C SER A 7 -59.19 6.24 5.15
N GLY A 8 -60.05 7.26 5.08
CA GLY A 8 -61.34 7.27 5.75
C GLY A 8 -62.29 6.20 5.24
N GLU A 9 -63.25 5.78 6.07
CA GLU A 9 -64.20 4.73 5.70
C GLU A 9 -65.28 5.19 4.72
N LEU A 10 -65.47 6.53 4.59
CA LEU A 10 -66.39 7.18 3.66
C LEU A 10 -65.77 8.50 3.20
N TRP A 11 -66.24 9.05 2.08
CA TRP A 11 -65.70 10.30 1.56
C TRP A 11 -65.89 11.44 2.57
N GLY A 12 -64.78 12.06 2.99
CA GLY A 12 -64.79 13.16 3.94
C GLY A 12 -65.20 12.81 5.36
N ILE A 13 -65.25 11.50 5.70
CA ILE A 13 -65.63 11.01 7.02
C ILE A 13 -64.60 9.96 7.38
N HIS A 14 -63.75 10.23 8.38
CA HIS A 14 -62.71 9.27 8.76
C HIS A 14 -63.33 7.96 9.29
N LEU A 15 -64.24 8.06 10.26
CA LEU A 15 -64.86 6.87 10.83
C LEU A 15 -66.36 6.89 10.63
N MET A 16 -66.95 5.73 10.31
CA MET A 16 -68.40 5.62 10.19
C MET A 16 -69.01 5.64 11.61
N PRO A 17 -70.28 6.07 11.82
CA PRO A 17 -70.88 5.93 13.16
C PRO A 17 -71.11 4.43 13.51
N PRO A 18 -71.37 4.03 14.78
CA PRO A 18 -71.57 2.59 15.07
C PRO A 18 -72.60 1.90 14.17
N ARG A 19 -73.73 2.58 13.88
CA ARG A 19 -74.78 2.11 12.97
C ARG A 19 -74.96 3.18 11.88
N ILE A 20 -75.17 2.74 10.62
CA ILE A 20 -75.31 3.65 9.48
C ILE A 20 -76.43 3.17 8.53
N LEU A 21 -77.15 4.12 7.90
CA LEU A 21 -78.25 3.81 6.98
C LEU A 21 -77.69 3.65 5.56
N VAL A 22 -77.75 2.42 5.01
CA VAL A 22 -77.23 2.09 3.68
C VAL A 22 -78.39 1.97 2.70
N GLU A 23 -78.40 2.77 1.62
N GLU A 23 -78.37 2.75 1.61
CA GLU A 23 -79.45 2.70 0.61
CA GLU A 23 -79.40 2.71 0.58
C GLU A 23 -79.16 1.51 -0.31
C GLU A 23 -79.14 1.50 -0.31
N CYS A 24 -79.89 0.41 -0.14
CA CYS A 24 -79.70 -0.80 -0.95
C CYS A 24 -80.60 -0.79 -2.19
N LEU A 25 -80.01 -0.85 -3.39
CA LEU A 25 -80.72 -0.85 -4.67
C LEU A 25 -80.88 -2.32 -5.09
N LEU A 26 -82.09 -2.90 -4.91
CA LEU A 26 -82.39 -4.32 -5.19
C LEU A 26 -82.39 -4.71 -6.69
N PRO A 27 -82.30 -6.01 -7.09
CA PRO A 27 -82.29 -6.33 -8.53
C PRO A 27 -83.67 -6.28 -9.20
N ASN A 28 -84.74 -6.34 -8.40
CA ASN A 28 -86.11 -6.21 -8.91
C ASN A 28 -86.47 -4.76 -9.29
N GLY A 29 -85.65 -3.78 -8.85
CA GLY A 29 -85.88 -2.36 -9.13
C GLY A 29 -86.21 -1.53 -7.91
N MET A 30 -86.46 -2.16 -6.76
CA MET A 30 -86.82 -1.45 -5.53
C MET A 30 -85.58 -0.86 -4.82
N ILE A 31 -85.82 0.12 -3.92
CA ILE A 31 -84.78 0.80 -3.14
C ILE A 31 -85.18 0.72 -1.65
N VAL A 32 -84.34 0.05 -0.84
CA VAL A 32 -84.59 -0.20 0.59
C VAL A 32 -83.50 0.41 1.43
N THR A 33 -83.83 1.33 2.35
CA THR A 33 -82.82 1.89 3.26
C THR A 33 -82.69 0.89 4.41
N LEU A 34 -81.47 0.37 4.66
CA LEU A 34 -81.22 -0.64 5.70
C LEU A 34 -80.21 -0.13 6.72
N GLU A 35 -80.50 -0.27 8.03
CA GLU A 35 -79.57 0.13 9.08
C GLU A 35 -78.59 -1.02 9.33
N CYS A 36 -77.28 -0.74 9.20
CA CYS A 36 -76.22 -1.74 9.35
C CYS A 36 -75.19 -1.28 10.37
N LEU A 37 -74.45 -2.23 10.97
CA LEU A 37 -73.34 -1.88 11.87
C LEU A 37 -72.14 -1.55 10.97
N ARG A 38 -71.31 -0.58 11.36
CA ARG A 38 -70.13 -0.23 10.56
C ARG A 38 -69.18 -1.41 10.33
N GLU A 39 -69.16 -2.40 11.24
CA GLU A 39 -68.29 -3.59 11.13
C GLU A 39 -69.00 -4.80 10.53
N ALA A 40 -70.25 -4.70 10.08
CA ALA A 40 -70.98 -5.85 9.55
C ALA A 40 -70.41 -6.34 8.24
N THR A 41 -70.32 -7.66 8.06
CA THR A 41 -69.82 -8.26 6.82
C THR A 41 -70.87 -8.11 5.73
N LEU A 42 -70.44 -8.15 4.46
CA LEU A 42 -71.37 -8.11 3.35
C LEU A 42 -72.29 -9.36 3.37
N ILE A 43 -71.84 -10.49 3.97
CA ILE A 43 -72.65 -11.70 4.10
C ILE A 43 -73.87 -11.36 4.98
N THR A 44 -73.62 -10.72 6.14
CA THR A 44 -74.67 -10.32 7.07
C THR A 44 -75.56 -9.27 6.44
N ILE A 45 -74.98 -8.24 5.80
CA ILE A 45 -75.76 -7.17 5.18
C ILE A 45 -76.68 -7.73 4.07
N LYS A 46 -76.19 -8.68 3.24
CA LYS A 46 -77.01 -9.29 2.19
C LYS A 46 -78.14 -10.12 2.78
N HIS A 47 -77.86 -10.90 3.83
CA HIS A 47 -78.89 -11.71 4.47
C HIS A 47 -79.97 -10.83 5.10
N GLU A 48 -79.57 -9.74 5.79
CA GLU A 48 -80.52 -8.83 6.42
C GLU A 48 -81.31 -8.06 5.36
N LEU A 49 -80.65 -7.69 4.24
CA LEU A 49 -81.31 -6.97 3.15
C LEU A 49 -82.41 -7.84 2.54
N PHE A 50 -82.12 -9.11 2.20
CA PHE A 50 -83.14 -9.97 1.59
C PHE A 50 -84.31 -10.30 2.54
N LYS A 51 -84.10 -10.30 3.87
CA LYS A 51 -85.21 -10.51 4.82
C LYS A 51 -86.17 -9.31 4.72
N GLU A 52 -85.62 -8.08 4.76
CA GLU A 52 -86.40 -6.85 4.66
C GLU A 52 -86.99 -6.65 3.26
N ALA A 53 -86.32 -7.14 2.22
CA ALA A 53 -86.77 -7.02 0.83
C ALA A 53 -88.11 -7.70 0.59
N ARG A 54 -88.38 -8.84 1.27
CA ARG A 54 -89.67 -9.53 1.12
C ARG A 54 -90.86 -8.66 1.59
N LYS A 55 -90.60 -7.68 2.48
CA LYS A 55 -91.64 -6.76 2.95
C LYS A 55 -92.00 -5.77 1.83
N TYR A 56 -91.00 -5.30 1.06
CA TYR A 56 -91.19 -4.35 -0.04
C TYR A 56 -91.86 -5.01 -1.28
N PRO A 57 -92.37 -4.25 -2.30
CA PRO A 57 -93.00 -4.91 -3.45
C PRO A 57 -92.03 -5.64 -4.39
N LEU A 58 -92.58 -6.40 -5.37
CA LEU A 58 -91.84 -7.19 -6.37
C LEU A 58 -90.93 -8.26 -5.74
N HIS A 59 -91.21 -8.67 -4.49
CA HIS A 59 -90.46 -9.72 -3.81
C HIS A 59 -90.49 -11.07 -4.54
N GLN A 60 -91.43 -11.26 -5.48
CA GLN A 60 -91.55 -12.49 -6.27
C GLN A 60 -90.39 -12.62 -7.27
N LEU A 61 -89.83 -11.49 -7.74
CA LEU A 61 -88.73 -11.46 -8.71
C LEU A 61 -87.33 -11.58 -8.06
N LEU A 62 -87.24 -11.78 -6.72
CA LEU A 62 -85.95 -11.90 -6.05
C LEU A 62 -85.52 -13.36 -5.94
N GLN A 63 -84.44 -13.72 -6.63
CA GLN A 63 -83.89 -15.07 -6.60
C GLN A 63 -83.12 -15.31 -5.26
N ASP A 64 -82.46 -16.49 -5.08
CA ASP A 64 -81.73 -16.75 -3.83
C ASP A 64 -80.61 -15.73 -3.63
N GLU A 65 -80.24 -15.47 -2.37
CA GLU A 65 -79.19 -14.52 -2.00
C GLU A 65 -77.87 -14.84 -2.73
N SER A 66 -77.49 -16.14 -2.78
CA SER A 66 -76.26 -16.62 -3.44
C SER A 66 -76.19 -16.24 -4.93
N SER A 67 -77.33 -16.19 -5.64
CA SER A 67 -77.36 -15.85 -7.06
C SER A 67 -77.00 -14.39 -7.36
N TYR A 68 -76.88 -13.53 -6.34
CA TYR A 68 -76.58 -12.11 -6.50
C TYR A 68 -75.26 -11.70 -5.82
N ILE A 69 -74.73 -10.52 -6.20
CA ILE A 69 -73.50 -9.96 -5.62
C ILE A 69 -73.66 -8.43 -5.48
N PHE A 70 -72.97 -7.81 -4.50
CA PHE A 70 -73.05 -6.37 -4.29
C PHE A 70 -72.09 -5.58 -5.17
N VAL A 71 -72.44 -4.31 -5.46
CA VAL A 71 -71.69 -3.36 -6.28
C VAL A 71 -71.83 -1.97 -5.64
N SER A 72 -70.81 -1.13 -5.73
CA SER A 72 -70.88 0.25 -5.23
C SER A 72 -69.72 1.10 -5.78
N VAL A 73 -69.81 2.43 -5.62
CA VAL A 73 -68.75 3.33 -6.06
C VAL A 73 -67.80 3.50 -4.89
N THR A 74 -66.51 3.19 -5.12
CA THR A 74 -65.47 3.32 -4.11
C THR A 74 -64.88 4.73 -4.14
N GLN A 75 -64.08 5.10 -3.13
CA GLN A 75 -63.47 6.44 -3.11
C GLN A 75 -62.43 6.65 -4.23
N GLU A 76 -62.03 5.58 -4.96
CA GLU A 76 -61.18 5.72 -6.15
C GLU A 76 -62.04 6.01 -7.41
N ALA A 77 -63.37 6.33 -7.25
CA ALA A 77 -64.35 6.59 -8.33
C ALA A 77 -64.43 5.39 -9.29
N GLU A 78 -64.60 4.18 -8.71
CA GLU A 78 -64.66 2.94 -9.47
C GLU A 78 -65.88 2.12 -9.07
N ARG A 79 -66.50 1.42 -10.02
CA ARG A 79 -67.65 0.55 -9.73
C ARG A 79 -67.09 -0.81 -9.30
N GLU A 80 -66.87 -1.00 -7.98
CA GLU A 80 -66.28 -2.25 -7.50
C GLU A 80 -67.36 -3.33 -7.27
N GLU A 81 -67.09 -4.57 -7.73
CA GLU A 81 -67.95 -5.73 -7.54
C GLU A 81 -67.37 -6.48 -6.36
N PHE A 82 -68.04 -6.45 -5.21
CA PHE A 82 -67.52 -7.06 -3.99
C PHE A 82 -67.66 -8.57 -3.98
N PHE A 83 -66.71 -9.25 -4.62
CA PHE A 83 -66.72 -10.72 -4.68
C PHE A 83 -66.50 -11.30 -3.31
N ASP A 84 -65.48 -10.81 -2.59
CA ASP A 84 -65.17 -11.32 -1.25
C ASP A 84 -66.21 -10.78 -0.29
N GLU A 85 -67.26 -11.57 -0.04
CA GLU A 85 -68.36 -11.13 0.81
C GLU A 85 -68.05 -11.21 2.31
N THR A 86 -66.85 -11.68 2.70
CA THR A 86 -66.44 -11.71 4.11
C THR A 86 -65.94 -10.32 4.60
N ARG A 87 -65.89 -9.29 3.70
CA ARG A 87 -65.38 -7.96 4.01
C ARG A 87 -66.38 -7.15 4.82
N ARG A 88 -65.87 -6.34 5.75
CA ARG A 88 -66.70 -5.50 6.62
C ARG A 88 -67.06 -4.20 5.91
N LEU A 89 -68.21 -3.61 6.25
CA LEU A 89 -68.70 -2.37 5.63
C LEU A 89 -67.67 -1.23 5.69
N CYS A 90 -66.99 -1.07 6.85
CA CYS A 90 -65.96 -0.05 7.04
C CYS A 90 -64.72 -0.28 6.12
N ASP A 91 -64.35 -1.54 5.88
CA ASP A 91 -63.21 -1.90 5.04
C ASP A 91 -63.52 -1.89 3.53
N LEU A 92 -64.69 -1.38 3.10
CA LEU A 92 -65.09 -1.37 1.68
C LEU A 92 -64.68 -0.10 0.95
N ARG A 93 -64.31 0.97 1.67
CA ARG A 93 -63.86 2.24 1.07
C ARG A 93 -64.93 2.82 0.14
N LEU A 94 -66.17 2.91 0.61
CA LEU A 94 -67.28 3.41 -0.21
C LEU A 94 -67.23 4.92 -0.34
N PHE A 95 -67.72 5.45 -1.45
CA PHE A 95 -67.79 6.89 -1.66
C PHE A 95 -68.97 7.40 -0.81
N GLN A 96 -70.16 6.77 -0.96
CA GLN A 96 -71.36 7.09 -0.18
C GLN A 96 -72.06 5.78 0.27
N PRO A 97 -72.83 5.77 1.40
CA PRO A 97 -73.40 4.50 1.86
C PRO A 97 -74.56 3.96 1.04
N PHE A 98 -74.22 3.11 0.05
CA PHE A 98 -75.19 2.47 -0.84
C PHE A 98 -74.60 1.22 -1.48
N LEU A 99 -75.46 0.25 -1.82
CA LEU A 99 -75.02 -1.02 -2.42
C LEU A 99 -76.07 -1.49 -3.42
N LYS A 100 -75.68 -1.81 -4.67
CA LYS A 100 -76.61 -2.35 -5.66
C LYS A 100 -76.45 -3.85 -5.71
N VAL A 101 -77.56 -4.58 -5.72
CA VAL A 101 -77.57 -6.04 -5.79
C VAL A 101 -77.71 -6.36 -7.28
N ILE A 102 -76.77 -7.15 -7.83
CA ILE A 102 -76.73 -7.46 -9.27
C ILE A 102 -76.42 -8.92 -9.55
N GLU A 103 -76.76 -9.38 -10.76
CA GLU A 103 -76.43 -10.73 -11.19
C GLU A 103 -74.94 -10.70 -11.55
N PRO A 104 -74.04 -11.52 -10.95
CA PRO A 104 -72.62 -11.45 -11.33
C PRO A 104 -72.38 -11.81 -12.80
N VAL A 105 -71.39 -11.16 -13.43
CA VAL A 105 -71.08 -11.35 -14.86
C VAL A 105 -69.56 -11.53 -15.09
N GLY A 106 -69.19 -12.12 -16.22
CA GLY A 106 -67.80 -12.33 -16.59
C GLY A 106 -67.05 -13.39 -15.80
N ASN A 107 -65.73 -13.47 -16.01
CA ASN A 107 -64.87 -14.44 -15.30
C ASN A 107 -64.65 -13.98 -13.86
N ARG A 108 -65.31 -14.65 -12.90
CA ARG A 108 -65.20 -14.33 -11.48
C ARG A 108 -63.75 -14.38 -11.00
N GLU A 109 -63.01 -15.46 -11.35
CA GLU A 109 -61.65 -15.63 -10.87
C GLU A 109 -60.69 -14.57 -11.40
N GLU A 110 -60.89 -14.11 -12.66
CA GLU A 110 -60.05 -13.07 -13.24
C GLU A 110 -60.35 -11.72 -12.56
N LYS A 111 -61.63 -11.45 -12.27
CA LYS A 111 -62.05 -10.21 -11.63
C LYS A 111 -61.56 -10.12 -10.17
N ILE A 112 -61.48 -11.26 -9.45
CA ILE A 112 -61.00 -11.27 -8.06
C ILE A 112 -59.53 -10.83 -8.04
N LEU A 113 -58.71 -11.41 -8.93
CA LEU A 113 -57.30 -11.08 -9.01
C LEU A 113 -57.10 -9.59 -9.36
N ASN A 114 -57.85 -9.06 -10.33
CA ASN A 114 -57.71 -7.65 -10.71
C ASN A 114 -58.07 -6.70 -9.55
N ARG A 115 -58.96 -7.13 -8.63
CA ARG A 115 -59.29 -6.32 -7.44
C ARG A 115 -58.09 -6.35 -6.51
N GLU A 116 -57.52 -7.55 -6.27
CA GLU A 116 -56.37 -7.75 -5.39
C GLU A 116 -55.12 -7.01 -5.89
N ILE A 117 -54.92 -6.93 -7.21
CA ILE A 117 -53.79 -6.22 -7.79
C ILE A 117 -54.05 -4.72 -7.56
N GLY A 118 -55.20 -4.22 -8.01
CA GLY A 118 -55.57 -2.82 -7.84
C GLY A 118 -55.53 -2.30 -6.41
N PHE A 119 -55.85 -3.15 -5.42
CA PHE A 119 -55.82 -2.75 -4.02
C PHE A 119 -54.38 -2.53 -3.57
N ALA A 120 -53.48 -3.49 -3.87
CA ALA A 120 -52.07 -3.38 -3.54
C ALA A 120 -51.38 -2.21 -4.26
N ILE A 121 -51.80 -1.87 -5.48
CA ILE A 121 -51.19 -0.79 -6.28
C ILE A 121 -51.55 0.58 -5.70
N GLY A 122 -52.80 0.75 -5.31
CA GLY A 122 -53.32 2.01 -4.83
C GLY A 122 -54.41 2.52 -5.77
N MET A 123 -54.28 2.21 -7.07
CA MET A 123 -55.24 2.61 -8.10
C MET A 123 -55.93 1.38 -8.72
N PRO A 124 -57.16 1.48 -9.28
CA PRO A 124 -57.75 0.31 -9.95
C PRO A 124 -57.05 -0.06 -11.26
N VAL A 125 -57.10 -1.36 -11.63
CA VAL A 125 -56.46 -1.90 -12.85
C VAL A 125 -57.13 -1.35 -14.12
N CYS A 126 -58.47 -1.09 -14.07
CA CYS A 126 -59.18 -0.53 -15.22
C CYS A 126 -58.68 0.85 -15.64
N GLU A 127 -57.94 1.58 -14.78
CA GLU A 127 -57.40 2.89 -15.14
C GLU A 127 -56.31 2.74 -16.20
N PHE A 128 -55.49 1.69 -16.09
CA PHE A 128 -54.45 1.41 -17.07
C PHE A 128 -55.04 0.98 -18.41
N ASP A 129 -56.22 0.32 -18.40
CA ASP A 129 -56.90 -0.07 -19.64
C ASP A 129 -57.37 1.15 -20.43
N MET A 130 -57.79 2.23 -19.74
CA MET A 130 -58.25 3.44 -20.41
C MET A 130 -57.11 4.33 -20.91
N VAL A 131 -55.83 3.98 -20.67
CA VAL A 131 -54.71 4.80 -21.13
C VAL A 131 -54.52 4.51 -22.62
N LYS A 132 -54.62 5.55 -23.46
CA LYS A 132 -54.49 5.40 -24.91
C LYS A 132 -53.04 5.44 -25.42
N ASP A 133 -52.05 5.81 -24.56
CA ASP A 133 -50.64 5.88 -24.97
C ASP A 133 -50.17 4.49 -25.44
N PRO A 134 -49.74 4.28 -26.71
CA PRO A 134 -49.29 2.94 -27.11
C PRO A 134 -48.07 2.45 -26.35
N GLU A 135 -47.23 3.35 -25.81
CA GLU A 135 -46.07 2.94 -25.00
C GLU A 135 -46.54 2.29 -23.70
N VAL A 136 -47.59 2.83 -23.09
CA VAL A 136 -48.13 2.30 -21.84
C VAL A 136 -48.69 0.89 -22.07
N GLN A 137 -49.43 0.67 -23.18
CA GLN A 137 -49.99 -0.66 -23.48
C GLN A 137 -48.91 -1.63 -23.98
N ASP A 138 -47.88 -1.12 -24.68
CA ASP A 138 -46.75 -1.93 -25.15
C ASP A 138 -45.92 -2.35 -23.95
N PHE A 139 -45.78 -1.51 -22.91
CA PHE A 139 -45.06 -1.88 -21.69
C PHE A 139 -45.84 -3.00 -21.00
N ARG A 140 -47.15 -2.83 -20.79
CA ARG A 140 -47.98 -3.83 -20.12
C ARG A 140 -47.91 -5.20 -20.78
N ARG A 141 -47.92 -5.23 -22.12
CA ARG A 141 -47.86 -6.46 -22.88
C ARG A 141 -46.45 -7.07 -22.91
N ASN A 142 -45.42 -6.27 -23.27
CA ASN A 142 -44.04 -6.76 -23.38
C ASN A 142 -43.36 -7.09 -22.06
N ILE A 143 -43.66 -6.36 -20.98
CA ILE A 143 -43.05 -6.65 -19.68
C ILE A 143 -43.44 -8.04 -19.17
N LEU A 144 -44.60 -8.59 -19.60
CA LEU A 144 -44.99 -9.93 -19.20
C LEU A 144 -44.01 -11.01 -19.69
N ASN A 145 -43.08 -10.69 -20.62
CA ASN A 145 -42.03 -11.62 -21.03
C ASN A 145 -41.10 -11.84 -19.84
N VAL A 146 -40.75 -10.75 -19.10
CA VAL A 146 -39.91 -10.87 -17.92
C VAL A 146 -40.67 -11.68 -16.87
N CYS A 147 -41.94 -11.34 -16.61
CA CYS A 147 -42.75 -12.04 -15.63
C CYS A 147 -42.88 -13.54 -15.93
N LYS A 148 -43.07 -13.93 -17.19
CA LYS A 148 -43.18 -15.34 -17.56
C LYS A 148 -41.83 -16.05 -17.38
N GLU A 149 -40.73 -15.38 -17.74
CA GLU A 149 -39.38 -15.94 -17.58
C GLU A 149 -39.02 -16.12 -16.11
N ALA A 150 -39.43 -15.18 -15.25
CA ALA A 150 -39.18 -15.23 -13.82
C ALA A 150 -39.96 -16.36 -13.14
N VAL A 151 -41.23 -16.56 -13.56
CA VAL A 151 -42.07 -17.63 -13.01
C VAL A 151 -41.54 -18.99 -13.51
N ASP A 152 -41.03 -19.07 -14.75
CA ASP A 152 -40.46 -20.32 -15.27
C ASP A 152 -39.21 -20.72 -14.48
N LEU A 153 -38.44 -19.74 -13.95
CA LEU A 153 -37.27 -20.04 -13.11
C LEU A 153 -37.68 -20.62 -11.76
N ARG A 154 -38.79 -20.14 -11.19
CA ARG A 154 -39.33 -20.65 -9.92
C ARG A 154 -39.85 -22.07 -10.05
N ASP A 155 -40.33 -22.48 -11.23
CA ASP A 155 -40.79 -23.87 -11.41
C ASP A 155 -39.82 -24.67 -12.28
N LEU A 156 -38.52 -24.35 -12.18
CA LEU A 156 -37.48 -25.05 -12.93
C LEU A 156 -37.08 -26.33 -12.17
N ASN A 157 -36.69 -26.19 -10.89
CA ASN A 157 -36.31 -27.32 -10.05
C ASN A 157 -37.15 -27.29 -8.78
N SER A 158 -38.47 -27.05 -8.95
CA SER A 158 -39.44 -26.97 -7.86
C SER A 158 -39.57 -28.34 -7.11
N PRO A 159 -40.01 -28.41 -5.83
CA PRO A 159 -40.41 -27.29 -4.96
C PRO A 159 -39.25 -26.54 -4.30
N HIS A 160 -37.99 -26.97 -4.50
CA HIS A 160 -36.85 -26.26 -3.95
C HIS A 160 -36.73 -24.87 -4.57
N SER A 161 -36.99 -24.73 -5.88
CA SER A 161 -36.94 -23.43 -6.55
C SER A 161 -37.98 -22.48 -5.99
N ARG A 162 -39.20 -22.98 -5.69
CA ARG A 162 -40.24 -22.15 -5.09
C ARG A 162 -39.84 -21.78 -3.66
N ALA A 163 -39.29 -22.74 -2.88
CA ALA A 163 -38.85 -22.48 -1.51
C ALA A 163 -37.76 -21.43 -1.46
N MET A 164 -36.82 -21.46 -2.41
CA MET A 164 -35.74 -20.47 -2.46
C MET A 164 -36.29 -19.09 -2.80
N TYR A 165 -37.33 -19.01 -3.66
CA TYR A 165 -37.95 -17.72 -3.99
C TYR A 165 -38.59 -17.13 -2.74
N VAL A 166 -39.44 -17.89 -2.05
CA VAL A 166 -40.17 -17.40 -0.88
C VAL A 166 -39.23 -17.12 0.29
N TYR A 167 -38.33 -18.08 0.60
CA TYR A 167 -37.36 -17.97 1.68
C TYR A 167 -35.92 -17.91 1.14
N PRO A 168 -35.49 -16.78 0.51
CA PRO A 168 -34.11 -16.73 0.04
C PRO A 168 -33.11 -16.80 1.18
N PRO A 169 -31.95 -17.47 1.00
CA PRO A 169 -30.98 -17.53 2.09
C PRO A 169 -30.44 -16.12 2.42
N ASN A 170 -30.62 -15.68 3.68
CA ASN A 170 -30.18 -14.37 4.09
C ASN A 170 -28.70 -14.47 4.39
N VAL A 171 -27.86 -14.20 3.38
CA VAL A 171 -26.40 -14.36 3.47
C VAL A 171 -25.61 -13.08 3.22
N GLU A 172 -24.33 -13.07 3.64
CA GLU A 172 -23.37 -11.99 3.36
C GLU A 172 -22.76 -12.32 1.98
N SER A 173 -22.27 -11.32 1.26
CA SER A 173 -21.74 -11.54 -0.10
C SER A 173 -20.46 -12.40 -0.13
N SER A 174 -19.60 -12.35 0.91
CA SER A 174 -18.38 -13.17 0.92
C SER A 174 -18.36 -14.18 2.09
N PRO A 175 -17.93 -15.46 1.86
CA PRO A 175 -17.84 -16.40 2.99
C PRO A 175 -16.58 -16.22 3.86
N GLU A 176 -15.64 -15.34 3.45
CA GLU A 176 -14.41 -15.11 4.22
C GLU A 176 -14.79 -14.38 5.45
N LEU A 177 -14.41 -14.94 6.59
CA LEU A 177 -14.72 -14.35 7.89
C LEU A 177 -13.53 -13.45 8.24
N PRO A 178 -13.68 -12.13 8.54
CA PRO A 178 -12.49 -11.34 8.93
C PRO A 178 -11.84 -11.90 10.21
N LYS A 179 -10.54 -11.64 10.42
CA LYS A 179 -9.83 -12.21 11.58
C LYS A 179 -10.53 -11.96 12.92
N HIS A 180 -11.13 -10.78 13.14
CA HIS A 180 -11.84 -10.52 14.41
C HIS A 180 -13.07 -11.41 14.62
N ILE A 181 -13.73 -11.85 13.53
CA ILE A 181 -14.89 -12.73 13.61
C ILE A 181 -14.39 -14.19 13.82
N TYR A 182 -13.36 -14.63 13.07
CA TYR A 182 -12.76 -15.97 13.21
C TYR A 182 -12.16 -16.18 14.61
N ASN A 183 -11.51 -15.16 15.19
CA ASN A 183 -10.94 -15.24 16.53
C ASN A 183 -12.01 -15.46 17.61
N LYS A 184 -13.28 -15.12 17.35
CA LYS A 184 -14.36 -15.36 18.31
C LYS A 184 -14.82 -16.85 18.34
N LEU A 185 -14.35 -17.68 17.40
CA LEU A 185 -14.70 -19.10 17.36
C LEU A 185 -13.76 -19.90 18.27
N ASP A 186 -14.27 -20.97 18.88
CA ASP A 186 -13.46 -21.86 19.71
C ASP A 186 -12.68 -22.79 18.78
N LYS A 187 -11.45 -22.40 18.41
CA LYS A 187 -10.56 -23.17 17.54
C LYS A 187 -11.24 -23.39 16.18
N GLY A 188 -11.82 -22.32 15.64
CA GLY A 188 -12.53 -22.33 14.35
C GLY A 188 -13.91 -22.96 14.35
N GLN A 189 -14.38 -23.48 15.50
CA GLN A 189 -15.65 -24.16 15.62
C GLN A 189 -16.70 -23.30 16.31
N ILE A 190 -17.98 -23.61 16.07
CA ILE A 190 -19.15 -22.92 16.61
C ILE A 190 -20.05 -23.93 17.32
N ILE A 191 -20.64 -23.55 18.46
CA ILE A 191 -21.55 -24.43 19.18
C ILE A 191 -22.97 -23.94 18.87
N VAL A 192 -23.76 -24.79 18.20
CA VAL A 192 -25.12 -24.50 17.78
C VAL A 192 -26.13 -25.45 18.46
N VAL A 193 -27.40 -25.04 18.55
CA VAL A 193 -28.44 -25.85 19.18
C VAL A 193 -29.54 -26.14 18.16
N ILE A 194 -29.71 -27.42 17.77
CA ILE A 194 -30.74 -27.84 16.82
C ILE A 194 -31.95 -28.30 17.62
N TRP A 195 -33.15 -27.82 17.28
CA TRP A 195 -34.39 -28.13 17.98
C TRP A 195 -35.34 -28.90 17.09
N VAL A 196 -36.12 -29.82 17.66
CA VAL A 196 -37.11 -30.61 16.92
C VAL A 196 -38.40 -30.67 17.73
N ILE A 197 -39.55 -30.69 17.05
CA ILE A 197 -40.85 -30.79 17.72
C ILE A 197 -41.24 -32.26 17.63
N VAL A 198 -41.42 -32.92 18.80
CA VAL A 198 -41.69 -34.34 18.88
C VAL A 198 -43.21 -34.67 18.98
N SER A 199 -43.90 -34.19 20.03
CA SER A 199 -45.33 -34.49 20.28
C SER A 199 -46.27 -33.41 19.68
N PRO A 200 -47.56 -33.70 19.36
CA PRO A 200 -48.42 -32.64 18.78
C PRO A 200 -48.54 -31.39 19.64
N ASN A 201 -48.56 -31.53 20.99
CA ASN A 201 -48.60 -30.38 21.91
C ASN A 201 -47.25 -29.60 21.98
N ASN A 202 -46.31 -29.86 21.01
CA ASN A 202 -45.02 -29.19 20.85
C ASN A 202 -44.02 -29.53 21.95
N ASP A 203 -43.80 -30.84 22.18
CA ASP A 203 -42.79 -31.26 23.15
C ASP A 203 -41.47 -31.16 22.39
N LYS A 204 -40.64 -30.18 22.76
CA LYS A 204 -39.38 -29.91 22.09
C LYS A 204 -38.24 -30.82 22.53
N GLN A 205 -37.19 -30.92 21.68
CA GLN A 205 -35.99 -31.71 21.94
C GLN A 205 -34.79 -30.96 21.32
N LYS A 206 -33.75 -30.65 22.13
CA LYS A 206 -32.56 -29.94 21.65
C LYS A 206 -31.36 -30.87 21.43
N TYR A 207 -30.44 -30.48 20.53
CA TYR A 207 -29.23 -31.22 20.16
C TYR A 207 -28.08 -30.24 20.05
N THR A 208 -27.26 -30.13 21.10
CA THR A 208 -26.12 -29.20 21.10
C THR A 208 -24.98 -29.82 20.30
N LEU A 209 -24.52 -29.13 19.23
CA LEU A 209 -23.44 -29.60 18.36
C LEU A 209 -22.29 -28.60 18.31
N LYS A 210 -21.05 -29.10 18.24
CA LYS A 210 -19.88 -28.25 18.06
C LYS A 210 -19.39 -28.64 16.68
N ILE A 211 -19.47 -27.70 15.72
CA ILE A 211 -19.16 -27.94 14.31
C ILE A 211 -18.27 -26.85 13.73
N ASN A 212 -17.62 -27.10 12.59
CA ASN A 212 -16.79 -26.07 11.94
C ASN A 212 -17.70 -24.95 11.44
N HIS A 213 -17.28 -23.71 11.58
CA HIS A 213 -18.09 -22.56 11.17
C HIS A 213 -18.52 -22.61 9.70
N ASP A 214 -17.65 -23.17 8.82
CA ASP A 214 -17.92 -23.23 7.38
C ASP A 214 -18.71 -24.48 6.93
N CYS A 215 -19.38 -25.18 7.88
CA CYS A 215 -20.22 -26.35 7.57
C CYS A 215 -21.43 -25.87 6.78
N VAL A 216 -21.72 -26.43 5.59
CA VAL A 216 -22.94 -26.04 4.86
C VAL A 216 -24.16 -26.60 5.68
N PRO A 217 -25.39 -26.01 5.66
CA PRO A 217 -26.48 -26.55 6.50
C PRO A 217 -26.70 -28.08 6.44
N GLU A 218 -26.45 -28.70 5.28
CA GLU A 218 -26.60 -30.15 5.13
C GLU A 218 -25.57 -30.92 5.98
N GLN A 219 -24.35 -30.39 6.16
CA GLN A 219 -23.35 -31.00 7.04
C GLN A 219 -23.76 -30.81 8.53
N VAL A 220 -24.50 -29.72 8.84
CA VAL A 220 -25.04 -29.47 10.19
C VAL A 220 -26.12 -30.53 10.46
N ILE A 221 -26.99 -30.78 9.46
CA ILE A 221 -28.03 -31.80 9.55
C ILE A 221 -27.35 -33.18 9.68
N ALA A 222 -26.28 -33.43 8.92
CA ALA A 222 -25.55 -34.69 9.00
C ALA A 222 -25.03 -34.93 10.42
N GLU A 223 -24.40 -33.93 11.04
CA GLU A 223 -23.91 -34.08 12.41
C GLU A 223 -25.08 -34.30 13.39
N ALA A 224 -26.26 -33.67 13.18
CA ALA A 224 -27.43 -33.91 14.01
C ALA A 224 -27.92 -35.36 13.82
N ILE A 225 -27.89 -35.90 12.60
CA ILE A 225 -28.27 -37.29 12.34
C ILE A 225 -27.28 -38.22 13.06
N ARG A 226 -25.97 -37.92 12.98
CA ARG A 226 -24.95 -38.74 13.66
C ARG A 226 -25.18 -38.78 15.17
N LYS A 227 -25.53 -37.62 15.77
CA LYS A 227 -25.78 -37.57 17.22
C LYS A 227 -27.03 -38.36 17.61
N LYS A 228 -28.10 -38.34 16.80
CA LYS A 228 -29.32 -39.06 17.13
C LYS A 228 -29.17 -40.59 16.91
N THR A 229 -28.45 -40.99 15.85
CA THR A 229 -28.21 -42.40 15.53
C THR A 229 -26.84 -42.89 16.05
N ARG A 230 -26.28 -42.25 17.09
CA ARG A 230 -24.96 -42.64 17.61
C ARG A 230 -25.00 -43.94 18.41
N SER A 231 -26.14 -44.26 19.03
CA SER A 231 -26.25 -45.46 19.84
C SER A 231 -27.32 -46.39 19.28
N MET A 232 -27.15 -46.77 18.00
CA MET A 232 -28.09 -47.65 17.29
C MET A 232 -27.41 -48.84 16.61
N LEU A 233 -26.23 -49.24 17.10
CA LEU A 233 -25.48 -50.40 16.60
C LEU A 233 -25.27 -50.40 15.08
N LEU A 234 -25.21 -49.22 14.45
CA LEU A 234 -24.99 -49.13 13.01
C LEU A 234 -23.48 -49.20 12.78
N SER A 235 -23.04 -50.00 11.81
CA SER A 235 -21.62 -50.06 11.49
C SER A 235 -21.17 -48.71 10.86
N SER A 236 -19.84 -48.44 10.83
CA SER A 236 -19.34 -47.20 10.22
C SER A 236 -19.79 -47.03 8.77
N GLU A 237 -20.05 -48.15 8.05
CA GLU A 237 -20.56 -48.09 6.68
C GLU A 237 -22.07 -47.79 6.70
N GLN A 238 -22.85 -48.52 7.54
CA GLN A 238 -24.30 -48.31 7.66
C GLN A 238 -24.63 -46.87 8.03
N LEU A 239 -23.90 -46.29 9.01
CA LEU A 239 -24.12 -44.92 9.43
C LEU A 239 -23.81 -43.95 8.30
N LYS A 240 -22.64 -44.10 7.64
CA LYS A 240 -22.28 -43.21 6.52
C LYS A 240 -23.38 -43.17 5.42
N LEU A 241 -23.94 -44.34 5.04
CA LEU A 241 -24.99 -44.41 4.02
C LEU A 241 -26.33 -43.86 4.52
N CYS A 242 -26.59 -43.95 5.83
CA CYS A 242 -27.81 -43.41 6.45
C CYS A 242 -27.74 -41.89 6.47
N VAL A 243 -26.58 -41.33 6.88
CA VAL A 243 -26.33 -39.89 6.92
C VAL A 243 -26.49 -39.31 5.51
N LEU A 244 -25.80 -39.87 4.51
CA LEU A 244 -25.84 -39.42 3.11
C LEU A 244 -27.24 -39.53 2.47
N GLU A 245 -28.10 -40.43 2.97
CA GLU A 245 -29.44 -40.62 2.43
C GLU A 245 -30.44 -39.61 3.03
N TYR A 246 -30.30 -39.29 4.34
CA TYR A 246 -31.24 -38.42 5.06
C TYR A 246 -30.79 -36.99 5.29
N GLN A 247 -29.51 -36.64 5.07
CA GLN A 247 -29.07 -35.26 5.22
C GLN A 247 -29.81 -34.32 4.25
N GLY A 248 -30.15 -34.81 3.06
CA GLY A 248 -30.91 -34.03 2.09
C GLY A 248 -32.42 -34.06 2.27
N LYS A 249 -32.93 -34.74 3.32
CA LYS A 249 -34.37 -34.85 3.58
C LYS A 249 -34.89 -33.83 4.61
N TYR A 250 -34.01 -33.02 5.23
CA TYR A 250 -34.36 -31.99 6.21
C TYR A 250 -33.75 -30.63 5.83
N ILE A 251 -34.24 -29.56 6.49
CA ILE A 251 -33.77 -28.17 6.34
C ILE A 251 -33.77 -27.49 7.72
N LEU A 252 -32.91 -26.50 7.91
CA LEU A 252 -32.86 -25.76 9.17
C LEU A 252 -33.60 -24.42 9.03
N LYS A 253 -34.12 -23.95 10.15
CA LYS A 253 -34.87 -22.71 10.24
C LYS A 253 -34.37 -21.94 11.44
N VAL A 254 -34.38 -20.60 11.40
CA VAL A 254 -33.97 -19.81 12.56
C VAL A 254 -35.13 -19.92 13.56
N CYS A 255 -34.85 -20.20 14.85
CA CYS A 255 -35.91 -20.27 15.87
C CYS A 255 -36.43 -18.85 16.06
N GLY A 256 -37.74 -18.69 16.04
CA GLY A 256 -38.37 -17.40 16.24
C GLY A 256 -38.75 -16.61 15.00
N CYS A 257 -38.27 -16.99 13.79
CA CYS A 257 -38.61 -16.26 12.56
C CYS A 257 -38.54 -17.12 11.31
N ASP A 258 -39.15 -16.65 10.20
CA ASP A 258 -39.19 -17.39 8.94
C ASP A 258 -37.92 -17.15 8.09
N GLU A 259 -36.77 -17.55 8.62
CA GLU A 259 -35.51 -17.44 7.91
C GLU A 259 -34.96 -18.86 7.79
N TYR A 260 -34.85 -19.39 6.56
CA TYR A 260 -34.40 -20.77 6.36
C TYR A 260 -33.03 -20.87 5.69
N PHE A 261 -32.27 -21.89 6.07
CA PHE A 261 -30.95 -22.19 5.53
C PHE A 261 -31.15 -23.23 4.45
N LEU A 262 -31.55 -22.80 3.25
CA LEU A 262 -31.89 -23.70 2.16
C LEU A 262 -30.81 -23.87 1.11
N GLU A 263 -29.79 -22.99 1.06
CA GLU A 263 -28.73 -23.13 0.04
C GLU A 263 -27.40 -23.61 0.65
N LYS A 264 -26.53 -24.18 -0.20
CA LYS A 264 -25.22 -24.75 0.16
C LYS A 264 -24.15 -23.69 0.58
N TYR A 265 -24.53 -22.60 1.26
CA TYR A 265 -23.56 -21.59 1.70
C TYR A 265 -22.98 -22.05 3.02
N PRO A 266 -21.70 -21.73 3.39
CA PRO A 266 -21.22 -22.12 4.73
C PRO A 266 -22.09 -21.50 5.80
N LEU A 267 -22.36 -22.22 6.88
CA LEU A 267 -23.24 -21.76 7.96
C LEU A 267 -22.94 -20.31 8.41
N SER A 268 -21.65 -19.98 8.59
CA SER A 268 -21.19 -18.65 8.98
C SER A 268 -21.47 -17.54 7.95
N GLN A 269 -21.61 -17.87 6.65
CA GLN A 269 -21.95 -16.87 5.62
C GLN A 269 -23.41 -16.35 5.82
N TYR A 270 -24.30 -17.15 6.46
CA TYR A 270 -25.66 -16.73 6.79
C TYR A 270 -25.56 -15.63 7.81
N LYS A 271 -26.23 -14.51 7.54
CA LYS A 271 -26.16 -13.33 8.37
C LYS A 271 -26.51 -13.60 9.83
N TYR A 272 -27.50 -14.46 10.08
CA TYR A 272 -27.89 -14.80 11.45
C TYR A 272 -26.76 -15.49 12.24
N ILE A 273 -25.97 -16.33 11.57
CA ILE A 273 -24.91 -17.07 12.24
C ILE A 273 -23.74 -16.14 12.46
N ARG A 274 -23.35 -15.34 11.45
CA ARG A 274 -22.26 -14.36 11.63
C ARG A 274 -22.60 -13.36 12.75
N SER A 275 -23.87 -12.95 12.85
CA SER A 275 -24.35 -12.09 13.94
C SER A 275 -24.14 -12.80 15.29
N CYS A 276 -24.54 -14.08 15.39
CA CYS A 276 -24.36 -14.88 16.61
C CYS A 276 -22.89 -15.01 16.99
N ILE A 277 -22.00 -15.08 15.98
CA ILE A 277 -20.57 -15.19 16.19
C ILE A 277 -20.07 -13.89 16.86
N MET A 278 -20.34 -12.73 16.24
CA MET A 278 -19.90 -11.45 16.80
C MET A 278 -20.51 -11.12 18.16
N LEU A 279 -21.82 -11.34 18.31
CA LEU A 279 -22.47 -11.02 19.58
C LEU A 279 -22.16 -12.05 20.68
N GLY A 280 -21.58 -13.21 20.34
CA GLY A 280 -21.30 -14.26 21.31
C GLY A 280 -22.55 -14.96 21.78
N ARG A 281 -23.57 -15.08 20.89
CA ARG A 281 -24.84 -15.73 21.18
C ARG A 281 -24.83 -17.15 20.58
N MET A 282 -25.62 -18.05 21.20
CA MET A 282 -25.74 -19.46 20.81
C MET A 282 -26.75 -19.59 19.65
N PRO A 283 -26.38 -19.97 18.40
CA PRO A 283 -27.42 -20.08 17.35
C PRO A 283 -28.46 -21.15 17.65
N ASN A 284 -29.75 -20.79 17.61
CA ASN A 284 -30.82 -21.74 17.85
C ASN A 284 -31.54 -21.97 16.56
N LEU A 285 -31.29 -23.13 15.94
CA LEU A 285 -31.91 -23.51 14.66
C LEU A 285 -32.88 -24.65 14.91
N MET A 286 -33.91 -24.75 14.09
CA MET A 286 -34.92 -25.76 14.24
C MET A 286 -34.88 -26.64 12.99
N LEU A 287 -34.73 -27.95 13.20
CA LEU A 287 -34.69 -28.91 12.12
C LEU A 287 -36.10 -29.39 11.82
N MET A 288 -36.40 -29.60 10.55
CA MET A 288 -37.71 -30.09 10.10
C MET A 288 -37.57 -30.78 8.75
N ALA A 289 -38.53 -31.65 8.39
CA ALA A 289 -38.49 -32.34 7.10
C ALA A 289 -38.70 -31.35 5.95
N LYS A 290 -38.14 -31.64 4.76
CA LYS A 290 -38.33 -30.76 3.60
C LYS A 290 -39.82 -30.69 3.23
N GLU A 291 -40.52 -31.84 3.25
CA GLU A 291 -41.95 -31.85 2.95
C GLU A 291 -42.79 -31.02 3.90
N SER A 292 -42.33 -30.79 5.14
CA SER A 292 -43.06 -29.94 6.09
C SER A 292 -43.12 -28.51 5.56
N LEU A 293 -42.03 -28.02 4.93
CA LEU A 293 -42.03 -26.68 4.34
C LEU A 293 -42.66 -26.70 2.95
N TYR A 294 -42.33 -27.68 2.10
CA TYR A 294 -42.86 -27.73 0.74
C TYR A 294 -44.38 -27.93 0.69
N SER A 295 -44.98 -28.59 1.71
CA SER A 295 -46.44 -28.73 1.78
C SER A 295 -47.08 -27.36 2.09
N GLN A 296 -46.40 -26.50 2.88
CA GLN A 296 -46.85 -25.15 3.20
C GLN A 296 -46.80 -24.21 1.97
N LEU A 297 -45.96 -24.51 0.96
CA LEU A 297 -45.81 -23.64 -0.21
C LEU A 297 -46.85 -23.92 -1.27
N PRO A 298 -47.74 -22.96 -1.61
CA PRO A 298 -48.72 -23.22 -2.67
C PRO A 298 -48.18 -22.91 -4.06
N MET A 299 -48.48 -23.76 -5.06
CA MET A 299 -48.04 -23.49 -6.42
C MET A 299 -49.08 -22.58 -7.11
N ASP A 300 -48.90 -21.26 -6.96
CA ASP A 300 -49.80 -20.29 -7.58
C ASP A 300 -49.37 -20.14 -9.05
N CYS A 301 -50.24 -20.55 -9.98
CA CYS A 301 -49.94 -20.47 -11.40
C CYS A 301 -50.07 -19.03 -11.92
N PHE A 302 -49.29 -18.71 -12.96
CA PHE A 302 -49.30 -17.39 -13.58
C PHE A 302 -50.22 -17.40 -14.81
N THR A 303 -51.46 -16.93 -14.61
CA THR A 303 -52.45 -16.84 -15.68
C THR A 303 -52.18 -15.56 -16.47
N MET A 304 -52.18 -15.64 -17.81
CA MET A 304 -51.95 -14.46 -18.64
C MET A 304 -53.21 -13.58 -18.60
N PRO A 305 -53.08 -12.25 -18.43
CA PRO A 305 -54.29 -11.41 -18.36
C PRO A 305 -54.96 -11.13 -19.71
N SER A 306 -56.13 -10.45 -19.69
CA SER A 306 -56.87 -10.09 -20.89
C SER A 306 -56.11 -9.05 -21.73
N TYR A 307 -55.34 -8.15 -21.09
CA TYR A 307 -54.55 -7.13 -21.79
C TYR A 307 -53.35 -7.71 -22.55
N SER A 308 -52.94 -8.96 -22.28
CA SER A 308 -51.84 -9.60 -23.00
C SER A 308 -52.16 -9.88 -24.49
N ARG A 309 -53.46 -9.89 -24.86
CA ARG A 309 -53.92 -10.17 -26.23
C ARG A 309 -54.39 -8.88 -26.91
N THR A 322 -45.02 3.15 -46.02
CA THR A 322 -44.47 2.97 -44.67
C THR A 322 -42.91 3.00 -44.67
N SER A 323 -42.31 3.86 -45.53
CA SER A 323 -40.84 3.97 -45.65
C SER A 323 -40.18 4.67 -44.44
N THR A 324 -38.93 4.26 -44.11
CA THR A 324 -38.17 4.80 -42.98
C THR A 324 -36.78 5.25 -43.43
N LYS A 325 -36.39 6.50 -43.09
CA LYS A 325 -35.07 7.04 -43.40
C LYS A 325 -34.24 7.11 -42.11
N SER A 326 -32.94 6.77 -42.20
CA SER A 326 -32.05 6.85 -41.03
C SER A 326 -31.84 8.32 -40.63
N LEU A 327 -31.62 8.59 -39.33
CA LEU A 327 -31.41 9.95 -38.85
C LEU A 327 -30.23 10.63 -39.54
N TRP A 328 -29.14 9.88 -39.78
CA TRP A 328 -27.92 10.44 -40.37
C TRP A 328 -28.03 10.75 -41.86
N VAL A 329 -29.13 10.37 -42.52
CA VAL A 329 -29.41 10.70 -43.92
C VAL A 329 -29.89 12.17 -43.97
N ILE A 330 -30.75 12.59 -43.01
CA ILE A 330 -31.27 13.97 -42.94
C ILE A 330 -30.15 14.95 -42.54
N ASN A 331 -29.47 15.55 -43.54
CA ASN A 331 -28.40 16.53 -43.32
C ASN A 331 -29.02 17.92 -43.25
N SER A 332 -29.47 18.33 -42.06
CA SER A 332 -30.12 19.62 -41.86
C SER A 332 -30.08 20.06 -40.40
N ALA A 333 -30.28 21.37 -40.15
CA ALA A 333 -30.31 21.94 -38.80
C ALA A 333 -31.60 21.55 -38.10
N LEU A 334 -31.56 21.45 -36.75
CA LEU A 334 -32.75 21.09 -35.98
C LEU A 334 -33.70 22.29 -35.92
N ARG A 335 -35.00 22.05 -36.16
CA ARG A 335 -36.02 23.09 -36.16
C ARG A 335 -37.26 22.64 -35.36
N ILE A 336 -37.78 23.52 -34.46
CA ILE A 336 -38.98 23.26 -33.65
C ILE A 336 -39.81 24.55 -33.68
N LYS A 337 -41.09 24.45 -34.05
CA LYS A 337 -41.99 25.60 -34.15
C LYS A 337 -42.93 25.65 -32.97
N ILE A 338 -42.93 26.78 -32.24
CA ILE A 338 -43.79 26.99 -31.07
C ILE A 338 -45.03 27.68 -31.60
N LEU A 339 -46.19 26.99 -31.58
CA LEU A 339 -47.43 27.57 -32.11
C LEU A 339 -48.08 28.53 -31.08
N CYS A 340 -48.66 28.02 -29.98
CA CYS A 340 -49.32 28.89 -28.99
C CYS A 340 -49.63 28.12 -27.71
N ALA A 341 -49.88 28.86 -26.62
CA ALA A 341 -50.30 28.28 -25.35
C ALA A 341 -51.76 28.67 -25.09
N THR A 342 -52.50 27.76 -24.46
CA THR A 342 -53.92 27.97 -24.20
C THR A 342 -54.12 29.14 -23.22
N TYR A 343 -53.39 29.13 -22.09
CA TYR A 343 -53.51 30.20 -21.09
C TYR A 343 -52.25 30.26 -20.21
N VAL A 344 -52.17 31.28 -19.34
CA VAL A 344 -51.05 31.42 -18.39
C VAL A 344 -51.54 32.20 -17.17
N ASN A 345 -51.31 31.68 -15.96
CA ASN A 345 -51.74 32.33 -14.73
C ASN A 345 -50.81 33.49 -14.41
N VAL A 346 -51.10 34.67 -14.96
CA VAL A 346 -50.29 35.86 -14.76
C VAL A 346 -51.17 37.12 -14.78
N ASN A 347 -50.75 38.16 -14.05
CA ASN A 347 -51.46 39.43 -13.99
C ASN A 347 -50.97 40.31 -15.16
N ILE A 348 -51.90 40.98 -15.90
CA ILE A 348 -51.53 41.85 -17.03
C ILE A 348 -50.69 43.05 -16.53
N ARG A 349 -50.96 43.57 -15.33
CA ARG A 349 -50.16 44.63 -14.70
C ARG A 349 -48.91 43.95 -14.07
N ASP A 350 -47.85 44.73 -13.78
CA ASP A 350 -46.58 44.23 -13.20
C ASP A 350 -45.73 43.46 -14.25
N ILE A 351 -46.23 42.31 -14.76
CA ILE A 351 -45.54 41.50 -15.77
C ILE A 351 -45.87 42.09 -17.13
N ASP A 352 -44.84 42.39 -17.93
CA ASP A 352 -45.01 43.06 -19.21
C ASP A 352 -45.31 42.07 -20.37
N LYS A 353 -44.45 41.03 -20.54
CA LYS A 353 -44.61 40.06 -21.62
C LYS A 353 -44.20 38.62 -21.19
N ILE A 354 -44.47 37.63 -22.07
CA ILE A 354 -44.13 36.21 -21.88
C ILE A 354 -43.43 35.67 -23.11
N TYR A 355 -42.59 34.67 -22.95
CA TYR A 355 -41.90 34.02 -24.06
C TYR A 355 -41.63 32.55 -23.72
N VAL A 356 -41.35 31.72 -24.72
CA VAL A 356 -41.05 30.31 -24.50
C VAL A 356 -39.56 30.07 -24.65
N ARG A 357 -38.86 29.86 -23.54
CA ARG A 357 -37.44 29.53 -23.58
C ARG A 357 -37.33 28.05 -23.91
N THR A 358 -36.46 27.66 -24.85
CA THR A 358 -36.27 26.27 -25.23
C THR A 358 -34.77 25.92 -25.27
N GLY A 359 -34.47 24.64 -25.16
CA GLY A 359 -33.10 24.15 -25.19
C GLY A 359 -33.06 22.66 -25.43
N ILE A 360 -31.99 22.16 -26.04
CA ILE A 360 -31.85 20.73 -26.33
C ILE A 360 -30.80 20.21 -25.38
N TYR A 361 -31.16 19.22 -24.54
CA TYR A 361 -30.31 18.69 -23.49
C TYR A 361 -30.05 17.20 -23.59
N HIS A 362 -28.88 16.77 -23.08
CA HIS A 362 -28.46 15.39 -22.95
C HIS A 362 -28.18 15.28 -21.45
N GLY A 363 -29.23 14.99 -20.70
CA GLY A 363 -29.16 15.01 -19.26
C GLY A 363 -29.18 16.46 -18.81
N GLY A 364 -28.41 16.79 -17.79
CA GLY A 364 -28.33 18.15 -17.27
C GLY A 364 -27.52 19.10 -18.13
N GLU A 365 -26.61 18.55 -18.97
CA GLU A 365 -25.73 19.31 -19.84
C GLU A 365 -26.47 19.78 -21.13
N PRO A 366 -26.44 21.08 -21.51
CA PRO A 366 -27.09 21.46 -22.77
C PRO A 366 -26.22 21.06 -23.95
N LEU A 367 -26.84 20.53 -25.00
CA LEU A 367 -26.11 20.17 -26.21
C LEU A 367 -25.77 21.39 -27.08
N CYS A 368 -26.47 22.54 -26.90
CA CYS A 368 -26.22 23.74 -27.68
C CYS A 368 -26.79 25.01 -26.96
N ASP A 369 -26.57 26.20 -27.54
CA ASP A 369 -27.04 27.48 -26.98
C ASP A 369 -28.57 27.48 -26.92
N ASN A 370 -29.17 27.88 -25.79
CA ASN A 370 -30.63 27.90 -25.65
C ASN A 370 -31.25 28.92 -26.59
N VAL A 371 -32.42 28.59 -27.17
CA VAL A 371 -33.11 29.42 -28.16
C VAL A 371 -34.52 29.84 -27.65
N ASN A 372 -34.76 31.17 -27.46
CA ASN A 372 -36.05 31.72 -26.98
C ASN A 372 -36.91 32.23 -28.14
N THR A 373 -38.24 32.30 -27.92
CA THR A 373 -39.18 32.86 -28.89
C THR A 373 -39.23 34.40 -28.68
N GLN A 374 -39.86 35.13 -29.61
CA GLN A 374 -40.02 36.57 -29.45
C GLN A 374 -40.98 36.83 -28.28
N ARG A 375 -40.86 37.98 -27.61
CA ARG A 375 -41.73 38.30 -26.47
C ARG A 375 -43.11 38.74 -26.99
N VAL A 376 -44.20 38.21 -26.40
CA VAL A 376 -45.59 38.51 -26.83
C VAL A 376 -46.44 38.93 -25.60
N PRO A 377 -47.54 39.73 -25.74
CA PRO A 377 -48.31 40.11 -24.54
C PRO A 377 -48.90 38.90 -23.82
N CYS A 378 -48.99 39.00 -22.48
CA CYS A 378 -49.49 37.93 -21.63
C CYS A 378 -50.89 37.43 -22.02
N SER A 379 -51.79 38.35 -22.39
CA SER A 379 -53.16 38.02 -22.77
C SER A 379 -53.27 37.21 -24.08
N ASN A 380 -52.34 37.38 -25.03
CA ASN A 380 -52.38 36.67 -26.32
C ASN A 380 -51.14 35.74 -26.51
N PRO A 381 -51.07 34.57 -25.84
CA PRO A 381 -49.90 33.69 -26.03
C PRO A 381 -49.94 32.97 -27.38
N ARG A 382 -49.40 33.61 -28.44
CA ARG A 382 -49.32 33.05 -29.79
C ARG A 382 -47.99 33.47 -30.39
N TRP A 383 -47.18 32.51 -30.86
CA TRP A 383 -45.84 32.78 -31.40
C TRP A 383 -45.71 32.41 -32.89
N ASN A 384 -46.08 31.17 -33.28
CA ASN A 384 -45.96 30.63 -34.66
C ASN A 384 -44.59 30.97 -35.28
N GLU A 385 -43.52 30.70 -34.50
CA GLU A 385 -42.14 31.01 -34.86
C GLU A 385 -41.28 29.75 -34.94
N TRP A 386 -40.57 29.57 -36.05
CA TRP A 386 -39.67 28.43 -36.20
C TRP A 386 -38.36 28.75 -35.50
N LEU A 387 -37.98 27.93 -34.52
CA LEU A 387 -36.74 28.11 -33.79
C LEU A 387 -35.69 27.21 -34.38
N ASN A 388 -34.49 27.74 -34.62
CA ASN A 388 -33.37 27.00 -35.19
C ASN A 388 -32.30 26.84 -34.12
N TYR A 389 -31.85 25.60 -33.92
CA TYR A 389 -30.88 25.27 -32.88
C TYR A 389 -29.49 25.09 -33.47
N ASP A 390 -28.46 25.40 -32.65
CA ASP A 390 -27.07 25.31 -33.06
C ASP A 390 -26.51 23.87 -32.96
N ILE A 391 -27.20 22.88 -33.59
CA ILE A 391 -26.76 21.46 -33.71
C ILE A 391 -27.44 20.85 -34.93
N TYR A 392 -26.74 20.04 -35.71
CA TYR A 392 -27.34 19.41 -36.88
C TYR A 392 -28.00 18.09 -36.51
N ILE A 393 -29.13 17.75 -37.17
CA ILE A 393 -29.96 16.57 -36.86
C ILE A 393 -29.09 15.25 -36.71
N PRO A 394 -28.13 14.89 -37.60
CA PRO A 394 -27.32 13.69 -37.35
C PRO A 394 -26.55 13.69 -36.01
N ASP A 395 -26.14 14.88 -35.52
CA ASP A 395 -25.40 14.99 -34.25
C ASP A 395 -26.29 14.87 -32.99
N LEU A 396 -27.61 14.60 -33.14
CA LEU A 396 -28.46 14.44 -31.95
C LEU A 396 -28.16 13.11 -31.27
N PRO A 397 -27.66 13.05 -30.01
CA PRO A 397 -27.48 11.75 -29.36
C PRO A 397 -28.82 11.04 -29.08
N ARG A 398 -28.80 9.73 -28.77
CA ARG A 398 -30.05 9.00 -28.58
C ARG A 398 -30.89 9.55 -27.41
N ALA A 399 -30.24 10.01 -26.32
CA ALA A 399 -30.96 10.59 -25.19
C ALA A 399 -31.29 12.08 -25.34
N ALA A 400 -31.24 12.66 -26.58
CA ALA A 400 -31.50 14.09 -26.75
C ALA A 400 -32.94 14.41 -26.40
N ARG A 401 -33.15 15.50 -25.64
CA ARG A 401 -34.47 15.89 -25.15
C ARG A 401 -34.67 17.38 -25.31
N LEU A 402 -35.92 17.78 -25.54
CA LEU A 402 -36.29 19.19 -25.66
C LEU A 402 -36.78 19.61 -24.29
N CYS A 403 -36.20 20.66 -23.72
CA CYS A 403 -36.61 21.19 -22.41
C CYS A 403 -37.09 22.59 -22.66
N LEU A 404 -38.34 22.89 -22.31
CA LEU A 404 -38.92 24.20 -22.57
C LEU A 404 -39.75 24.72 -21.39
N SER A 405 -40.04 26.03 -21.39
CA SER A 405 -40.87 26.67 -20.37
C SER A 405 -41.33 28.05 -20.81
N ILE A 406 -42.48 28.50 -20.28
CA ILE A 406 -43.00 29.83 -20.58
C ILE A 406 -42.49 30.71 -19.44
N CYS A 407 -41.77 31.78 -19.76
CA CYS A 407 -41.17 32.70 -18.80
C CYS A 407 -41.80 34.09 -18.87
N SER A 408 -41.62 34.89 -17.82
CA SER A 408 -42.10 36.27 -17.75
C SER A 408 -40.91 37.25 -17.71
N VAL A 409 -41.17 38.52 -18.09
CA VAL A 409 -40.16 39.59 -18.07
C VAL A 409 -40.68 40.77 -17.22
N LYS A 410 -39.83 41.30 -16.30
CA LYS A 410 -40.20 42.41 -15.42
C LYS A 410 -38.95 43.11 -14.87
N LYS A 416 -31.39 46.98 -16.03
CA LYS A 416 -31.66 45.70 -15.39
C LYS A 416 -33.04 45.16 -15.81
N GLU A 417 -33.18 43.80 -15.82
CA GLU A 417 -34.41 43.10 -16.18
C GLU A 417 -34.44 41.70 -15.53
N GLU A 418 -35.58 41.35 -14.90
CA GLU A 418 -35.78 40.07 -14.21
C GLU A 418 -36.61 39.07 -15.05
N HIS A 419 -36.17 37.81 -15.08
CA HIS A 419 -36.85 36.73 -15.81
C HIS A 419 -37.26 35.66 -14.80
N CYS A 420 -38.47 35.09 -14.97
CA CYS A 420 -39.00 34.07 -14.07
C CYS A 420 -39.77 32.98 -14.82
N PRO A 421 -39.58 31.68 -14.47
CA PRO A 421 -40.36 30.63 -15.14
C PRO A 421 -41.81 30.59 -14.62
N LEU A 422 -42.76 30.21 -15.46
CA LEU A 422 -44.17 30.13 -15.09
C LEU A 422 -44.69 28.68 -15.15
N ALA A 423 -44.39 27.97 -16.24
CA ALA A 423 -44.78 26.57 -16.43
C ALA A 423 -43.73 25.90 -17.30
N TRP A 424 -43.23 24.72 -16.92
CA TRP A 424 -42.17 24.02 -17.65
C TRP A 424 -42.63 22.66 -18.23
N GLY A 425 -41.85 22.09 -19.14
CA GLY A 425 -42.16 20.79 -19.71
C GLY A 425 -41.03 20.28 -20.60
N ASN A 426 -40.81 18.96 -20.63
CA ASN A 426 -39.77 18.36 -21.47
C ASN A 426 -40.33 17.23 -22.34
N ILE A 427 -39.67 16.95 -23.49
CA ILE A 427 -40.09 15.92 -24.47
C ILE A 427 -38.88 15.12 -24.93
N ASN A 428 -39.04 13.80 -25.11
CA ASN A 428 -37.98 12.97 -25.66
C ASN A 428 -38.02 13.20 -27.16
N LEU A 429 -36.92 13.71 -27.76
CA LEU A 429 -36.89 13.92 -29.21
C LEU A 429 -36.96 12.59 -30.02
N PHE A 430 -36.72 11.44 -29.37
CA PHE A 430 -36.82 10.10 -29.96
C PHE A 430 -37.77 9.32 -29.08
N ASP A 431 -38.83 8.72 -29.65
CA ASP A 431 -39.80 7.94 -28.87
C ASP A 431 -39.26 6.52 -28.54
N TYR A 432 -40.02 5.71 -27.77
CA TYR A 432 -39.59 4.37 -27.40
C TYR A 432 -39.26 3.45 -28.58
N THR A 433 -39.82 3.69 -29.79
CA THR A 433 -39.52 2.88 -30.96
C THR A 433 -38.36 3.49 -31.80
N ASP A 434 -37.51 4.38 -31.22
CA ASP A 434 -36.40 5.06 -31.91
C ASP A 434 -36.82 6.13 -32.93
N THR A 435 -38.12 6.33 -33.13
CA THR A 435 -38.62 7.30 -34.10
C THR A 435 -38.36 8.71 -33.65
N LEU A 436 -37.84 9.56 -34.54
CA LEU A 436 -37.64 10.97 -34.21
C LEU A 436 -39.04 11.63 -34.19
N VAL A 437 -39.30 12.51 -33.22
CA VAL A 437 -40.60 13.20 -33.12
C VAL A 437 -40.89 14.01 -34.39
N SER A 438 -42.12 13.91 -34.89
CA SER A 438 -42.56 14.58 -36.12
C SER A 438 -44.03 14.97 -36.02
N GLY A 439 -44.38 16.03 -36.71
CA GLY A 439 -45.76 16.51 -36.74
C GLY A 439 -46.16 17.33 -35.52
N LYS A 440 -47.43 17.73 -35.49
CA LYS A 440 -47.97 18.53 -34.40
C LYS A 440 -48.15 17.70 -33.14
N MET A 441 -48.05 18.35 -31.97
CA MET A 441 -48.25 17.69 -30.68
C MET A 441 -48.51 18.72 -29.58
N ALA A 442 -49.46 18.41 -28.68
CA ALA A 442 -49.81 19.27 -27.55
C ALA A 442 -49.02 18.83 -26.32
N LEU A 443 -48.65 19.79 -25.45
CA LEU A 443 -47.91 19.47 -24.25
C LEU A 443 -48.48 20.24 -23.07
N ASN A 444 -49.15 19.54 -22.14
CA ASN A 444 -49.68 20.16 -20.93
C ASN A 444 -48.51 20.37 -19.98
N LEU A 445 -48.25 21.62 -19.62
CA LEU A 445 -47.09 21.98 -18.83
C LEU A 445 -47.28 21.75 -17.34
N TRP A 446 -46.16 21.51 -16.66
CA TRP A 446 -46.09 21.26 -15.24
C TRP A 446 -45.86 22.56 -14.45
N PRO A 447 -46.25 22.66 -13.16
CA PRO A 447 -45.97 23.89 -12.41
C PRO A 447 -44.51 23.98 -11.98
N VAL A 448 -44.01 25.20 -11.75
CA VAL A 448 -42.62 25.39 -11.34
C VAL A 448 -42.42 24.87 -9.91
N PRO A 449 -41.44 23.99 -9.60
CA PRO A 449 -41.27 23.56 -8.20
C PRO A 449 -40.95 24.70 -7.23
N HIS A 450 -41.14 24.47 -5.92
CA HIS A 450 -40.83 25.49 -4.93
C HIS A 450 -39.34 25.69 -4.87
N GLY A 451 -38.88 26.92 -5.03
CA GLY A 451 -37.46 27.25 -4.97
C GLY A 451 -36.70 27.22 -6.28
N LEU A 452 -37.29 26.68 -7.37
CA LEU A 452 -36.59 26.65 -8.65
C LEU A 452 -36.66 28.01 -9.36
N GLU A 453 -35.53 28.73 -9.38
CA GLU A 453 -35.41 30.02 -10.05
C GLU A 453 -34.83 29.87 -11.50
N ASP A 454 -34.42 28.64 -11.90
CA ASP A 454 -33.87 28.38 -13.23
C ASP A 454 -34.96 28.54 -14.27
N LEU A 455 -34.62 29.10 -15.43
CA LEU A 455 -35.59 29.34 -16.50
C LEU A 455 -36.02 28.05 -17.22
N LEU A 456 -35.25 26.95 -17.09
CA LEU A 456 -35.61 25.64 -17.63
C LEU A 456 -35.42 24.58 -16.53
N ASN A 457 -36.16 23.47 -16.62
CA ASN A 457 -36.03 22.38 -15.65
C ASN A 457 -35.61 21.09 -16.40
N PRO A 458 -34.32 20.93 -16.78
CA PRO A 458 -33.92 19.70 -17.50
C PRO A 458 -34.07 18.44 -16.68
N ILE A 459 -33.79 18.53 -15.37
CA ILE A 459 -33.90 17.36 -14.47
C ILE A 459 -35.36 16.94 -14.21
N GLY A 460 -36.34 17.79 -14.51
CA GLY A 460 -37.74 17.47 -14.29
C GLY A 460 -38.27 16.33 -15.15
N VAL A 461 -39.43 15.78 -14.76
CA VAL A 461 -40.09 14.66 -15.47
C VAL A 461 -40.29 14.98 -16.95
N THR A 462 -39.98 14.02 -17.83
CA THR A 462 -40.11 14.18 -19.27
C THR A 462 -41.44 13.58 -19.71
N GLY A 463 -42.36 14.45 -20.14
CA GLY A 463 -43.68 14.05 -20.58
C GLY A 463 -44.74 15.08 -20.30
N SER A 464 -45.92 14.91 -20.91
CA SER A 464 -47.06 15.82 -20.74
C SER A 464 -47.69 15.61 -19.36
N ASN A 465 -48.20 16.70 -18.77
CA ASN A 465 -48.82 16.64 -17.44
C ASN A 465 -50.14 15.86 -17.54
N PRO A 466 -50.38 14.78 -16.76
CA PRO A 466 -51.67 14.09 -16.86
C PRO A 466 -52.86 15.01 -16.49
N ASN A 467 -52.64 15.99 -15.58
CA ASN A 467 -53.68 16.95 -15.23
C ASN A 467 -53.88 17.85 -16.43
N LYS A 468 -54.92 17.58 -17.24
CA LYS A 468 -55.15 18.34 -18.46
C LYS A 468 -55.76 19.75 -18.23
N GLU A 469 -56.03 20.14 -16.96
CA GLU A 469 -56.50 21.48 -16.65
C GLU A 469 -55.23 22.32 -16.28
N THR A 470 -54.30 22.42 -17.25
CA THR A 470 -53.01 23.13 -17.09
C THR A 470 -52.61 23.87 -18.40
N PRO A 471 -51.71 24.89 -18.36
CA PRO A 471 -51.32 25.56 -19.61
C PRO A 471 -50.82 24.60 -20.69
N CYS A 472 -51.55 24.49 -21.80
CA CYS A 472 -51.21 23.59 -22.89
C CYS A 472 -50.51 24.33 -24.03
N LEU A 473 -49.28 23.89 -24.38
CA LEU A 473 -48.48 24.49 -25.44
C LEU A 473 -48.45 23.60 -26.67
N GLU A 474 -49.01 24.08 -27.79
CA GLU A 474 -48.97 23.32 -29.04
C GLU A 474 -47.61 23.50 -29.69
N LEU A 475 -47.10 22.43 -30.31
CA LEU A 475 -45.78 22.39 -30.93
C LEU A 475 -45.86 21.76 -32.32
N GLU A 476 -44.81 21.94 -33.13
CA GLU A 476 -44.73 21.31 -34.42
C GLU A 476 -43.26 21.02 -34.77
N PHE A 477 -42.97 19.73 -35.07
CA PHE A 477 -41.66 19.24 -35.44
C PHE A 477 -41.66 18.97 -36.94
N ASP A 478 -40.54 19.22 -37.59
CA ASP A 478 -40.44 19.11 -39.05
C ASP A 478 -40.64 17.67 -39.57
N TRP A 479 -41.13 17.55 -40.83
CA TRP A 479 -41.37 16.26 -41.49
C TRP A 479 -40.36 16.08 -42.63
N PHE A 480 -39.86 14.84 -42.83
CA PHE A 480 -38.84 14.58 -43.84
C PHE A 480 -39.22 13.48 -44.85
N SER A 481 -40.46 13.53 -45.40
CA SER A 481 -40.98 12.57 -46.40
C SER A 481 -41.30 11.17 -45.84
N SER A 482 -40.40 10.60 -45.03
CA SER A 482 -40.54 9.28 -44.42
C SER A 482 -40.41 9.36 -42.88
N VAL A 483 -40.76 8.26 -42.19
CA VAL A 483 -40.68 8.17 -40.73
C VAL A 483 -39.20 8.03 -40.36
N VAL A 484 -38.60 9.08 -39.77
CA VAL A 484 -37.17 9.06 -39.43
C VAL A 484 -36.95 8.21 -38.17
N LYS A 485 -35.99 7.27 -38.20
CA LYS A 485 -35.65 6.38 -37.08
C LYS A 485 -34.15 6.47 -36.77
N PHE A 486 -33.76 6.32 -35.51
CA PHE A 486 -32.36 6.42 -35.12
C PHE A 486 -31.60 5.19 -35.70
N PRO A 487 -30.35 5.36 -36.20
CA PRO A 487 -29.68 4.22 -36.84
C PRO A 487 -29.42 2.99 -35.99
N ASP A 488 -29.23 1.85 -36.65
CA ASP A 488 -28.95 0.56 -35.99
C ASP A 488 -27.50 0.54 -35.48
N MET A 489 -27.16 -0.43 -34.62
CA MET A 489 -25.78 -0.56 -34.12
C MET A 489 -24.82 -0.90 -35.29
N SER A 490 -25.30 -1.63 -36.32
CA SER A 490 -24.49 -1.94 -37.50
C SER A 490 -24.02 -0.67 -38.23
N VAL A 491 -24.89 0.35 -38.28
CA VAL A 491 -24.60 1.63 -38.93
C VAL A 491 -23.62 2.45 -38.08
N ILE A 492 -23.82 2.47 -36.75
CA ILE A 492 -22.97 3.22 -35.83
C ILE A 492 -21.56 2.62 -35.77
N GLU A 493 -21.43 1.29 -35.80
CA GLU A 493 -20.12 0.61 -35.78
C GLU A 493 -19.32 0.93 -37.04
N GLU A 494 -19.98 0.91 -38.21
CA GLU A 494 -19.33 1.20 -39.49
C GLU A 494 -18.88 2.67 -39.57
N HIS A 495 -19.72 3.61 -39.09
CA HIS A 495 -19.38 5.03 -39.08
C HIS A 495 -18.22 5.35 -38.13
N ALA A 496 -18.08 4.59 -37.03
CA ALA A 496 -16.99 4.80 -36.08
C ALA A 496 -15.64 4.45 -36.69
N ASN A 497 -15.60 3.38 -37.50
CA ASN A 497 -14.37 2.97 -38.19
C ASN A 497 -13.97 4.00 -39.28
N TRP A 498 -14.94 4.74 -39.83
CA TRP A 498 -14.72 5.80 -40.81
C TRP A 498 -14.09 7.03 -40.11
N SER A 499 -14.59 7.40 -38.91
CA SER A 499 -14.10 8.55 -38.16
C SER A 499 -12.64 8.41 -37.66
N VAL A 500 -12.11 7.18 -37.49
CA VAL A 500 -10.71 7.03 -37.06
C VAL A 500 -9.75 7.25 -38.25
N SER A 501 -10.16 6.89 -39.49
CA SER A 501 -9.34 7.05 -40.69
C SER A 501 -9.08 8.52 -41.10
N ARG A 502 -9.73 9.49 -40.43
CA ARG A 502 -9.55 10.92 -40.70
C ARG A 502 -8.70 11.53 -39.59
N ASN A 521 -3.06 10.30 -29.49
CA ASN A 521 -2.36 9.15 -28.89
C ASN A 521 -0.92 9.59 -28.40
N GLU A 522 0.20 9.26 -29.12
CA GLU A 522 1.61 9.60 -28.80
C GLU A 522 2.14 8.98 -27.46
N LEU A 523 1.53 9.32 -26.30
CA LEU A 523 1.88 8.80 -24.97
C LEU A 523 3.27 9.25 -24.43
N ARG A 524 3.40 9.28 -23.09
CA ARG A 524 4.62 9.61 -22.33
C ARG A 524 4.48 9.11 -20.87
N GLU A 525 5.58 9.07 -20.07
CA GLU A 525 5.51 8.60 -18.69
C GLU A 525 4.52 9.41 -17.83
N ASN A 526 4.47 10.75 -18.01
CA ASN A 526 3.53 11.59 -17.29
C ASN A 526 2.06 11.24 -17.63
N ASP A 527 1.78 10.83 -18.88
CA ASP A 527 0.41 10.51 -19.31
C ASP A 527 -0.22 9.30 -18.56
N LYS A 528 0.55 8.22 -18.30
CA LYS A 528 0.01 7.08 -17.55
C LYS A 528 -0.19 7.44 -16.08
N GLU A 529 0.72 8.22 -15.50
CA GLU A 529 0.59 8.66 -14.11
C GLU A 529 -0.61 9.60 -13.94
N GLN A 530 -0.89 10.44 -14.94
CA GLN A 530 -2.02 11.36 -14.91
C GLN A 530 -3.34 10.60 -15.04
N LEU A 531 -3.40 9.59 -15.93
CA LEU A 531 -4.62 8.77 -16.10
C LEU A 531 -4.99 8.03 -14.81
N LYS A 532 -4.00 7.44 -14.10
CA LYS A 532 -4.26 6.73 -12.85
C LYS A 532 -4.77 7.67 -11.75
N ALA A 533 -4.26 8.90 -11.70
CA ALA A 533 -4.70 9.90 -10.73
C ALA A 533 -6.13 10.39 -11.03
N ILE A 534 -6.49 10.49 -12.32
CA ILE A 534 -7.84 10.93 -12.72
C ILE A 534 -8.88 9.84 -12.43
N SER A 535 -8.54 8.55 -12.62
CA SER A 535 -9.49 7.46 -12.34
C SER A 535 -9.86 7.37 -10.85
N THR A 536 -8.88 7.62 -9.95
CA THR A 536 -9.09 7.59 -8.51
C THR A 536 -9.86 8.80 -7.98
N ARG A 537 -9.94 9.90 -8.75
CA ARG A 537 -10.66 11.11 -8.34
C ARG A 537 -12.11 10.79 -8.04
N ASP A 538 -12.69 11.49 -7.07
CA ASP A 538 -14.11 11.30 -6.71
C ASP A 538 -15.02 11.83 -7.85
N PRO A 539 -16.24 11.29 -8.05
CA PRO A 539 -17.08 11.80 -9.14
C PRO A 539 -17.30 13.31 -9.15
N LEU A 540 -17.44 13.92 -7.96
CA LEU A 540 -17.70 15.37 -7.83
C LEU A 540 -16.48 16.25 -8.17
N SER A 541 -15.28 15.66 -8.39
CA SER A 541 -14.10 16.46 -8.70
C SER A 541 -14.28 17.25 -9.99
N GLU A 542 -13.57 18.38 -10.08
CA GLU A 542 -13.65 19.26 -11.23
C GLU A 542 -12.75 18.74 -12.37
N ILE A 543 -13.36 18.35 -13.50
CA ILE A 543 -12.62 17.86 -14.66
C ILE A 543 -12.44 19.09 -15.56
N THR A 544 -11.18 19.41 -15.87
CA THR A 544 -10.85 20.58 -16.70
C THR A 544 -11.01 20.23 -18.19
N GLU A 545 -11.07 21.25 -19.06
CA GLU A 545 -11.22 21.01 -20.50
C GLU A 545 -9.98 20.32 -21.07
N GLN A 546 -8.78 20.62 -20.52
CA GLN A 546 -7.53 19.98 -20.94
C GLN A 546 -7.57 18.50 -20.54
N GLU A 547 -8.09 18.20 -19.33
CA GLU A 547 -8.22 16.82 -18.87
C GLU A 547 -9.25 16.08 -19.73
N LYS A 548 -10.35 16.74 -20.14
CA LYS A 548 -11.37 16.14 -21.00
C LYS A 548 -10.75 15.73 -22.34
N ASP A 549 -9.97 16.63 -22.97
CA ASP A 549 -9.31 16.33 -24.25
C ASP A 549 -8.20 15.28 -24.06
N PHE A 550 -7.50 15.32 -22.93
CA PHE A 550 -6.48 14.33 -22.62
C PHE A 550 -7.07 12.93 -22.53
N LEU A 551 -8.22 12.78 -21.84
CA LEU A 551 -8.85 11.46 -21.70
C LEU A 551 -9.35 10.99 -23.06
N TRP A 552 -10.00 11.87 -23.84
CA TRP A 552 -10.52 11.50 -25.15
C TRP A 552 -9.40 11.11 -26.12
N SER A 553 -8.26 11.80 -26.09
CA SER A 553 -7.14 11.47 -26.98
C SER A 553 -6.51 10.11 -26.64
N HIS A 554 -6.46 9.74 -25.36
CA HIS A 554 -5.92 8.44 -24.95
C HIS A 554 -7.04 7.46 -24.59
N ARG A 555 -8.23 7.60 -25.22
CA ARG A 555 -9.39 6.73 -24.95
C ARG A 555 -9.13 5.24 -25.17
N HIS A 556 -8.23 4.86 -26.09
CA HIS A 556 -7.91 3.45 -26.33
C HIS A 556 -6.99 2.89 -25.24
N TYR A 557 -6.14 3.75 -24.62
CA TYR A 557 -5.29 3.34 -23.50
C TYR A 557 -6.16 3.18 -22.24
N CYS A 558 -7.24 4.00 -22.09
CA CYS A 558 -8.18 3.94 -20.96
C CYS A 558 -8.78 2.55 -20.73
N VAL A 559 -8.95 1.73 -21.78
CA VAL A 559 -9.53 0.38 -21.62
C VAL A 559 -8.67 -0.47 -20.65
N THR A 560 -7.36 -0.19 -20.57
CA THR A 560 -6.45 -0.90 -19.65
C THR A 560 -6.76 -0.58 -18.18
N ILE A 561 -7.34 0.61 -17.90
CA ILE A 561 -7.74 1.05 -16.55
C ILE A 561 -9.28 1.27 -16.62
N PRO A 562 -10.11 0.19 -16.54
CA PRO A 562 -11.56 0.35 -16.78
C PRO A 562 -12.34 1.23 -15.81
N GLU A 563 -11.84 1.42 -14.58
CA GLU A 563 -12.50 2.27 -13.57
C GLU A 563 -12.60 3.77 -13.99
N ILE A 564 -11.91 4.19 -15.08
CA ILE A 564 -11.95 5.56 -15.56
C ILE A 564 -13.08 5.81 -16.58
N LEU A 565 -13.89 4.77 -16.94
CA LEU A 565 -14.99 4.98 -17.90
C LEU A 565 -15.92 6.15 -17.55
N PRO A 566 -16.34 6.38 -16.27
CA PRO A 566 -17.21 7.53 -15.98
C PRO A 566 -16.59 8.89 -16.33
N LYS A 567 -15.28 9.05 -16.12
CA LYS A 567 -14.58 10.32 -16.40
C LYS A 567 -14.45 10.51 -17.91
N LEU A 568 -14.12 9.44 -18.64
CA LEU A 568 -13.98 9.45 -20.10
C LEU A 568 -15.32 9.79 -20.76
N LEU A 569 -16.43 9.28 -20.22
CA LEU A 569 -17.75 9.55 -20.79
C LEU A 569 -18.13 11.00 -20.65
N LEU A 570 -17.75 11.65 -19.54
CA LEU A 570 -18.05 13.09 -19.37
C LEU A 570 -17.26 13.94 -20.38
N SER A 571 -16.05 13.47 -20.77
CA SER A 571 -15.15 14.08 -21.76
C SER A 571 -15.61 13.91 -23.22
N VAL A 572 -16.63 13.07 -23.48
CA VAL A 572 -17.12 12.86 -24.84
C VAL A 572 -17.98 14.05 -25.24
N LYS A 573 -17.77 14.60 -26.45
CA LYS A 573 -18.62 15.69 -26.96
C LYS A 573 -19.89 14.98 -27.42
N TRP A 574 -20.92 14.98 -26.57
CA TRP A 574 -22.17 14.28 -26.89
C TRP A 574 -22.94 14.90 -28.06
N ASN A 575 -22.68 16.19 -28.38
CA ASN A 575 -23.28 16.86 -29.53
C ASN A 575 -22.44 16.64 -30.81
N SER A 576 -21.71 15.49 -30.91
CA SER A 576 -20.84 15.15 -32.02
C SER A 576 -21.08 13.70 -32.40
N ARG A 577 -21.68 13.47 -33.57
CA ARG A 577 -21.96 12.13 -34.11
C ARG A 577 -20.70 11.24 -34.12
N ASP A 578 -19.56 11.82 -34.51
CA ASP A 578 -18.29 11.09 -34.66
C ASP A 578 -17.72 10.59 -33.33
N GLU A 579 -17.73 11.43 -32.27
CA GLU A 579 -17.21 11.01 -30.96
C GLU A 579 -18.16 9.99 -30.32
N VAL A 580 -19.48 10.25 -30.36
CA VAL A 580 -20.51 9.37 -29.79
C VAL A 580 -20.42 7.98 -30.45
N ALA A 581 -20.33 7.90 -31.80
CA ALA A 581 -20.23 6.62 -32.50
C ALA A 581 -19.00 5.83 -32.07
N GLN A 582 -17.86 6.51 -31.86
CA GLN A 582 -16.63 5.84 -31.43
C GLN A 582 -16.73 5.38 -29.99
N MET A 583 -17.39 6.19 -29.13
CA MET A 583 -17.61 5.85 -27.73
C MET A 583 -18.46 4.59 -27.64
N TYR A 584 -19.55 4.51 -28.43
CA TYR A 584 -20.44 3.35 -28.49
C TYR A 584 -19.67 2.05 -28.73
N CYS A 585 -18.64 2.09 -29.59
CA CYS A 585 -17.80 0.92 -29.86
C CYS A 585 -16.90 0.57 -28.68
N LEU A 586 -16.35 1.58 -28.00
CA LEU A 586 -15.54 1.35 -26.81
C LEU A 586 -16.40 0.79 -25.67
N VAL A 587 -17.67 1.25 -25.55
CA VAL A 587 -18.62 0.74 -24.54
C VAL A 587 -18.94 -0.72 -24.89
N LYS A 588 -19.25 -1.00 -26.17
CA LYS A 588 -19.54 -2.35 -26.69
C LYS A 588 -18.48 -3.38 -26.24
N ASP A 589 -17.19 -3.08 -26.44
CA ASP A 589 -16.09 -3.97 -26.06
C ASP A 589 -15.37 -3.51 -24.78
N TRP A 590 -16.06 -2.77 -23.88
CA TRP A 590 -15.41 -2.32 -22.65
C TRP A 590 -15.47 -3.46 -21.64
N PRO A 591 -14.37 -3.74 -20.92
CA PRO A 591 -14.42 -4.83 -19.92
C PRO A 591 -15.35 -4.48 -18.75
N PRO A 592 -15.92 -5.47 -18.03
CA PRO A 592 -16.83 -5.12 -16.93
C PRO A 592 -16.12 -4.44 -15.76
N ILE A 593 -16.90 -3.74 -14.93
CA ILE A 593 -16.39 -3.03 -13.76
C ILE A 593 -17.18 -3.47 -12.50
N LYS A 594 -16.70 -3.10 -11.30
CA LYS A 594 -17.36 -3.50 -10.05
C LYS A 594 -18.81 -2.97 -10.02
N PRO A 595 -19.84 -3.71 -9.52
CA PRO A 595 -21.20 -3.13 -9.50
C PRO A 595 -21.27 -1.77 -8.81
N GLU A 596 -20.54 -1.58 -7.68
CA GLU A 596 -20.50 -0.31 -6.96
C GLU A 596 -20.04 0.86 -7.87
N GLN A 597 -19.16 0.56 -8.83
CA GLN A 597 -18.64 1.52 -9.80
C GLN A 597 -19.66 1.73 -10.92
N ALA A 598 -20.24 0.64 -11.42
CA ALA A 598 -21.26 0.69 -12.47
C ALA A 598 -22.51 1.46 -12.06
N MET A 599 -22.82 1.52 -10.75
CA MET A 599 -24.00 2.24 -10.25
C MET A 599 -23.94 3.71 -10.60
N GLU A 600 -22.74 4.31 -10.55
CA GLU A 600 -22.50 5.72 -10.93
C GLU A 600 -23.04 6.00 -12.34
N LEU A 601 -22.85 5.05 -13.26
CA LEU A 601 -23.31 5.17 -14.64
C LEU A 601 -24.84 5.12 -14.80
N LEU A 602 -25.61 4.99 -13.71
CA LEU A 602 -27.06 5.03 -13.77
C LEU A 602 -27.62 6.38 -13.21
N ASP A 603 -26.77 7.24 -12.59
CA ASP A 603 -27.26 8.53 -12.08
C ASP A 603 -27.53 9.54 -13.24
N CYS A 604 -28.10 10.73 -12.92
CA CYS A 604 -28.46 11.78 -13.90
C CYS A 604 -27.38 12.11 -14.94
N ASN A 605 -26.09 12.11 -14.53
CA ASN A 605 -24.96 12.43 -15.40
C ASN A 605 -24.77 11.54 -16.62
N TYR A 606 -25.30 10.30 -16.61
CA TYR A 606 -25.08 9.35 -17.70
C TYR A 606 -26.42 8.93 -18.33
N PRO A 607 -27.04 9.78 -19.19
CA PRO A 607 -28.33 9.43 -19.78
C PRO A 607 -28.33 8.57 -21.04
N ASP A 608 -27.16 8.30 -21.63
CA ASP A 608 -27.10 7.55 -22.88
C ASP A 608 -27.51 6.07 -22.75
N PRO A 609 -28.48 5.56 -23.55
CA PRO A 609 -28.86 4.14 -23.43
C PRO A 609 -27.76 3.09 -23.51
N MET A 610 -26.67 3.37 -24.24
CA MET A 610 -25.57 2.42 -24.36
C MET A 610 -24.78 2.34 -23.06
N VAL A 611 -24.60 3.49 -22.38
CA VAL A 611 -23.90 3.57 -21.10
C VAL A 611 -24.75 2.91 -20.01
N ARG A 612 -26.05 3.18 -20.01
CA ARG A 612 -26.96 2.60 -19.03
C ARG A 612 -27.10 1.09 -19.23
N GLY A 613 -27.14 0.62 -20.47
CA GLY A 613 -27.19 -0.81 -20.75
C GLY A 613 -25.92 -1.50 -20.28
N PHE A 614 -24.76 -0.84 -20.46
CA PHE A 614 -23.48 -1.34 -19.97
C PHE A 614 -23.53 -1.47 -18.44
N ALA A 615 -24.04 -0.44 -17.75
CA ALA A 615 -24.16 -0.46 -16.29
C ALA A 615 -25.03 -1.64 -15.83
N VAL A 616 -26.19 -1.87 -16.49
CA VAL A 616 -27.10 -2.96 -16.14
C VAL A 616 -26.43 -4.30 -16.39
N ARG A 617 -25.64 -4.44 -17.47
CA ARG A 617 -24.92 -5.70 -17.74
C ARG A 617 -23.98 -6.04 -16.58
N CYS A 618 -23.27 -5.04 -16.03
CA CYS A 618 -22.37 -5.24 -14.89
C CYS A 618 -23.16 -5.72 -13.67
N LEU A 619 -24.34 -5.13 -13.41
CA LEU A 619 -25.17 -5.53 -12.28
C LEU A 619 -25.78 -6.91 -12.50
N GLU A 620 -26.10 -7.29 -13.77
CA GLU A 620 -26.65 -8.60 -14.09
C GLU A 620 -25.65 -9.71 -13.77
N LYS A 621 -24.39 -9.50 -14.16
CA LYS A 621 -23.32 -10.48 -14.01
C LYS A 621 -22.62 -10.46 -12.65
N TYR A 622 -22.55 -9.30 -11.96
CA TYR A 622 -21.76 -9.18 -10.74
C TYR A 622 -22.53 -8.83 -9.46
N LEU A 623 -23.65 -8.09 -9.52
CA LEU A 623 -24.36 -7.68 -8.30
C LEU A 623 -25.03 -8.87 -7.62
N THR A 624 -24.58 -9.21 -6.40
CA THR A 624 -25.16 -10.32 -5.62
C THR A 624 -26.49 -9.87 -5.02
N ASP A 625 -27.35 -10.82 -4.65
CA ASP A 625 -28.63 -10.47 -4.06
C ASP A 625 -28.45 -9.73 -2.71
N ASP A 626 -27.33 -9.95 -1.99
CA ASP A 626 -27.08 -9.21 -0.76
C ASP A 626 -26.83 -7.73 -1.10
N LYS A 627 -25.99 -7.44 -2.09
CA LYS A 627 -25.69 -6.06 -2.44
C LYS A 627 -26.88 -5.40 -3.14
N LEU A 628 -27.69 -6.16 -3.90
CA LEU A 628 -28.86 -5.59 -4.56
C LEU A 628 -29.86 -5.12 -3.51
N SER A 629 -30.12 -5.93 -2.47
CA SER A 629 -31.01 -5.51 -1.38
C SER A 629 -30.42 -4.30 -0.65
N GLN A 630 -29.08 -4.28 -0.47
CA GLN A 630 -28.36 -3.19 0.19
C GLN A 630 -28.54 -1.86 -0.54
N TYR A 631 -28.43 -1.84 -1.90
CA TYR A 631 -28.56 -0.63 -2.70
C TYR A 631 -29.89 -0.55 -3.49
N LEU A 632 -30.97 -1.18 -2.98
CA LEU A 632 -32.26 -1.17 -3.70
C LEU A 632 -32.91 0.21 -3.63
N ILE A 633 -32.64 1.03 -2.59
CA ILE A 633 -33.24 2.37 -2.49
C ILE A 633 -32.84 3.21 -3.73
N GLN A 634 -31.54 3.24 -4.05
CA GLN A 634 -31.01 4.00 -5.18
C GLN A 634 -31.40 3.39 -6.49
N LEU A 635 -31.36 2.05 -6.62
CA LEU A 635 -31.66 1.40 -7.88
C LEU A 635 -33.13 1.62 -8.27
N VAL A 636 -34.05 1.74 -7.30
CA VAL A 636 -35.45 2.04 -7.60
C VAL A 636 -35.54 3.53 -8.02
N GLN A 637 -34.78 4.44 -7.38
CA GLN A 637 -34.79 5.85 -7.73
C GLN A 637 -34.28 6.11 -9.15
N VAL A 638 -33.15 5.51 -9.53
CA VAL A 638 -32.60 5.72 -10.89
C VAL A 638 -33.53 5.18 -12.00
N LEU A 639 -34.62 4.44 -11.64
CA LEU A 639 -35.63 4.04 -12.62
C LEU A 639 -36.32 5.30 -13.18
N LYS A 640 -36.49 6.35 -12.35
CA LYS A 640 -37.15 7.59 -12.72
C LYS A 640 -36.39 8.34 -13.82
N TYR A 641 -35.05 8.19 -13.88
CA TYR A 641 -34.24 8.83 -14.92
C TYR A 641 -34.42 8.18 -16.28
N GLU A 642 -34.86 6.89 -16.35
CA GLU A 642 -35.04 6.20 -17.64
C GLU A 642 -36.01 6.96 -18.53
N GLN A 643 -35.72 7.07 -19.83
CA GLN A 643 -36.60 7.82 -20.74
C GLN A 643 -37.91 7.08 -21.01
N TYR A 644 -37.83 5.75 -21.18
CA TYR A 644 -38.97 4.92 -21.54
C TYR A 644 -39.38 3.96 -20.44
N LEU A 645 -40.63 3.50 -20.48
CA LEU A 645 -41.18 2.62 -19.46
C LEU A 645 -40.47 1.26 -19.49
N ASP A 646 -40.31 0.66 -20.70
CA ASP A 646 -39.61 -0.62 -20.86
C ASP A 646 -38.14 -0.34 -21.16
N ASN A 647 -37.23 -0.92 -20.37
CA ASN A 647 -35.79 -0.70 -20.51
C ASN A 647 -35.00 -1.83 -19.80
N LEU A 648 -33.67 -1.87 -19.95
CA LEU A 648 -32.89 -2.97 -19.34
C LEU A 648 -32.82 -2.91 -17.80
N LEU A 649 -32.87 -1.70 -17.19
CA LEU A 649 -32.82 -1.61 -15.72
C LEU A 649 -34.11 -2.16 -15.10
N VAL A 650 -35.28 -1.69 -15.56
CA VAL A 650 -36.56 -2.17 -15.04
C VAL A 650 -36.75 -3.67 -15.29
N ARG A 651 -36.34 -4.16 -16.48
CA ARG A 651 -36.45 -5.60 -16.76
C ARG A 651 -35.54 -6.40 -15.81
N PHE A 652 -34.39 -5.83 -15.41
CA PHE A 652 -33.46 -6.45 -14.47
C PHE A 652 -34.05 -6.47 -13.05
N LEU A 653 -34.50 -5.30 -12.55
CA LEU A 653 -35.04 -5.20 -11.19
C LEU A 653 -36.32 -6.00 -11.00
N LEU A 654 -37.21 -6.03 -12.01
CA LEU A 654 -38.43 -6.83 -11.91
C LEU A 654 -38.09 -8.34 -11.94
N LYS A 655 -36.98 -8.75 -12.61
CA LYS A 655 -36.60 -10.15 -12.63
C LYS A 655 -36.11 -10.57 -11.27
N LYS A 656 -35.32 -9.73 -10.60
CA LYS A 656 -34.81 -10.07 -9.27
C LYS A 656 -35.92 -9.99 -8.21
N ALA A 657 -36.88 -9.07 -8.38
CA ALA A 657 -38.04 -8.97 -7.49
C ALA A 657 -38.93 -10.23 -7.59
N LEU A 658 -39.13 -10.76 -8.81
CA LEU A 658 -39.96 -11.94 -9.04
C LEU A 658 -39.22 -13.27 -8.87
N THR A 659 -37.88 -13.25 -8.58
CA THR A 659 -37.09 -14.47 -8.32
C THR A 659 -36.42 -14.44 -6.90
N ASN A 660 -36.79 -13.47 -6.04
CA ASN A 660 -36.27 -13.37 -4.67
C ASN A 660 -37.28 -12.53 -3.87
N GLN A 661 -38.15 -13.17 -3.07
CA GLN A 661 -39.22 -12.49 -2.35
C GLN A 661 -38.74 -11.44 -1.30
N ARG A 662 -37.47 -11.50 -0.85
CA ARG A 662 -36.93 -10.49 0.05
C ARG A 662 -36.70 -9.22 -0.75
N ILE A 663 -36.13 -9.34 -1.98
CA ILE A 663 -35.92 -8.20 -2.87
C ILE A 663 -37.31 -7.69 -3.27
N GLY A 664 -38.18 -8.60 -3.71
CA GLY A 664 -39.54 -8.28 -4.12
C GLY A 664 -40.34 -7.52 -3.10
N HIS A 665 -40.24 -7.90 -1.81
CA HIS A 665 -40.95 -7.22 -0.72
C HIS A 665 -40.60 -5.73 -0.68
N PHE A 666 -39.30 -5.36 -0.57
CA PHE A 666 -38.91 -3.96 -0.51
C PHE A 666 -39.06 -3.28 -1.85
N PHE A 667 -38.95 -4.01 -2.98
CA PHE A 667 -39.23 -3.45 -4.31
C PHE A 667 -40.68 -2.97 -4.35
N PHE A 668 -41.61 -3.75 -3.77
CA PHE A 668 -43.00 -3.36 -3.69
C PHE A 668 -43.13 -2.10 -2.83
N TRP A 669 -42.62 -2.11 -1.58
CA TRP A 669 -42.82 -0.96 -0.69
C TRP A 669 -42.12 0.32 -1.13
N HIS A 670 -40.94 0.24 -1.75
CA HIS A 670 -40.25 1.43 -2.22
C HIS A 670 -41.01 2.10 -3.37
N LEU A 671 -41.74 1.31 -4.20
CA LEU A 671 -42.54 1.84 -5.30
C LEU A 671 -43.91 2.30 -4.76
N LYS A 672 -44.58 1.48 -3.94
CA LYS A 672 -45.88 1.79 -3.35
C LYS A 672 -45.81 3.08 -2.55
N SER A 673 -44.68 3.32 -1.84
CA SER A 673 -44.50 4.52 -1.03
C SER A 673 -44.57 5.81 -1.83
N GLU A 674 -44.33 5.77 -3.15
CA GLU A 674 -44.39 6.97 -3.99
C GLU A 674 -45.60 6.97 -4.93
N MET A 675 -46.65 6.14 -4.68
CA MET A 675 -47.83 6.13 -5.54
C MET A 675 -48.71 7.36 -5.41
N HIS A 676 -48.64 8.05 -4.28
CA HIS A 676 -49.34 9.32 -4.04
C HIS A 676 -48.81 10.40 -5.03
N ASN A 677 -47.50 10.35 -5.36
CA ASN A 677 -46.84 11.31 -6.23
C ASN A 677 -47.32 11.12 -7.66
N LYS A 678 -48.10 12.07 -8.16
CA LYS A 678 -48.67 11.99 -9.51
C LYS A 678 -47.60 12.04 -10.60
N THR A 679 -46.41 12.61 -10.31
CA THR A 679 -45.24 12.65 -11.21
C THR A 679 -44.83 11.23 -11.64
N VAL A 680 -44.90 10.25 -10.71
CA VAL A 680 -44.47 8.86 -10.98
C VAL A 680 -45.59 7.81 -10.81
N SER A 681 -46.84 8.22 -10.49
CA SER A 681 -47.93 7.26 -10.29
C SER A 681 -48.10 6.26 -11.43
N GLN A 682 -48.04 6.72 -12.68
CA GLN A 682 -48.25 5.84 -13.82
C GLN A 682 -47.08 4.91 -14.00
N ARG A 683 -45.83 5.43 -13.99
CA ARG A 683 -44.64 4.60 -14.16
C ARG A 683 -44.59 3.49 -13.10
N PHE A 684 -44.59 3.89 -11.82
CA PHE A 684 -44.53 2.95 -10.70
C PHE A 684 -45.78 2.08 -10.59
N GLY A 685 -46.93 2.59 -11.01
CA GLY A 685 -48.17 1.83 -11.00
C GLY A 685 -48.14 0.70 -12.00
N LEU A 686 -47.68 0.98 -13.24
CA LEU A 686 -47.59 -0.07 -14.25
C LEU A 686 -46.56 -1.13 -13.82
N LEU A 687 -45.47 -0.69 -13.19
CA LEU A 687 -44.42 -1.59 -12.73
C LEU A 687 -44.94 -2.44 -11.59
N LEU A 688 -45.61 -1.84 -10.61
CA LEU A 688 -46.18 -2.58 -9.49
C LEU A 688 -47.23 -3.58 -9.97
N GLU A 689 -48.00 -3.23 -11.04
CA GLU A 689 -49.02 -4.12 -11.59
C GLU A 689 -48.36 -5.35 -12.16
N SER A 690 -47.27 -5.18 -12.91
CA SER A 690 -46.54 -6.30 -13.48
C SER A 690 -45.91 -7.13 -12.39
N TYR A 691 -45.45 -6.52 -11.28
CA TYR A 691 -44.90 -7.26 -10.16
C TYR A 691 -46.02 -8.11 -9.55
N CYS A 692 -47.15 -7.50 -9.21
CA CYS A 692 -48.26 -8.20 -8.59
C CYS A 692 -48.88 -9.28 -9.47
N ARG A 693 -48.86 -9.12 -10.81
CA ARG A 693 -49.41 -10.14 -11.70
C ARG A 693 -48.73 -11.49 -11.54
N ALA A 694 -47.39 -11.50 -11.31
CA ALA A 694 -46.63 -12.73 -11.22
C ALA A 694 -45.91 -12.98 -9.89
N CYS A 695 -46.09 -12.14 -8.84
CA CYS A 695 -45.41 -12.38 -7.56
C CYS A 695 -45.90 -13.65 -6.83
N GLY A 696 -47.02 -14.23 -7.28
CA GLY A 696 -47.56 -15.44 -6.70
C GLY A 696 -48.45 -15.20 -5.51
N MET A 697 -48.38 -16.10 -4.52
CA MET A 697 -49.20 -15.99 -3.32
C MET A 697 -48.82 -14.76 -2.46
N TYR A 698 -47.61 -14.19 -2.64
CA TYR A 698 -47.21 -13.03 -1.85
C TYR A 698 -48.10 -11.81 -2.06
N LEU A 699 -48.89 -11.73 -3.16
CA LEU A 699 -49.82 -10.61 -3.32
C LEU A 699 -50.89 -10.64 -2.19
N LYS A 700 -51.27 -11.84 -1.72
CA LYS A 700 -52.25 -11.97 -0.64
C LYS A 700 -51.65 -11.41 0.65
N HIS A 701 -50.37 -11.69 0.91
CA HIS A 701 -49.69 -11.21 2.10
C HIS A 701 -49.44 -9.71 2.07
N LEU A 702 -49.15 -9.15 0.87
CA LEU A 702 -48.94 -7.72 0.75
C LEU A 702 -50.26 -6.98 0.95
N ASN A 703 -51.39 -7.53 0.46
CA ASN A 703 -52.71 -6.92 0.71
C ASN A 703 -53.01 -6.86 2.21
N ARG A 704 -52.60 -7.88 2.98
CA ARG A 704 -52.80 -7.88 4.43
C ARG A 704 -52.02 -6.74 5.07
N GLN A 705 -50.80 -6.49 4.60
CA GLN A 705 -49.93 -5.43 5.11
C GLN A 705 -50.52 -4.07 4.72
N VAL A 706 -51.01 -3.94 3.48
CA VAL A 706 -51.59 -2.70 2.99
C VAL A 706 -52.86 -2.40 3.82
N GLU A 707 -53.75 -3.40 4.06
CA GLU A 707 -54.95 -3.25 4.90
C GLU A 707 -54.56 -2.70 6.28
N ALA A 708 -53.59 -3.36 6.95
CA ALA A 708 -53.14 -2.98 8.28
C ALA A 708 -52.60 -1.57 8.31
N MET A 709 -51.83 -1.17 7.29
CA MET A 709 -51.26 0.17 7.24
C MET A 709 -52.34 1.20 6.98
N GLU A 710 -53.34 0.87 6.14
CA GLU A 710 -54.47 1.77 5.84
C GLU A 710 -55.23 2.08 7.14
N LYS A 711 -55.42 1.07 8.00
CA LYS A 711 -56.13 1.27 9.27
C LYS A 711 -55.31 2.14 10.20
N LEU A 712 -53.99 1.94 10.26
CA LEU A 712 -53.14 2.76 11.13
C LEU A 712 -53.08 4.20 10.61
N ILE A 713 -53.07 4.39 9.28
CA ILE A 713 -53.03 5.72 8.68
C ILE A 713 -54.33 6.44 9.05
N ASN A 714 -55.47 5.79 8.83
CA ASN A 714 -56.76 6.38 9.18
C ASN A 714 -56.86 6.69 10.69
N LEU A 715 -56.49 5.72 11.55
CA LEU A 715 -56.54 5.93 13.01
C LEU A 715 -55.68 7.11 13.44
N THR A 716 -54.44 7.21 12.94
CA THR A 716 -53.56 8.33 13.28
C THR A 716 -53.99 9.63 12.61
N ASP A 717 -54.66 9.59 11.45
CA ASP A 717 -55.17 10.80 10.80
C ASP A 717 -56.23 11.48 11.67
N ILE A 718 -57.03 10.70 12.42
CA ILE A 718 -58.05 11.25 13.29
C ILE A 718 -57.35 12.00 14.43
N LEU A 719 -56.38 11.35 15.08
CA LEU A 719 -55.61 11.94 16.17
C LEU A 719 -54.82 13.19 15.70
N LYS A 720 -54.35 13.18 14.45
CA LYS A 720 -53.58 14.26 13.84
C LYS A 720 -54.46 15.44 13.44
N GLN A 721 -55.73 15.19 13.04
CA GLN A 721 -56.63 16.25 12.56
C GLN A 721 -57.72 16.69 13.60
N GLU A 722 -58.85 15.94 13.75
CA GLU A 722 -59.92 16.39 14.66
C GLU A 722 -59.57 16.25 16.15
N LYS A 723 -59.06 15.10 16.58
CA LYS A 723 -58.76 14.87 18.00
C LYS A 723 -57.32 15.29 18.34
N LYS A 724 -56.86 16.45 17.81
CA LYS A 724 -55.51 16.96 18.06
C LYS A 724 -55.45 17.82 19.33
N ASP A 725 -56.47 18.64 19.59
CA ASP A 725 -56.51 19.48 20.78
C ASP A 725 -56.87 18.70 22.07
N GLU A 726 -57.24 17.41 21.97
CA GLU A 726 -57.60 16.61 23.15
C GLU A 726 -56.35 16.17 23.94
N THR A 727 -56.55 15.88 25.23
CA THR A 727 -55.47 15.48 26.17
C THR A 727 -54.85 14.12 25.80
N GLN A 728 -53.63 13.83 26.30
CA GLN A 728 -52.96 12.54 26.10
C GLN A 728 -53.83 11.41 26.66
N LYS A 729 -54.41 11.60 27.86
CA LYS A 729 -55.30 10.62 28.49
C LYS A 729 -56.57 10.38 27.63
N VAL A 730 -57.13 11.45 27.03
CA VAL A 730 -58.34 11.38 26.19
C VAL A 730 -58.04 10.65 24.87
N GLN A 731 -56.91 10.99 24.21
CA GLN A 731 -56.49 10.35 22.96
C GLN A 731 -56.23 8.87 23.18
N MET A 732 -55.63 8.51 24.33
CA MET A 732 -55.38 7.10 24.66
C MET A 732 -56.68 6.34 24.86
N LYS A 733 -57.70 6.96 25.52
CA LYS A 733 -59.01 6.35 25.70
C LYS A 733 -59.64 6.02 24.32
N PHE A 734 -59.57 6.98 23.38
CA PHE A 734 -60.08 6.79 22.01
C PHE A 734 -59.32 5.68 21.29
N LEU A 735 -57.98 5.68 21.40
CA LEU A 735 -57.11 4.69 20.78
C LEU A 735 -57.50 3.26 21.21
N VAL A 736 -57.67 3.04 22.54
CA VAL A 736 -58.02 1.73 23.08
C VAL A 736 -59.40 1.31 22.54
N GLU A 737 -60.39 2.21 22.64
CA GLU A 737 -61.74 1.95 22.17
C GLU A 737 -61.78 1.53 20.69
N GLN A 738 -61.01 2.20 19.82
CA GLN A 738 -60.99 1.90 18.39
C GLN A 738 -60.20 0.65 18.05
N MET A 739 -59.07 0.44 18.74
CA MET A 739 -58.23 -0.73 18.48
C MET A 739 -58.90 -2.03 18.89
N ARG A 740 -59.80 -2.00 19.90
CA ARG A 740 -60.53 -3.20 20.35
C ARG A 740 -61.63 -3.63 19.39
N ARG A 741 -62.17 -2.70 18.57
CA ARG A 741 -63.26 -3.01 17.63
C ARG A 741 -62.89 -4.21 16.71
N PRO A 742 -63.85 -5.03 16.23
CA PRO A 742 -63.46 -6.23 15.46
C PRO A 742 -62.74 -5.92 14.16
N ASP A 743 -63.16 -4.87 13.44
CA ASP A 743 -62.52 -4.48 12.18
C ASP A 743 -61.03 -4.21 12.35
N PHE A 744 -60.63 -3.59 13.47
CA PHE A 744 -59.24 -3.29 13.74
C PHE A 744 -58.48 -4.55 14.18
N MET A 745 -59.07 -5.37 15.05
CA MET A 745 -58.40 -6.57 15.53
C MET A 745 -58.14 -7.55 14.39
N ASP A 746 -59.07 -7.73 13.46
CA ASP A 746 -58.85 -8.64 12.32
C ASP A 746 -57.76 -8.10 11.39
N ALA A 747 -57.81 -6.80 11.08
CA ALA A 747 -56.86 -6.15 10.17
C ALA A 747 -55.44 -6.05 10.71
N LEU A 748 -55.26 -5.84 12.04
CA LEU A 748 -53.94 -5.62 12.63
C LEU A 748 -53.32 -6.84 13.33
N GLN A 749 -53.81 -8.04 13.05
CA GLN A 749 -53.26 -9.26 13.65
C GLN A 749 -53.07 -10.29 12.57
N GLY A 750 -52.03 -11.09 12.69
CA GLY A 750 -51.73 -12.12 11.71
C GLY A 750 -51.36 -11.57 10.36
N PHE A 751 -50.25 -10.84 10.30
CA PHE A 751 -49.71 -10.27 9.05
C PHE A 751 -48.19 -10.08 9.20
N LEU A 752 -47.44 -10.09 8.07
CA LEU A 752 -45.98 -10.02 8.14
C LEU A 752 -45.50 -8.59 8.31
N SER A 753 -44.47 -8.38 9.12
CA SER A 753 -43.91 -7.06 9.39
C SER A 753 -43.40 -6.39 8.11
N PRO A 754 -43.91 -5.21 7.64
CA PRO A 754 -43.32 -4.61 6.43
C PRO A 754 -41.84 -4.26 6.60
N LEU A 755 -41.36 -4.04 7.83
CA LEU A 755 -39.94 -3.76 8.07
C LEU A 755 -39.06 -4.99 7.80
N ASN A 756 -39.60 -6.21 8.00
CA ASN A 756 -38.85 -7.44 7.75
C ASN A 756 -39.87 -8.57 7.55
N PRO A 757 -40.20 -9.03 6.33
CA PRO A 757 -41.23 -10.09 6.19
C PRO A 757 -40.91 -11.41 6.89
N ALA A 758 -39.65 -11.64 7.32
CA ALA A 758 -39.31 -12.83 8.09
C ALA A 758 -39.97 -12.79 9.49
N HIS A 759 -40.38 -11.59 9.97
CA HIS A 759 -41.05 -11.42 11.26
C HIS A 759 -42.54 -11.42 11.08
N GLN A 760 -43.25 -12.32 11.79
CA GLN A 760 -44.69 -12.40 11.74
C GLN A 760 -45.24 -11.61 12.92
N LEU A 761 -46.31 -10.86 12.71
CA LEU A 761 -46.97 -10.09 13.76
C LEU A 761 -48.29 -10.82 14.05
N GLY A 762 -48.38 -11.44 15.22
CA GLY A 762 -49.54 -12.24 15.58
C GLY A 762 -50.60 -11.44 16.32
N ASN A 763 -50.93 -11.86 17.54
CA ASN A 763 -51.90 -11.14 18.35
C ASN A 763 -51.29 -9.83 18.85
N LEU A 764 -52.09 -8.77 18.81
CA LEU A 764 -51.65 -7.43 19.20
C LEU A 764 -51.78 -7.28 20.72
N ARG A 765 -50.70 -6.89 21.43
CA ARG A 765 -50.75 -6.69 22.89
C ARG A 765 -51.21 -5.26 23.13
N LEU A 766 -52.53 -5.09 23.23
CA LEU A 766 -53.15 -3.78 23.35
C LEU A 766 -52.70 -2.98 24.58
N GLU A 767 -52.46 -3.65 25.72
CA GLU A 767 -52.00 -2.95 26.93
C GLU A 767 -50.61 -2.32 26.76
N GLU A 768 -49.79 -2.85 25.81
CA GLU A 768 -48.46 -2.35 25.50
C GLU A 768 -48.46 -1.25 24.44
N CYS A 769 -49.54 -1.10 23.67
CA CYS A 769 -49.64 -0.06 22.65
C CYS A 769 -49.85 1.32 23.30
N ARG A 770 -49.22 2.37 22.74
CA ARG A 770 -49.29 3.72 23.31
C ARG A 770 -48.88 4.82 22.32
N ILE A 771 -49.30 6.07 22.58
CA ILE A 771 -48.91 7.23 21.80
C ILE A 771 -47.62 7.71 22.50
N MET A 772 -46.53 7.86 21.74
CA MET A 772 -45.24 8.24 22.31
C MET A 772 -45.05 9.73 22.45
N SER A 773 -44.20 10.13 23.41
CA SER A 773 -43.86 11.53 23.69
C SER A 773 -42.72 11.92 22.74
N SER A 774 -43.05 12.16 21.46
CA SER A 774 -42.06 12.54 20.45
C SER A 774 -42.75 13.40 19.35
N ALA A 775 -41.95 13.96 18.41
CA ALA A 775 -42.48 14.80 17.33
C ALA A 775 -43.51 14.03 16.50
N LYS A 776 -44.63 14.69 16.15
CA LYS A 776 -45.75 14.13 15.39
C LYS A 776 -46.50 13.02 16.15
N ARG A 777 -46.23 12.85 17.47
CA ARG A 777 -46.89 11.85 18.34
C ARG A 777 -46.93 10.45 17.69
N PRO A 778 -45.77 9.77 17.46
CA PRO A 778 -45.82 8.47 16.81
C PRO A 778 -46.43 7.40 17.70
N LEU A 779 -47.02 6.40 17.08
CA LEU A 779 -47.74 5.33 17.75
C LEU A 779 -46.87 4.08 17.94
N TRP A 780 -46.67 3.69 19.20
CA TRP A 780 -45.90 2.51 19.58
C TRP A 780 -46.81 1.30 19.60
N LEU A 781 -46.54 0.31 18.75
CA LEU A 781 -47.34 -0.91 18.67
C LEU A 781 -46.51 -2.11 19.14
N ASN A 782 -47.18 -3.16 19.61
CA ASN A 782 -46.52 -4.34 20.16
C ASN A 782 -47.32 -5.58 19.78
N TRP A 783 -46.68 -6.61 19.19
CA TRP A 783 -47.35 -7.85 18.80
C TRP A 783 -46.61 -9.06 19.33
N GLU A 784 -47.34 -10.15 19.58
CA GLU A 784 -46.72 -11.40 19.99
C GLU A 784 -46.08 -12.00 18.74
N ASN A 785 -44.94 -12.66 18.91
CA ASN A 785 -44.26 -13.33 17.81
C ASN A 785 -44.95 -14.69 17.73
N PRO A 786 -45.81 -14.98 16.72
CA PRO A 786 -46.53 -16.27 16.72
C PRO A 786 -45.69 -17.50 16.41
N ASP A 787 -44.35 -17.36 16.33
CA ASP A 787 -43.50 -18.50 16.05
C ASP A 787 -43.54 -19.48 17.21
N ILE A 788 -43.37 -20.76 16.89
CA ILE A 788 -43.45 -21.85 17.88
C ILE A 788 -42.35 -21.70 18.93
N MET A 789 -41.15 -21.25 18.52
CA MET A 789 -40.05 -21.02 19.45
C MET A 789 -39.68 -19.56 19.48
N SER A 790 -40.70 -18.69 19.65
CA SER A 790 -40.54 -17.26 19.77
C SER A 790 -39.61 -16.92 20.92
N GLU A 791 -39.76 -17.63 22.05
CA GLU A 791 -38.92 -17.55 23.25
C GLU A 791 -37.40 -17.49 23.01
N LEU A 792 -36.89 -18.13 21.92
CA LEU A 792 -35.47 -18.16 21.59
C LEU A 792 -35.03 -17.06 20.61
N LEU A 793 -35.82 -15.95 20.47
CA LEU A 793 -35.47 -14.84 19.58
C LEU A 793 -36.04 -13.51 20.16
N PHE A 794 -37.36 -13.41 20.26
CA PHE A 794 -38.06 -12.25 20.85
C PHE A 794 -39.52 -12.62 21.01
N GLN A 795 -40.04 -12.52 22.23
CA GLN A 795 -41.43 -12.89 22.48
C GLN A 795 -42.39 -11.87 21.89
N ASN A 796 -42.02 -10.57 21.98
CA ASN A 796 -42.81 -9.48 21.44
C ASN A 796 -41.99 -8.70 20.43
N ASN A 797 -42.65 -8.25 19.36
CA ASN A 797 -42.05 -7.46 18.30
C ASN A 797 -42.72 -6.11 18.37
N GLU A 798 -41.93 -5.06 18.62
CA GLU A 798 -42.43 -3.69 18.77
C GLU A 798 -42.04 -2.85 17.55
N ILE A 799 -42.97 -2.02 17.03
CA ILE A 799 -42.74 -1.14 15.87
C ILE A 799 -43.34 0.23 16.19
N ILE A 800 -42.66 1.31 15.78
CA ILE A 800 -43.16 2.67 15.96
C ILE A 800 -43.72 3.08 14.60
N PHE A 801 -45.02 3.45 14.54
CA PHE A 801 -45.67 3.93 13.34
C PHE A 801 -45.71 5.45 13.44
N LYS A 802 -45.08 6.20 12.50
CA LYS A 802 -45.05 7.67 12.54
C LYS A 802 -45.72 8.33 11.31
N ASN A 803 -46.79 9.13 11.57
CA ASN A 803 -47.57 9.81 10.53
C ASN A 803 -47.39 11.33 10.63
N GLY A 804 -46.63 11.89 9.69
CA GLY A 804 -46.36 13.32 9.64
C GLY A 804 -44.99 13.65 9.08
N ASP A 805 -43.94 12.99 9.59
CA ASP A 805 -42.57 13.24 9.18
C ASP A 805 -42.17 12.44 7.94
N ASP A 806 -41.36 13.06 7.05
CA ASP A 806 -40.80 12.41 5.86
C ASP A 806 -39.64 11.53 6.33
N LEU A 807 -39.77 10.18 6.19
CA LEU A 807 -38.74 9.25 6.66
C LEU A 807 -37.66 8.89 5.62
N ARG A 808 -37.64 9.52 4.45
CA ARG A 808 -36.66 9.17 3.43
C ARG A 808 -35.26 9.54 3.90
N GLN A 809 -35.10 10.69 4.58
CA GLN A 809 -33.80 11.11 5.09
C GLN A 809 -33.30 10.13 6.14
N ASP A 810 -34.19 9.64 7.03
CA ASP A 810 -33.80 8.66 8.02
C ASP A 810 -33.41 7.35 7.34
N MET A 811 -34.22 6.92 6.35
CA MET A 811 -33.96 5.70 5.59
C MET A 811 -32.60 5.72 4.92
N LEU A 812 -32.25 6.86 4.30
CA LEU A 812 -30.99 7.00 3.60
C LEU A 812 -29.80 7.09 4.59
N THR A 813 -29.97 7.78 5.73
CA THR A 813 -28.91 7.89 6.72
C THR A 813 -28.66 6.52 7.34
N LEU A 814 -29.72 5.78 7.66
CA LEU A 814 -29.57 4.44 8.23
C LEU A 814 -28.91 3.49 7.21
N GLN A 815 -29.20 3.65 5.92
CA GLN A 815 -28.58 2.82 4.89
C GLN A 815 -27.07 3.13 4.83
N ILE A 816 -26.69 4.40 4.90
CA ILE A 816 -25.29 4.80 4.86
C ILE A 816 -24.57 4.25 6.10
N ILE A 817 -25.20 4.35 7.29
CA ILE A 817 -24.61 3.80 8.55
C ILE A 817 -24.38 2.28 8.42
N ARG A 818 -25.31 1.54 7.80
N ARG A 818 -25.31 1.56 7.78
CA ARG A 818 -25.17 0.10 7.56
CA ARG A 818 -25.22 0.12 7.54
C ARG A 818 -24.03 -0.16 6.61
C ARG A 818 -24.07 -0.17 6.59
N ILE A 819 -23.92 0.66 5.53
CA ILE A 819 -22.85 0.50 4.52
C ILE A 819 -21.47 0.81 5.13
N MET A 820 -21.37 1.82 6.00
CA MET A 820 -20.14 2.16 6.69
C MET A 820 -19.74 1.00 7.61
N GLU A 821 -20.70 0.42 8.38
CA GLU A 821 -20.43 -0.74 9.24
C GLU A 821 -19.96 -1.89 8.37
N ASN A 822 -20.65 -2.13 7.26
CA ASN A 822 -20.30 -3.20 6.33
C ASN A 822 -18.85 -3.04 5.81
N ILE A 823 -18.40 -1.81 5.44
CA ILE A 823 -17.02 -1.54 4.98
C ILE A 823 -16.03 -1.89 6.10
N TRP A 824 -16.23 -1.28 7.29
CA TRP A 824 -15.38 -1.47 8.45
C TRP A 824 -15.26 -2.93 8.83
N GLN A 825 -16.38 -3.64 8.92
CA GLN A 825 -16.38 -5.03 9.30
C GLN A 825 -15.66 -5.89 8.26
N ASN A 826 -15.90 -5.64 6.97
CA ASN A 826 -15.23 -6.40 5.92
C ASN A 826 -13.71 -6.15 5.96
N GLN A 827 -13.30 -4.91 6.23
CA GLN A 827 -11.87 -4.55 6.33
C GLN A 827 -11.21 -5.17 7.58
N GLY A 828 -11.97 -5.54 8.60
CA GLY A 828 -11.43 -6.11 9.83
C GLY A 828 -11.38 -5.11 10.98
N LEU A 829 -12.13 -4.00 10.88
CA LEU A 829 -12.24 -2.99 11.90
C LEU A 829 -13.54 -3.29 12.63
N ASP A 830 -13.47 -3.82 13.86
CA ASP A 830 -14.66 -4.16 14.61
C ASP A 830 -15.31 -2.91 15.23
N LEU A 831 -16.08 -2.16 14.42
CA LEU A 831 -16.83 -0.99 14.89
C LEU A 831 -18.29 -1.33 14.70
N ARG A 832 -19.06 -1.43 15.80
CA ARG A 832 -20.45 -1.86 15.75
C ARG A 832 -21.49 -0.73 15.71
N MET A 833 -22.20 -0.63 14.59
CA MET A 833 -23.30 0.33 14.38
C MET A 833 -24.63 -0.35 14.66
N LEU A 834 -25.71 0.43 14.77
CA LEU A 834 -27.03 -0.15 14.94
C LEU A 834 -27.92 0.52 13.93
N PRO A 835 -27.86 0.08 12.66
CA PRO A 835 -28.73 0.67 11.64
C PRO A 835 -30.10 0.00 11.74
N TYR A 836 -30.89 0.42 12.74
CA TYR A 836 -32.24 -0.11 12.96
C TYR A 836 -33.12 0.11 11.74
N GLY A 837 -34.16 -0.69 11.62
CA GLY A 837 -35.06 -0.63 10.48
C GLY A 837 -35.87 0.64 10.37
N CYS A 838 -36.05 1.13 9.16
CA CYS A 838 -36.90 2.30 8.88
C CYS A 838 -37.42 2.16 7.48
N LEU A 839 -38.73 2.30 7.29
CA LEU A 839 -39.31 2.15 5.97
C LEU A 839 -40.41 3.14 5.79
N SER A 840 -40.34 3.93 4.71
CA SER A 840 -41.39 4.86 4.36
C SER A 840 -42.40 4.04 3.55
N ILE A 841 -43.69 4.13 3.91
CA ILE A 841 -44.79 3.39 3.26
C ILE A 841 -45.86 4.31 2.63
N GLY A 842 -45.55 5.60 2.45
CA GLY A 842 -46.50 6.55 1.87
C GLY A 842 -45.99 7.96 1.94
N ASP A 843 -46.89 8.93 1.81
CA ASP A 843 -46.51 10.34 1.87
C ASP A 843 -46.38 10.74 3.33
N CYS A 844 -45.12 10.82 3.82
CA CYS A 844 -44.79 11.17 5.22
C CYS A 844 -45.45 10.22 6.22
N VAL A 845 -45.31 8.92 5.98
CA VAL A 845 -45.82 7.83 6.83
C VAL A 845 -44.74 6.74 6.80
N GLY A 846 -44.45 6.13 7.94
CA GLY A 846 -43.47 5.06 7.97
C GLY A 846 -43.41 4.27 9.25
N LEU A 847 -42.48 3.31 9.29
CA LEU A 847 -42.30 2.42 10.42
C LEU A 847 -40.84 2.45 10.85
N ILE A 848 -40.59 2.45 12.15
CA ILE A 848 -39.24 2.45 12.70
C ILE A 848 -39.14 1.23 13.62
N GLU A 849 -38.07 0.44 13.48
CA GLU A 849 -37.88 -0.74 14.31
C GLU A 849 -37.48 -0.31 15.71
N VAL A 850 -38.06 -0.97 16.71
CA VAL A 850 -37.77 -0.71 18.12
C VAL A 850 -36.60 -1.58 18.52
N VAL A 851 -35.58 -0.97 19.13
CA VAL A 851 -34.42 -1.70 19.62
C VAL A 851 -34.74 -2.08 21.06
N ARG A 852 -34.70 -3.38 21.38
CA ARG A 852 -35.02 -3.84 22.73
C ARG A 852 -33.90 -3.51 23.71
N ASN A 853 -34.25 -3.22 24.97
CA ASN A 853 -33.32 -2.89 26.06
C ASN A 853 -32.38 -1.73 25.73
N SER A 854 -32.94 -0.60 25.30
CA SER A 854 -32.17 0.60 24.99
C SER A 854 -32.87 1.82 25.57
N HIS A 855 -32.10 2.85 25.89
CA HIS A 855 -32.64 4.06 26.48
C HIS A 855 -31.79 5.24 26.07
N THR A 856 -32.40 6.42 25.98
CA THR A 856 -31.67 7.63 25.61
C THR A 856 -30.70 7.99 26.74
N ILE A 857 -29.71 8.85 26.45
CA ILE A 857 -28.77 9.32 27.46
C ILE A 857 -29.52 10.08 28.58
N MET A 858 -30.58 10.83 28.26
CA MET A 858 -31.37 11.50 29.28
C MET A 858 -32.18 10.50 30.10
N GLN A 859 -32.68 9.44 29.47
CA GLN A 859 -33.40 8.41 30.21
C GLN A 859 -32.45 7.68 31.17
N ILE A 860 -31.16 7.55 30.83
CA ILE A 860 -30.16 6.94 31.72
C ILE A 860 -29.93 7.91 32.89
N GLN A 861 -29.76 9.22 32.58
CA GLN A 861 -29.54 10.28 33.56
C GLN A 861 -30.69 10.36 34.57
N CYS A 862 -31.93 10.33 34.08
CA CYS A 862 -33.10 10.40 34.95
C CYS A 862 -33.30 9.09 35.74
N LYS A 863 -33.15 7.92 35.10
CA LYS A 863 -33.29 6.62 35.79
C LYS A 863 -32.33 6.53 36.99
N GLY A 864 -31.08 6.93 36.80
CA GLY A 864 -30.06 6.90 37.84
C GLY A 864 -30.03 8.16 38.68
N GLY A 865 -30.74 8.14 39.82
CA GLY A 865 -30.83 9.27 40.76
C GLY A 865 -31.33 10.53 40.09
N LEU A 866 -30.68 11.68 40.38
CA LEU A 866 -30.91 13.02 39.81
C LEU A 866 -30.96 14.12 40.91
N LYS A 867 -31.97 14.08 41.80
CA LYS A 867 -32.12 15.04 42.91
C LYS A 867 -32.22 16.54 42.52
N GLY A 868 -32.69 16.84 41.29
CA GLY A 868 -32.82 18.22 40.82
C GLY A 868 -31.51 18.95 40.76
N ALA A 869 -30.56 18.46 39.94
CA ALA A 869 -29.20 18.98 39.88
C ALA A 869 -28.90 20.11 38.87
N LEU A 870 -29.67 20.24 37.79
CA LEU A 870 -29.46 21.20 36.69
C LEU A 870 -28.29 20.75 35.79
N GLN A 871 -27.15 20.34 36.36
CA GLN A 871 -26.02 19.81 35.59
C GLN A 871 -25.95 18.31 35.85
N PHE A 872 -26.25 17.48 34.84
CA PHE A 872 -26.21 16.02 34.98
C PHE A 872 -24.78 15.58 35.33
N ASN A 873 -24.63 14.59 36.23
CA ASN A 873 -23.31 14.09 36.59
C ASN A 873 -22.74 13.35 35.38
N SER A 874 -21.54 13.73 34.95
CA SER A 874 -20.90 13.10 33.79
C SER A 874 -20.61 11.60 34.00
N HIS A 875 -20.34 11.18 35.24
CA HIS A 875 -20.09 9.78 35.55
C HIS A 875 -21.37 8.89 35.57
N THR A 876 -22.59 9.48 35.53
CA THR A 876 -23.84 8.70 35.58
C THR A 876 -23.92 7.60 34.52
N LEU A 877 -23.49 7.89 33.28
CA LEU A 877 -23.54 6.89 32.23
C LEU A 877 -22.66 5.68 32.56
N HIS A 878 -21.41 5.91 33.00
CA HIS A 878 -20.50 4.82 33.38
C HIS A 878 -21.10 3.98 34.49
N GLN A 879 -21.68 4.62 35.52
CA GLN A 879 -22.30 3.88 36.62
C GLN A 879 -23.45 3.01 36.14
N TRP A 880 -24.33 3.54 35.28
CA TRP A 880 -25.46 2.77 34.77
C TRP A 880 -24.98 1.51 34.05
N LEU A 881 -23.96 1.67 33.19
CA LEU A 881 -23.42 0.58 32.39
C LEU A 881 -22.71 -0.44 33.27
N LYS A 882 -22.02 0.03 34.33
CA LYS A 882 -21.37 -0.83 35.33
C LYS A 882 -22.40 -1.72 36.00
N ASP A 883 -23.55 -1.17 36.38
CA ASP A 883 -24.60 -1.93 37.05
C ASP A 883 -25.23 -2.97 36.14
N LYS A 884 -25.37 -2.65 34.85
CA LYS A 884 -25.96 -3.58 33.90
C LYS A 884 -24.99 -4.71 33.54
N ASN A 885 -23.66 -4.46 33.59
CA ASN A 885 -22.66 -5.47 33.27
C ASN A 885 -21.66 -5.62 34.41
N LYS A 886 -22.04 -6.34 35.48
CA LYS A 886 -21.22 -6.53 36.67
C LYS A 886 -20.30 -7.76 36.53
N GLY A 887 -19.11 -7.68 37.12
CA GLY A 887 -18.17 -8.79 37.11
C GLY A 887 -17.34 -8.95 35.85
N GLU A 888 -17.29 -10.18 35.29
CA GLU A 888 -16.47 -10.50 34.12
C GLU A 888 -16.98 -9.79 32.86
N ILE A 889 -18.31 -9.76 32.67
CA ILE A 889 -18.95 -9.12 31.52
C ILE A 889 -18.77 -7.57 31.53
N TYR A 890 -18.12 -6.97 32.55
CA TYR A 890 -17.89 -5.53 32.58
C TYR A 890 -16.95 -5.07 31.45
N ASP A 891 -15.78 -5.71 31.32
CA ASP A 891 -14.79 -5.31 30.33
C ASP A 891 -15.33 -5.44 28.90
N ALA A 892 -16.17 -6.45 28.65
CA ALA A 892 -16.78 -6.64 27.35
C ALA A 892 -17.71 -5.47 27.00
N ALA A 893 -18.54 -5.01 27.96
CA ALA A 893 -19.47 -3.89 27.75
C ALA A 893 -18.74 -2.60 27.44
N ILE A 894 -17.61 -2.34 28.12
CA ILE A 894 -16.82 -1.13 27.89
C ILE A 894 -16.25 -1.19 26.48
N ASP A 895 -15.69 -2.34 26.09
CA ASP A 895 -15.16 -2.52 24.74
C ASP A 895 -16.24 -2.28 23.68
N LEU A 896 -17.46 -2.82 23.88
CA LEU A 896 -18.55 -2.60 22.93
C LEU A 896 -18.94 -1.14 22.89
N PHE A 897 -18.96 -0.43 24.05
CA PHE A 897 -19.27 1.00 24.06
C PHE A 897 -18.22 1.77 23.27
N THR A 898 -16.93 1.45 23.50
CA THR A 898 -15.82 2.10 22.81
C THR A 898 -15.92 1.88 21.30
N ARG A 899 -16.16 0.62 20.86
CA ARG A 899 -16.23 0.27 19.43
C ARG A 899 -17.44 0.87 18.71
N SER A 900 -18.59 0.93 19.39
CA SER A 900 -19.79 1.51 18.83
C SER A 900 -19.70 3.05 18.83
N CYS A 901 -19.17 3.61 19.93
CA CYS A 901 -19.00 5.06 20.08
C CYS A 901 -18.02 5.58 19.02
N ALA A 902 -16.88 4.87 18.81
CA ALA A 902 -15.87 5.28 17.84
C ALA A 902 -16.46 5.42 16.43
N GLY A 903 -17.20 4.42 15.96
CA GLY A 903 -17.77 4.47 14.63
C GLY A 903 -18.90 5.46 14.49
N TYR A 904 -19.68 5.73 15.57
CA TYR A 904 -20.73 6.76 15.45
C TYR A 904 -20.08 8.15 15.43
N CYS A 905 -18.94 8.34 16.10
CA CYS A 905 -18.19 9.60 16.04
C CYS A 905 -17.69 9.88 14.64
N VAL A 906 -17.18 8.86 13.96
CA VAL A 906 -16.69 8.97 12.59
C VAL A 906 -17.88 9.20 11.62
N ALA A 907 -18.93 8.37 11.73
CA ALA A 907 -20.09 8.50 10.86
C ALA A 907 -20.75 9.87 10.97
N THR A 908 -21.00 10.37 12.21
CA THR A 908 -21.63 11.67 12.41
C THR A 908 -20.74 12.81 11.91
N PHE A 909 -19.41 12.66 11.99
CA PHE A 909 -18.49 13.68 11.49
C PHE A 909 -18.52 13.71 9.96
N ILE A 910 -18.35 12.57 9.30
CA ILE A 910 -18.32 12.51 7.83
C ILE A 910 -19.62 13.05 7.21
N LEU A 911 -20.78 12.72 7.81
CA LEU A 911 -22.09 13.14 7.32
C LEU A 911 -22.59 14.48 7.87
N GLY A 912 -21.87 15.08 8.81
CA GLY A 912 -22.30 16.35 9.39
C GLY A 912 -23.58 16.24 10.19
N ILE A 913 -23.71 15.17 11.00
CA ILE A 913 -24.88 14.99 11.85
C ILE A 913 -24.56 15.78 13.15
N GLY A 914 -24.80 17.08 13.10
CA GLY A 914 -24.52 17.95 14.24
C GLY A 914 -25.65 18.11 15.23
N ASP A 915 -26.88 17.67 14.88
CA ASP A 915 -28.02 17.81 15.78
C ASP A 915 -28.07 16.76 16.89
N ARG A 916 -26.92 16.27 17.35
CA ARG A 916 -26.89 15.25 18.39
C ARG A 916 -27.09 15.87 19.76
N HIS A 917 -27.85 15.18 20.62
CA HIS A 917 -28.15 15.59 21.99
C HIS A 917 -28.51 14.38 22.87
N ASN A 918 -28.55 14.60 24.20
CA ASN A 918 -28.85 13.56 25.19
C ASN A 918 -30.18 12.81 24.97
N SER A 919 -31.09 13.31 24.11
CA SER A 919 -32.36 12.63 23.86
C SER A 919 -32.43 11.94 22.48
N ASN A 920 -31.38 12.05 21.62
CA ASN A 920 -31.36 11.31 20.36
C ASN A 920 -30.08 10.47 20.20
N ILE A 921 -29.56 9.96 21.34
CA ILE A 921 -28.41 9.05 21.46
C ILE A 921 -28.88 7.98 22.44
N MET A 922 -28.74 6.70 22.09
CA MET A 922 -29.20 5.61 22.95
C MET A 922 -28.11 4.62 23.19
N VAL A 923 -28.13 3.99 24.38
CA VAL A 923 -27.15 2.96 24.74
C VAL A 923 -27.91 1.74 25.22
N LYS A 924 -27.57 0.57 24.67
CA LYS A 924 -28.20 -0.68 25.07
C LYS A 924 -27.70 -1.11 26.45
N ASP A 925 -28.43 -2.03 27.13
CA ASP A 925 -28.01 -2.57 28.42
C ASP A 925 -26.62 -3.21 28.33
N ASP A 926 -26.24 -3.78 27.14
CA ASP A 926 -24.93 -4.39 26.89
C ASP A 926 -23.79 -3.38 26.55
N GLY A 927 -24.12 -2.09 26.41
CA GLY A 927 -23.16 -1.02 26.14
C GLY A 927 -23.13 -0.43 24.74
N GLN A 928 -23.91 -0.98 23.80
CA GLN A 928 -23.91 -0.50 22.43
C GLN A 928 -24.53 0.89 22.26
N LEU A 929 -23.71 1.91 21.99
CA LEU A 929 -24.20 3.26 21.72
C LEU A 929 -24.59 3.37 20.25
N PHE A 930 -25.74 3.98 19.99
CA PHE A 930 -26.21 4.21 18.63
C PHE A 930 -27.07 5.47 18.59
N HIS A 931 -27.20 6.07 17.42
CA HIS A 931 -27.95 7.30 17.23
C HIS A 931 -29.31 7.03 16.61
N ILE A 932 -30.30 7.88 16.93
CA ILE A 932 -31.67 7.81 16.41
C ILE A 932 -32.12 9.18 15.90
N ASP A 933 -33.20 9.23 15.10
CA ASP A 933 -33.79 10.47 14.60
C ASP A 933 -32.81 11.28 13.74
N PHE A 934 -32.77 11.00 12.43
CA PHE A 934 -31.87 11.67 11.50
C PHE A 934 -32.62 12.51 10.43
N GLY A 935 -33.80 13.04 10.76
CA GLY A 935 -34.57 13.83 9.80
C GLY A 935 -34.32 15.33 9.84
N HIS A 936 -33.57 15.81 10.86
CA HIS A 936 -33.41 17.22 11.17
C HIS A 936 -31.97 17.74 11.19
N PHE A 937 -30.94 16.94 10.83
CA PHE A 937 -29.57 17.45 10.88
C PHE A 937 -29.23 18.41 9.75
N LEU A 938 -30.06 18.50 8.69
CA LEU A 938 -29.78 19.41 7.57
C LEU A 938 -30.71 20.65 7.55
N ASP A 939 -31.49 20.88 8.61
CA ASP A 939 -32.45 21.98 8.64
C ASP A 939 -31.76 23.35 8.65
N HIS A 940 -30.66 23.49 9.40
CA HIS A 940 -29.95 24.76 9.53
C HIS A 940 -28.67 24.83 8.68
N LYS A 941 -28.59 24.08 7.56
CA LYS A 941 -27.42 24.13 6.67
C LYS A 941 -27.50 25.38 5.79
N LYS A 942 -28.72 25.74 5.31
CA LYS A 942 -29.08 26.88 4.47
C LYS A 942 -28.19 28.17 4.57
N LYS A 943 -27.73 28.60 5.77
CA LYS A 943 -26.82 29.76 6.02
C LYS A 943 -27.39 31.19 5.86
N LYS A 944 -28.58 31.39 5.26
CA LYS A 944 -29.10 32.75 4.96
C LYS A 944 -28.96 33.79 6.10
N PHE A 945 -28.58 35.06 5.75
CA PHE A 945 -28.43 36.23 6.62
C PHE A 945 -27.20 36.16 7.56
N GLY A 946 -26.04 35.86 6.98
CA GLY A 946 -24.76 35.82 7.68
C GLY A 946 -24.67 34.96 8.93
N TYR A 947 -25.00 33.66 8.82
CA TYR A 947 -24.92 32.73 9.96
C TYR A 947 -23.68 31.80 9.83
N LYS A 948 -22.60 32.24 9.11
CA LYS A 948 -21.33 31.51 8.90
C LYS A 948 -21.45 30.05 8.36
N ARG A 949 -22.64 29.64 7.84
CA ARG A 949 -22.96 28.29 7.34
C ARG A 949 -23.24 27.26 8.44
N GLU A 950 -22.98 27.59 9.74
CA GLU A 950 -23.19 26.68 10.87
C GLU A 950 -22.42 25.37 10.61
N ARG A 951 -21.08 25.47 10.52
CA ARG A 951 -20.20 24.32 10.26
C ARG A 951 -20.40 23.26 11.34
N VAL A 952 -20.58 21.98 10.94
CA VAL A 952 -20.81 20.93 11.94
C VAL A 952 -19.47 20.63 12.62
N PRO A 953 -19.27 20.99 13.91
CA PRO A 953 -17.98 20.69 14.54
C PRO A 953 -17.95 19.26 15.10
N PHE A 954 -16.76 18.63 15.10
CA PHE A 954 -16.58 17.31 15.70
C PHE A 954 -16.67 17.53 17.22
N VAL A 955 -17.47 16.71 17.92
CA VAL A 955 -17.60 16.84 19.37
C VAL A 955 -17.77 15.46 20.02
N LEU A 956 -17.22 15.31 21.23
CA LEU A 956 -17.33 14.08 22.01
C LEU A 956 -17.49 14.51 23.47
N THR A 957 -18.61 14.12 24.10
CA THR A 957 -18.92 14.55 25.46
C THR A 957 -18.00 13.88 26.46
N GLN A 958 -17.71 14.56 27.57
CA GLN A 958 -16.87 14.02 28.63
C GLN A 958 -17.50 12.76 29.22
N ASP A 959 -18.86 12.69 29.27
CA ASP A 959 -19.62 11.53 29.76
C ASP A 959 -19.15 10.23 29.13
N PHE A 960 -18.95 10.23 27.80
CA PHE A 960 -18.55 9.05 27.04
C PHE A 960 -17.07 8.70 27.23
N LEU A 961 -16.18 9.70 27.32
CA LEU A 961 -14.76 9.45 27.56
C LEU A 961 -14.56 8.76 28.91
N ILE A 962 -15.38 9.14 29.92
CA ILE A 962 -15.33 8.53 31.27
C ILE A 962 -15.70 7.03 31.15
N VAL A 963 -16.65 6.68 30.28
CA VAL A 963 -17.05 5.28 30.08
C VAL A 963 -15.91 4.54 29.38
N ILE A 964 -15.32 5.17 28.35
CA ILE A 964 -14.23 4.58 27.56
C ILE A 964 -12.99 4.32 28.43
N SER A 965 -12.64 5.27 29.31
CA SER A 965 -11.48 5.15 30.19
C SER A 965 -11.78 4.42 31.51
N LYS A 966 -12.90 3.68 31.60
CA LYS A 966 -13.27 2.89 32.76
C LYS A 966 -13.32 3.70 34.08
N GLY A 967 -13.89 4.88 34.03
CA GLY A 967 -14.05 5.73 35.21
C GLY A 967 -12.86 6.61 35.58
N ALA A 968 -11.86 6.72 34.70
CA ALA A 968 -10.69 7.55 34.98
C ALA A 968 -11.05 9.04 35.00
N GLN A 969 -10.39 9.81 35.88
CA GLN A 969 -10.63 11.26 35.95
C GLN A 969 -9.85 11.95 34.81
N GLU A 970 -8.58 11.55 34.60
CA GLU A 970 -7.73 12.08 33.52
C GLU A 970 -7.96 11.15 32.31
N CYS A 971 -9.21 11.09 31.85
CA CYS A 971 -9.65 10.21 30.77
C CYS A 971 -9.10 10.59 29.39
N THR A 972 -8.66 11.85 29.21
CA THR A 972 -8.16 12.33 27.92
C THR A 972 -6.71 11.84 27.61
N LYS A 973 -6.07 11.07 28.50
CA LYS A 973 -4.68 10.60 28.30
C LYS A 973 -4.46 9.09 28.59
N THR A 974 -5.52 8.31 28.88
CA THR A 974 -5.38 6.89 29.22
C THR A 974 -5.05 6.02 28.00
N ARG A 975 -4.56 4.78 28.22
CA ARG A 975 -4.25 3.85 27.12
C ARG A 975 -5.54 3.43 26.39
N GLU A 976 -6.70 3.45 27.08
CA GLU A 976 -7.99 3.12 26.47
C GLU A 976 -8.38 4.22 25.49
N PHE A 977 -8.14 5.51 25.84
CA PHE A 977 -8.40 6.64 24.95
C PHE A 977 -7.46 6.60 23.73
N GLU A 978 -6.20 6.17 23.94
CA GLU A 978 -5.20 6.04 22.87
C GLU A 978 -5.74 5.06 21.81
N ARG A 979 -6.26 3.90 22.24
CA ARG A 979 -6.82 2.88 21.35
C ARG A 979 -8.07 3.41 20.65
N PHE A 980 -8.91 4.14 21.38
CA PHE A 980 -10.13 4.74 20.84
C PHE A 980 -9.80 5.69 19.70
N GLN A 981 -8.79 6.55 19.87
CA GLN A 981 -8.42 7.48 18.81
C GLN A 981 -7.96 6.72 17.57
N GLU A 982 -7.12 5.69 17.76
CA GLU A 982 -6.65 4.81 16.70
C GLU A 982 -7.80 4.10 15.96
N MET A 983 -8.88 3.77 16.68
CA MET A 983 -10.07 3.15 16.09
C MET A 983 -10.69 4.15 15.10
N CYS A 984 -10.88 5.39 15.56
CA CYS A 984 -11.48 6.43 14.73
C CYS A 984 -10.62 6.76 13.50
N TYR A 985 -9.29 6.82 13.64
CA TYR A 985 -8.42 7.15 12.51
C TYR A 985 -8.52 6.09 11.42
N LYS A 986 -8.46 4.82 11.82
CA LYS A 986 -8.55 3.72 10.87
C LYS A 986 -9.90 3.70 10.19
N ALA A 987 -10.98 3.89 10.97
CA ALA A 987 -12.33 3.91 10.42
C ALA A 987 -12.59 5.10 9.50
N TYR A 988 -12.07 6.28 9.83
CA TYR A 988 -12.22 7.46 9.00
C TYR A 988 -11.55 7.25 7.64
N LEU A 989 -10.33 6.68 7.62
CA LEU A 989 -9.63 6.45 6.37
C LEU A 989 -10.27 5.32 5.57
N ALA A 990 -10.89 4.33 6.24
CA ALA A 990 -11.60 3.25 5.55
C ALA A 990 -12.81 3.80 4.79
N ILE A 991 -13.47 4.85 5.30
CA ILE A 991 -14.62 5.46 4.60
C ILE A 991 -14.07 6.36 3.47
N ARG A 992 -12.96 7.09 3.72
CA ARG A 992 -12.30 7.94 2.72
C ARG A 992 -11.80 7.10 1.52
N GLN A 993 -11.41 5.83 1.75
CA GLN A 993 -10.97 4.95 0.68
C GLN A 993 -12.14 4.67 -0.26
N HIS A 994 -13.35 4.43 0.29
CA HIS A 994 -14.55 4.20 -0.53
C HIS A 994 -15.40 5.47 -0.71
N ALA A 995 -14.77 6.66 -0.72
CA ALA A 995 -15.49 7.93 -0.87
C ALA A 995 -16.39 7.98 -2.10
N ASN A 996 -15.93 7.38 -3.22
CA ASN A 996 -16.71 7.37 -4.46
C ASN A 996 -18.03 6.63 -4.29
N LEU A 997 -18.08 5.55 -3.47
CA LEU A 997 -19.33 4.79 -3.27
C LEU A 997 -20.37 5.66 -2.58
N PHE A 998 -19.99 6.38 -1.53
CA PHE A 998 -20.93 7.24 -0.81
C PHE A 998 -21.38 8.37 -1.71
N ILE A 999 -20.45 8.98 -2.46
CA ILE A 999 -20.81 10.06 -3.39
C ILE A 999 -21.78 9.53 -4.44
N ASN A 1000 -21.54 8.32 -4.96
CA ASN A 1000 -22.45 7.70 -5.94
C ASN A 1000 -23.83 7.39 -5.35
N LEU A 1001 -23.88 6.89 -4.10
CA LEU A 1001 -25.16 6.55 -3.49
C LEU A 1001 -26.01 7.82 -3.31
N PHE A 1002 -25.38 8.95 -2.93
CA PHE A 1002 -26.12 10.22 -2.80
C PHE A 1002 -26.44 10.81 -4.18
N SER A 1003 -25.53 10.69 -5.16
CA SER A 1003 -25.74 11.18 -6.53
C SER A 1003 -26.94 10.53 -7.22
N MET A 1004 -27.20 9.26 -6.90
CA MET A 1004 -28.36 8.53 -7.43
C MET A 1004 -29.67 9.03 -6.77
N MET A 1005 -29.60 9.51 -5.51
CA MET A 1005 -30.76 10.02 -4.77
C MET A 1005 -31.18 11.44 -5.17
N LEU A 1006 -30.44 12.14 -6.04
CA LEU A 1006 -30.77 13.52 -6.43
C LEU A 1006 -32.11 13.63 -7.18
N GLY A 1007 -32.45 12.61 -7.96
CA GLY A 1007 -33.70 12.53 -8.70
C GLY A 1007 -34.92 12.30 -7.82
N SER A 1008 -34.74 11.73 -6.61
CA SER A 1008 -35.85 11.52 -5.68
C SER A 1008 -36.39 12.89 -5.24
N GLY A 1009 -37.65 12.92 -4.85
CA GLY A 1009 -38.27 14.17 -4.41
C GLY A 1009 -37.80 14.72 -3.08
N MET A 1010 -36.65 14.23 -2.56
CA MET A 1010 -36.14 14.67 -1.27
C MET A 1010 -35.64 16.08 -1.41
N PRO A 1011 -36.18 17.07 -0.69
CA PRO A 1011 -35.67 18.44 -0.84
C PRO A 1011 -34.26 18.65 -0.29
N GLU A 1012 -33.78 17.72 0.53
CA GLU A 1012 -32.46 17.82 1.13
C GLU A 1012 -31.35 17.47 0.12
N LEU A 1013 -31.66 16.64 -0.92
CA LEU A 1013 -30.73 16.22 -1.97
C LEU A 1013 -31.33 16.54 -3.33
N GLN A 1014 -31.03 17.73 -3.85
CA GLN A 1014 -31.52 18.20 -5.15
C GLN A 1014 -30.37 18.41 -6.16
N SER A 1015 -29.27 19.06 -5.73
CA SER A 1015 -28.11 19.33 -6.58
C SER A 1015 -26.85 18.71 -6.00
N PHE A 1016 -25.85 18.50 -6.85
CA PHE A 1016 -24.55 17.97 -6.42
C PHE A 1016 -23.87 18.85 -5.36
N ASP A 1017 -24.36 20.08 -5.13
CA ASP A 1017 -23.82 20.98 -4.11
C ASP A 1017 -24.23 20.51 -2.70
N ASP A 1018 -25.37 19.80 -2.56
CA ASP A 1018 -25.80 19.27 -1.27
C ASP A 1018 -24.85 18.13 -0.79
N ILE A 1019 -24.17 17.43 -1.73
CA ILE A 1019 -23.24 16.35 -1.42
C ILE A 1019 -21.83 16.94 -1.16
N ALA A 1020 -21.47 18.08 -1.79
CA ALA A 1020 -20.17 18.73 -1.63
C ALA A 1020 -19.59 18.77 -0.21
N TYR A 1021 -20.43 18.89 0.83
CA TYR A 1021 -19.95 18.89 2.21
C TYR A 1021 -19.14 17.60 2.55
N ILE A 1022 -19.53 16.42 2.02
CA ILE A 1022 -18.80 15.17 2.28
C ILE A 1022 -17.34 15.24 1.81
N ARG A 1023 -17.01 16.12 0.85
CA ARG A 1023 -15.62 16.26 0.38
C ARG A 1023 -14.78 17.06 1.37
N LYS A 1024 -15.42 18.00 2.13
CA LYS A 1024 -14.74 18.80 3.15
C LYS A 1024 -14.36 17.91 4.32
N THR A 1025 -15.29 17.03 4.75
CA THR A 1025 -15.04 16.16 5.90
C THR A 1025 -14.10 15.04 5.54
N LEU A 1026 -14.29 14.40 4.37
CA LEU A 1026 -13.39 13.33 3.93
C LEU A 1026 -12.04 13.88 3.40
N ALA A 1027 -11.90 15.22 3.21
CA ALA A 1027 -10.66 15.86 2.71
C ALA A 1027 -10.16 15.18 1.44
N LEU A 1028 -10.94 15.30 0.37
CA LEU A 1028 -10.63 14.64 -0.90
C LEU A 1028 -9.65 15.44 -1.78
N ASP A 1029 -9.52 16.76 -1.54
CA ASP A 1029 -8.56 17.60 -2.28
C ASP A 1029 -7.21 17.65 -1.54
N LYS A 1030 -6.84 16.56 -0.84
CA LYS A 1030 -5.62 16.44 -0.02
C LYS A 1030 -5.05 15.01 -0.16
N THR A 1031 -3.82 14.77 0.34
CA THR A 1031 -3.23 13.42 0.32
C THR A 1031 -3.83 12.61 1.49
N GLU A 1032 -3.64 11.27 1.54
CA GLU A 1032 -4.18 10.47 2.64
C GLU A 1032 -3.55 10.90 3.98
N GLN A 1033 -2.24 11.19 4.00
CA GLN A 1033 -1.57 11.63 5.23
C GLN A 1033 -2.08 13.02 5.66
N GLU A 1034 -2.30 13.92 4.71
CA GLU A 1034 -2.85 15.25 5.02
C GLU A 1034 -4.29 15.15 5.55
N ALA A 1035 -5.10 14.24 4.99
CA ALA A 1035 -6.48 14.01 5.42
C ALA A 1035 -6.49 13.39 6.82
N LEU A 1036 -5.53 12.50 7.14
CA LEU A 1036 -5.43 11.91 8.48
C LEU A 1036 -5.09 13.00 9.50
N GLU A 1037 -4.17 13.91 9.15
CA GLU A 1037 -3.78 15.02 10.02
C GLU A 1037 -4.96 15.98 10.19
N TYR A 1038 -5.74 16.22 9.11
CA TYR A 1038 -6.94 17.06 9.15
C TYR A 1038 -7.95 16.49 10.14
N PHE A 1039 -8.19 15.17 10.08
CA PHE A 1039 -9.13 14.51 10.98
C PHE A 1039 -8.60 14.52 12.42
N MET A 1040 -7.30 14.33 12.60
CA MET A 1040 -6.69 14.39 13.93
C MET A 1040 -6.83 15.78 14.52
N LYS A 1041 -6.68 16.84 13.69
CA LYS A 1041 -6.83 18.22 14.13
C LYS A 1041 -8.26 18.44 14.63
N GLN A 1042 -9.27 17.99 13.87
CA GLN A 1042 -10.67 18.15 14.25
C GLN A 1042 -11.05 17.32 15.48
N MET A 1043 -10.37 16.19 15.69
CA MET A 1043 -10.63 15.32 16.83
C MET A 1043 -9.93 15.83 18.10
N ASN A 1044 -8.76 16.46 17.96
CA ASN A 1044 -8.06 17.05 19.11
C ASN A 1044 -8.75 18.34 19.52
N ASP A 1045 -9.30 19.12 18.57
CA ASP A 1045 -10.08 20.32 18.87
C ASP A 1045 -11.38 19.95 19.61
N ALA A 1046 -11.95 18.78 19.32
CA ALA A 1046 -13.16 18.29 19.99
C ALA A 1046 -12.98 18.08 21.50
N ARG A 1047 -11.74 17.83 21.94
CA ARG A 1047 -11.42 17.66 23.37
C ARG A 1047 -11.58 19.04 24.06
N HIS A 1048 -11.10 20.11 23.41
CA HIS A 1048 -11.24 21.48 23.92
C HIS A 1048 -12.72 21.90 23.83
N GLY A 1049 -13.37 21.56 22.71
CA GLY A 1049 -14.79 21.82 22.47
C GLY A 1049 -15.76 21.08 23.38
N GLY A 1050 -15.31 20.00 24.01
CA GLY A 1050 -16.12 19.25 24.97
C GLY A 1050 -16.08 19.91 26.34
N TRP A 1051 -16.42 21.23 26.39
CA TRP A 1051 -16.38 22.03 27.60
C TRP A 1051 -17.51 21.67 28.55
N THR A 1052 -17.19 21.44 29.83
CA THR A 1052 -18.20 21.15 30.84
C THR A 1052 -18.80 22.50 31.26
N THR A 1053 -19.73 23.04 30.45
CA THR A 1053 -20.35 24.35 30.66
C THR A 1053 -21.35 24.33 31.83
N LYS A 1054 -21.25 25.33 32.72
CA LYS A 1054 -22.15 25.48 33.88
C LYS A 1054 -23.51 26.02 33.42
N MET A 1055 -24.39 25.11 33.02
CA MET A 1055 -25.73 25.46 32.55
C MET A 1055 -26.70 24.31 32.84
N ASP A 1056 -27.97 24.66 33.10
CA ASP A 1056 -29.00 23.66 33.35
C ASP A 1056 -29.29 22.84 32.09
N TRP A 1057 -29.76 21.60 32.27
CA TRP A 1057 -30.03 20.70 31.14
C TRP A 1057 -31.36 20.92 30.46
N ILE A 1058 -32.35 21.52 31.14
CA ILE A 1058 -33.67 21.69 30.54
C ILE A 1058 -33.63 22.82 29.50
N PHE A 1059 -33.23 24.03 29.90
CA PHE A 1059 -33.23 25.19 29.01
C PHE A 1059 -31.87 25.67 28.51
N HIS A 1060 -30.75 25.20 29.12
CA HIS A 1060 -29.38 25.59 28.73
C HIS A 1060 -29.12 27.08 28.90
N THR A 1061 -29.08 27.56 30.16
CA THR A 1061 -28.86 28.97 30.49
C THR A 1061 -27.61 29.11 31.38
N ILE A 1062 -26.67 29.98 31.02
CA ILE A 1062 -25.44 30.19 31.82
C ILE A 1062 -25.63 31.44 32.72
N LYS A 1063 -24.96 31.46 33.90
CA LYS A 1063 -25.05 32.58 34.86
C LYS A 1063 -24.37 33.84 34.28
N SER B 27 -0.65 41.88 -10.71
CA SER B 27 -1.79 42.73 -10.39
C SER B 27 -3.10 41.91 -10.41
N LEU B 28 -3.08 40.71 -9.82
CA LEU B 28 -4.25 39.82 -9.79
C LEU B 28 -5.30 40.25 -8.75
N GLN B 29 -4.86 40.78 -7.58
CA GLN B 29 -5.80 41.26 -6.56
C GLN B 29 -6.55 42.52 -7.03
N ASP B 30 -5.89 43.36 -7.85
CA ASP B 30 -6.52 44.56 -8.40
C ASP B 30 -7.59 44.20 -9.46
N ALA B 31 -7.46 43.04 -10.14
CA ALA B 31 -8.41 42.61 -11.17
C ALA B 31 -9.80 42.30 -10.62
N GLU B 32 -10.83 42.74 -11.35
CA GLU B 32 -12.23 42.54 -10.98
C GLU B 32 -12.68 41.08 -11.13
N TRP B 33 -12.20 40.38 -12.16
CA TRP B 33 -12.58 38.99 -12.45
C TRP B 33 -11.95 37.94 -11.51
N TYR B 34 -10.91 38.29 -10.71
CA TYR B 34 -10.30 37.31 -9.80
C TYR B 34 -11.15 37.22 -8.51
N TRP B 35 -11.72 36.03 -8.23
CA TRP B 35 -12.58 35.79 -7.08
C TRP B 35 -11.98 34.83 -6.03
N GLY B 36 -10.92 35.27 -5.36
CA GLY B 36 -10.25 34.56 -4.25
C GLY B 36 -10.37 33.04 -4.21
N ASP B 37 -11.19 32.50 -3.27
CA ASP B 37 -11.39 31.06 -3.11
C ASP B 37 -12.90 30.67 -3.01
N ILE B 38 -13.69 31.08 -4.00
CA ILE B 38 -15.13 30.76 -4.01
C ILE B 38 -15.39 29.31 -4.42
N SER B 39 -16.50 28.74 -3.94
CA SER B 39 -16.87 27.36 -4.24
C SER B 39 -17.44 27.21 -5.66
N ARG B 40 -17.57 25.96 -6.13
CA ARG B 40 -18.13 25.67 -7.45
C ARG B 40 -19.63 26.04 -7.52
N GLU B 41 -20.36 25.92 -6.38
CA GLU B 41 -21.77 26.28 -6.31
C GLU B 41 -21.98 27.77 -6.63
N GLU B 42 -21.14 28.66 -6.06
CA GLU B 42 -21.27 30.10 -6.27
C GLU B 42 -20.87 30.56 -7.68
N VAL B 43 -20.03 29.78 -8.39
CA VAL B 43 -19.62 30.10 -9.76
C VAL B 43 -20.81 29.86 -10.70
N ASN B 44 -21.45 28.68 -10.60
CA ASN B 44 -22.61 28.34 -11.42
C ASN B 44 -23.83 29.19 -11.07
N GLU B 45 -23.95 29.66 -9.81
CA GLU B 45 -25.04 30.54 -9.38
C GLU B 45 -24.87 31.91 -10.04
N LYS B 46 -23.63 32.43 -10.07
CA LYS B 46 -23.31 33.72 -10.67
C LYS B 46 -23.12 33.63 -12.21
N LEU B 47 -23.62 32.56 -12.86
CA LEU B 47 -23.55 32.36 -14.31
C LEU B 47 -24.81 31.60 -14.76
N ARG B 48 -25.92 32.32 -14.99
CA ARG B 48 -27.17 31.70 -15.41
C ARG B 48 -27.80 32.54 -16.55
N ASP B 49 -28.23 33.78 -16.28
CA ASP B 49 -28.77 34.66 -17.32
C ASP B 49 -27.66 35.06 -18.30
N THR B 50 -26.42 35.27 -17.79
CA THR B 50 -25.26 35.60 -18.62
C THR B 50 -24.88 34.33 -19.36
N ALA B 51 -25.39 34.17 -20.60
CA ALA B 51 -25.19 32.97 -21.40
C ALA B 51 -24.59 33.26 -22.79
N ASP B 52 -23.31 33.65 -22.83
CA ASP B 52 -22.62 33.94 -24.08
C ASP B 52 -21.08 33.66 -23.97
N GLY B 53 -20.32 34.55 -23.35
CA GLY B 53 -18.89 34.39 -23.16
C GLY B 53 -18.41 35.08 -21.89
N THR B 54 -19.21 34.94 -20.82
CA THR B 54 -18.93 35.54 -19.51
C THR B 54 -17.83 34.70 -18.82
N PHE B 55 -16.95 35.30 -18.00
CA PHE B 55 -15.84 34.56 -17.40
C PHE B 55 -15.35 35.09 -16.04
N LEU B 56 -14.60 34.25 -15.30
CA LEU B 56 -13.98 34.60 -14.01
C LEU B 56 -12.84 33.61 -13.68
N VAL B 57 -11.88 34.04 -12.82
CA VAL B 57 -10.72 33.23 -12.41
C VAL B 57 -10.73 33.07 -10.87
N ARG B 58 -10.22 31.94 -10.37
CA ARG B 58 -10.16 31.62 -8.93
C ARG B 58 -9.03 30.59 -8.64
N ASP B 59 -8.70 30.35 -7.36
CA ASP B 59 -7.65 29.37 -7.03
C ASP B 59 -8.08 27.93 -7.34
N ALA B 60 -7.19 27.12 -7.94
CA ALA B 60 -7.51 25.73 -8.26
C ALA B 60 -7.60 24.89 -6.99
N SER B 61 -6.63 25.04 -6.06
CA SER B 61 -6.60 24.33 -4.79
C SER B 61 -5.61 25.00 -3.81
N THR B 62 -5.77 24.73 -2.50
CA THR B 62 -4.87 25.26 -1.46
C THR B 62 -3.46 24.62 -1.60
N LYS B 63 -3.40 23.35 -2.02
CA LYS B 63 -2.15 22.61 -2.19
C LYS B 63 -1.34 23.16 -3.35
N MET B 64 -2.02 23.53 -4.45
CA MET B 64 -1.34 24.10 -5.62
C MET B 64 -0.98 25.56 -5.28
N HIS B 65 -2.00 26.39 -4.91
CA HIS B 65 -1.89 27.82 -4.54
C HIS B 65 -1.48 28.73 -5.74
N GLY B 66 -0.29 28.48 -6.31
CA GLY B 66 0.23 29.24 -7.46
C GLY B 66 -0.46 28.96 -8.77
N ASP B 67 -1.24 27.84 -8.87
CA ASP B 67 -1.99 27.48 -10.07
C ASP B 67 -3.45 27.88 -9.86
N TYR B 68 -4.05 28.55 -10.86
CA TYR B 68 -5.42 29.07 -10.83
C TYR B 68 -6.29 28.41 -11.93
N THR B 69 -7.62 28.67 -11.92
CA THR B 69 -8.56 28.12 -12.92
C THR B 69 -9.46 29.22 -13.49
N LEU B 70 -9.77 29.12 -14.79
CA LEU B 70 -10.59 30.09 -15.53
C LEU B 70 -11.89 29.42 -15.97
N THR B 71 -13.03 29.93 -15.51
CA THR B 71 -14.32 29.39 -15.91
C THR B 71 -14.88 30.28 -17.01
N LEU B 72 -15.19 29.70 -18.18
CA LEU B 72 -15.74 30.41 -19.33
C LEU B 72 -17.14 29.84 -19.64
N ARG B 73 -18.05 30.64 -20.23
CA ARG B 73 -19.41 30.20 -20.51
C ARG B 73 -19.53 29.19 -21.67
N LYS B 74 -19.04 29.55 -22.89
CA LYS B 74 -19.12 28.70 -24.08
C LYS B 74 -20.65 28.55 -24.50
N GLY B 75 -21.08 27.41 -25.08
CA GLY B 75 -22.45 27.22 -25.53
C GLY B 75 -23.38 26.64 -24.49
N GLY B 76 -23.52 27.33 -23.36
CA GLY B 76 -24.41 26.93 -22.27
C GLY B 76 -23.70 26.39 -21.04
N ASN B 77 -22.94 25.29 -21.20
CA ASN B 77 -22.24 24.67 -20.08
C ASN B 77 -21.05 25.51 -19.64
N ASN B 78 -20.88 25.71 -18.33
CA ASN B 78 -19.77 26.49 -17.78
C ASN B 78 -18.50 25.61 -17.80
N LYS B 79 -17.59 25.87 -18.75
CA LYS B 79 -16.36 25.10 -18.95
C LYS B 79 -15.23 25.63 -18.04
N LEU B 80 -14.38 24.73 -17.52
CA LEU B 80 -13.27 25.09 -16.63
C LEU B 80 -11.93 24.79 -17.32
N ILE B 81 -11.03 25.79 -17.44
CA ILE B 81 -9.72 25.66 -18.09
C ILE B 81 -8.64 26.08 -17.08
N LYS B 82 -7.67 25.21 -16.78
CA LYS B 82 -6.64 25.49 -15.78
C LYS B 82 -5.49 26.32 -16.33
N ILE B 83 -4.95 27.23 -15.49
CA ILE B 83 -3.81 28.08 -15.84
C ILE B 83 -2.63 27.44 -15.13
N PHE B 84 -1.78 26.72 -15.88
CA PHE B 84 -0.62 26.04 -15.31
C PHE B 84 0.47 27.05 -14.94
N HIS B 85 1.37 26.64 -14.01
CA HIS B 85 2.47 27.49 -13.55
C HIS B 85 3.75 26.69 -13.32
N ARG B 86 4.72 26.78 -14.25
CA ARG B 86 6.03 26.14 -14.14
C ARG B 86 7.06 27.04 -14.83
N ASP B 87 8.27 27.14 -14.23
CA ASP B 87 9.38 27.99 -14.71
C ASP B 87 8.98 29.49 -14.75
N GLY B 88 8.06 29.92 -13.89
CA GLY B 88 7.60 31.30 -13.82
C GLY B 88 6.53 31.68 -14.84
N LYS B 89 6.64 31.16 -16.08
CA LYS B 89 5.69 31.46 -17.16
C LYS B 89 4.36 30.71 -16.95
N TYR B 90 3.26 31.32 -17.43
CA TYR B 90 1.90 30.76 -17.34
C TYR B 90 1.34 30.40 -18.72
N GLY B 91 0.29 29.58 -18.77
CA GLY B 91 -0.35 29.19 -20.01
C GLY B 91 -1.27 27.99 -19.86
N PHE B 92 -1.93 27.59 -20.97
CA PHE B 92 -2.84 26.44 -20.98
C PHE B 92 -2.14 25.21 -21.58
N SER B 93 -1.57 25.34 -22.79
CA SER B 93 -0.88 24.26 -23.50
C SER B 93 0.67 24.40 -23.32
N ASP B 94 1.49 23.57 -24.02
CA ASP B 94 2.96 23.65 -23.93
C ASP B 94 3.54 25.08 -24.12
N PRO B 95 3.19 25.87 -25.17
CA PRO B 95 3.77 27.22 -25.30
C PRO B 95 3.31 28.18 -24.21
N LEU B 96 4.15 28.37 -23.18
CA LEU B 96 3.85 29.25 -22.05
C LEU B 96 4.40 30.63 -22.38
N THR B 97 3.79 31.29 -23.39
CA THR B 97 4.22 32.60 -23.88
C THR B 97 3.58 33.76 -23.08
N PHE B 98 3.39 33.58 -21.76
CA PHE B 98 2.77 34.62 -20.91
C PHE B 98 3.55 34.70 -19.60
N SER B 99 3.92 35.92 -19.18
CA SER B 99 4.71 36.12 -17.95
C SER B 99 3.85 36.14 -16.67
N SER B 100 2.58 36.61 -16.75
CA SER B 100 1.70 36.65 -15.58
C SER B 100 0.28 36.14 -15.91
N VAL B 101 -0.52 35.85 -14.87
CA VAL B 101 -1.91 35.41 -15.02
C VAL B 101 -2.73 36.57 -15.62
N VAL B 102 -2.47 37.82 -15.17
CA VAL B 102 -3.17 38.99 -15.70
C VAL B 102 -2.86 39.15 -17.19
N GLU B 103 -1.58 39.01 -17.58
CA GLU B 103 -1.18 39.09 -18.99
C GLU B 103 -1.90 38.01 -19.82
N LEU B 104 -1.99 36.78 -19.30
CA LEU B 104 -2.66 35.67 -19.98
C LEU B 104 -4.13 35.99 -20.30
N ILE B 105 -4.88 36.57 -19.35
CA ILE B 105 -6.30 36.90 -19.55
C ILE B 105 -6.46 38.09 -20.52
N ASN B 106 -5.68 39.17 -20.31
CA ASN B 106 -5.71 40.35 -21.18
C ASN B 106 -5.31 40.01 -22.62
N HIS B 107 -4.41 39.02 -22.82
CA HIS B 107 -3.99 38.57 -24.16
C HIS B 107 -5.19 37.95 -24.91
N TYR B 108 -5.95 37.07 -24.24
CA TYR B 108 -7.11 36.41 -24.88
C TYR B 108 -8.32 37.36 -25.08
N ARG B 109 -8.37 38.52 -24.41
CA ARG B 109 -9.42 39.52 -24.65
C ARG B 109 -9.13 40.20 -25.99
N ASN B 110 -7.84 40.53 -26.27
CA ASN B 110 -7.42 41.16 -27.52
C ASN B 110 -7.52 40.18 -28.69
N GLU B 111 -7.34 38.86 -28.45
CA GLU B 111 -7.48 37.84 -29.50
C GLU B 111 -8.96 37.74 -29.95
N SER B 112 -9.91 37.94 -29.02
CA SER B 112 -11.34 37.95 -29.34
C SER B 112 -11.68 39.13 -30.26
N LEU B 113 -11.15 40.32 -29.97
CA LEU B 113 -11.39 41.53 -30.77
C LEU B 113 -10.48 41.51 -32.01
N LEU B 124 -13.82 35.24 -25.07
CA LEU B 124 -13.99 36.00 -23.83
C LEU B 124 -14.66 37.34 -24.12
N LEU B 125 -15.74 37.69 -23.38
CA LEU B 125 -16.47 38.94 -23.56
C LEU B 125 -16.71 39.74 -22.23
N TYR B 126 -17.53 39.22 -21.29
CA TYR B 126 -17.92 39.96 -20.08
C TYR B 126 -17.26 39.43 -18.79
N PRO B 127 -16.49 40.22 -17.99
CA PRO B 127 -15.95 39.68 -16.74
C PRO B 127 -16.94 39.80 -15.59
N VAL B 128 -16.96 38.83 -14.66
CA VAL B 128 -17.87 38.88 -13.51
C VAL B 128 -17.14 39.75 -12.48
N SER B 129 -17.52 41.03 -12.42
CA SER B 129 -16.85 41.99 -11.55
C SER B 129 -17.35 41.98 -10.11
N LYS B 130 -16.42 41.81 -9.15
CA LYS B 130 -16.73 41.86 -7.72
C LYS B 130 -16.78 43.31 -7.21
N TYR B 131 -16.00 44.23 -7.83
CA TYR B 131 -15.96 45.64 -7.45
C TYR B 131 -17.19 46.42 -7.95
N GLN B 132 -17.58 46.23 -9.23
CA GLN B 132 -18.73 46.94 -9.81
C GLN B 132 -20.08 46.47 -9.22
N GLN B 133 -20.65 47.31 -8.34
CA GLN B 133 -21.95 47.05 -7.69
C GLN B 133 -22.64 48.40 -7.40
N ASP B 134 -23.14 49.05 -8.46
CA ASP B 134 -23.80 50.36 -8.37
C ASP B 134 -25.15 50.30 -7.62
N GLN B 135 -25.48 51.38 -6.86
CA GLN B 135 -26.72 51.49 -6.09
C GLN B 135 -27.76 52.28 -6.89
N ASN B 141 -22.06 56.76 1.66
CA ASN B 141 -21.27 56.71 2.87
C ASN B 141 -21.57 55.45 3.71
N ILE B 142 -20.63 55.08 4.61
CA ILE B 142 -20.75 53.89 5.49
C ILE B 142 -22.04 53.84 6.33
N GLU B 143 -22.53 54.99 6.82
CA GLU B 143 -23.75 55.06 7.63
C GLU B 143 -25.00 54.74 6.77
N ALA B 144 -25.08 55.31 5.56
CA ALA B 144 -26.21 55.11 4.65
C ALA B 144 -26.28 53.70 4.09
N VAL B 145 -25.14 53.10 3.74
CA VAL B 145 -25.09 51.74 3.18
C VAL B 145 -25.61 50.73 4.22
N GLY B 146 -25.22 50.89 5.49
CA GLY B 146 -25.64 50.01 6.57
C GLY B 146 -27.10 50.12 6.97
N LYS B 147 -27.65 51.35 7.06
CA LYS B 147 -29.06 51.54 7.44
C LYS B 147 -30.02 51.08 6.33
N LYS B 148 -29.68 51.37 5.06
CA LYS B 148 -30.51 50.94 3.93
C LYS B 148 -30.45 49.42 3.71
N LEU B 149 -29.34 48.75 4.11
CA LEU B 149 -29.23 47.29 4.03
C LEU B 149 -30.26 46.64 4.96
N HIS B 150 -30.41 47.18 6.19
CA HIS B 150 -31.41 46.70 7.15
C HIS B 150 -32.83 46.88 6.59
N GLU B 151 -33.07 47.99 5.86
CA GLU B 151 -34.36 48.27 5.23
C GLU B 151 -34.68 47.25 4.13
N TYR B 152 -33.69 46.94 3.25
CA TYR B 152 -33.89 45.96 2.18
C TYR B 152 -34.05 44.55 2.75
N ASN B 153 -33.32 44.21 3.82
CA ASN B 153 -33.43 42.90 4.47
C ASN B 153 -34.79 42.75 5.14
N THR B 154 -35.29 43.81 5.81
CA THR B 154 -36.60 43.79 6.47
C THR B 154 -37.69 43.62 5.41
N GLN B 155 -37.61 44.36 4.30
CA GLN B 155 -38.59 44.28 3.21
C GLN B 155 -38.54 42.91 2.53
N PHE B 156 -37.33 42.35 2.30
CA PHE B 156 -37.17 41.03 1.69
C PHE B 156 -37.78 39.93 2.57
N GLN B 157 -37.62 40.01 3.91
CA GLN B 157 -38.17 39.02 4.83
C GLN B 157 -39.70 39.14 4.96
N GLU B 158 -40.27 40.34 4.80
CA GLU B 158 -41.73 40.53 4.85
C GLU B 158 -42.36 39.96 3.57
N LYS B 159 -41.69 40.14 2.40
CA LYS B 159 -42.19 39.58 1.13
C LYS B 159 -41.94 38.06 1.07
N SER B 160 -40.87 37.56 1.71
CA SER B 160 -40.59 36.12 1.77
C SER B 160 -41.68 35.44 2.60
N ARG B 161 -42.10 36.06 3.71
CA ARG B 161 -43.17 35.55 4.57
C ARG B 161 -44.48 35.45 3.78
N GLU B 162 -44.81 36.46 2.93
CA GLU B 162 -46.02 36.44 2.10
C GLU B 162 -45.97 35.31 1.07
N TYR B 163 -44.78 35.01 0.51
CA TYR B 163 -44.62 33.91 -0.44
C TYR B 163 -44.85 32.56 0.25
N ASP B 164 -44.44 32.42 1.52
CA ASP B 164 -44.68 31.19 2.28
C ASP B 164 -46.18 31.01 2.51
N ARG B 165 -46.90 32.11 2.84
CA ARG B 165 -48.36 32.06 3.06
C ARG B 165 -49.05 31.70 1.75
N LEU B 166 -48.63 32.32 0.63
CA LEU B 166 -49.22 32.05 -0.68
C LEU B 166 -48.94 30.62 -1.12
N TYR B 167 -47.73 30.10 -0.87
CA TYR B 167 -47.39 28.73 -1.26
C TYR B 167 -48.14 27.68 -0.45
N GLU B 168 -48.32 27.91 0.86
CA GLU B 168 -49.05 26.97 1.72
C GLU B 168 -50.51 26.87 1.24
N GLU B 169 -51.15 28.00 0.93
CA GLU B 169 -52.52 28.00 0.43
C GLU B 169 -52.58 27.45 -1.00
N TYR B 170 -51.55 27.69 -1.82
CA TYR B 170 -51.44 27.17 -3.19
C TYR B 170 -51.48 25.64 -3.21
N THR B 171 -50.69 24.99 -2.35
CA THR B 171 -50.61 23.53 -2.28
C THR B 171 -51.89 22.95 -1.66
N ARG B 172 -52.43 23.61 -0.62
CA ARG B 172 -53.69 23.21 0.03
C ARG B 172 -54.82 23.22 -1.00
N THR B 173 -54.90 24.30 -1.81
CA THR B 173 -55.91 24.47 -2.87
C THR B 173 -55.72 23.42 -3.96
N SER B 174 -54.47 23.15 -4.37
CA SER B 174 -54.20 22.16 -5.40
C SER B 174 -54.62 20.77 -4.94
N GLN B 175 -54.34 20.40 -3.68
CA GLN B 175 -54.73 19.10 -3.12
C GLN B 175 -56.25 18.99 -3.08
N GLU B 176 -56.95 20.04 -2.62
CA GLU B 176 -58.40 20.05 -2.54
C GLU B 176 -59.07 20.00 -3.91
N ILE B 177 -58.46 20.58 -4.95
CA ILE B 177 -59.01 20.55 -6.30
C ILE B 177 -58.99 19.13 -6.85
N GLN B 178 -57.85 18.41 -6.68
CA GLN B 178 -57.74 17.02 -7.18
C GLN B 178 -58.75 16.11 -6.48
N MET B 179 -59.07 16.36 -5.20
CA MET B 179 -60.05 15.57 -4.46
C MET B 179 -61.43 15.82 -5.02
N LYS B 180 -61.79 17.09 -5.23
CA LYS B 180 -63.08 17.45 -5.79
C LYS B 180 -63.23 16.89 -7.20
N ARG B 181 -62.14 16.88 -8.00
CA ARG B 181 -62.18 16.35 -9.37
C ARG B 181 -62.54 14.86 -9.39
N THR B 182 -62.00 14.06 -8.43
CA THR B 182 -62.31 12.63 -8.35
C THR B 182 -63.67 12.42 -7.69
N ALA B 183 -64.06 13.25 -6.71
CA ALA B 183 -65.39 13.17 -6.10
C ALA B 183 -66.50 13.35 -7.15
N ILE B 184 -66.25 14.15 -8.22
CA ILE B 184 -67.19 14.35 -9.32
C ILE B 184 -67.25 13.06 -10.15
N GLU B 185 -66.10 12.41 -10.42
CA GLU B 185 -66.05 11.13 -11.15
C GLU B 185 -66.84 10.07 -10.39
N ALA B 186 -66.73 10.05 -9.04
CA ALA B 186 -67.44 9.11 -8.19
C ALA B 186 -68.94 9.38 -8.23
N PHE B 187 -69.36 10.67 -8.14
CA PHE B 187 -70.77 11.05 -8.23
C PHE B 187 -71.35 10.68 -9.59
N ASN B 188 -70.57 10.84 -10.68
CA ASN B 188 -71.00 10.48 -12.03
C ASN B 188 -71.29 8.99 -12.10
N GLU B 189 -70.38 8.14 -11.56
CA GLU B 189 -70.60 6.70 -11.56
C GLU B 189 -71.78 6.32 -10.66
N THR B 190 -71.97 7.03 -9.54
CA THR B 190 -73.09 6.77 -8.63
C THR B 190 -74.41 7.05 -9.36
N ILE B 191 -74.50 8.19 -10.06
CA ILE B 191 -75.68 8.59 -10.84
C ILE B 191 -75.96 7.57 -11.94
N LYS B 192 -74.91 7.10 -12.64
CA LYS B 192 -75.07 6.08 -13.67
C LYS B 192 -75.68 4.78 -13.10
N ILE B 193 -75.28 4.38 -11.86
CA ILE B 193 -75.80 3.17 -11.20
C ILE B 193 -77.30 3.35 -10.88
N PHE B 194 -77.67 4.49 -10.28
CA PHE B 194 -79.08 4.77 -9.96
C PHE B 194 -79.93 4.94 -11.22
N GLU B 195 -79.35 5.42 -12.34
CA GLU B 195 -80.07 5.55 -13.61
C GLU B 195 -80.37 4.14 -14.17
N GLU B 196 -79.39 3.21 -14.05
CA GLU B 196 -79.56 1.79 -14.45
C GLU B 196 -80.62 1.11 -13.59
N GLN B 197 -80.72 1.50 -12.30
CA GLN B 197 -81.72 1.00 -11.37
C GLN B 197 -83.12 1.49 -11.77
N CYS B 198 -83.23 2.73 -12.30
CA CYS B 198 -84.50 3.26 -12.78
C CYS B 198 -84.96 2.48 -14.00
N GLN B 199 -84.05 2.22 -14.94
CA GLN B 199 -84.38 1.45 -16.14
C GLN B 199 -84.71 -0.01 -15.80
N THR B 200 -84.15 -0.55 -14.69
CA THR B 200 -84.46 -1.89 -14.19
C THR B 200 -85.87 -1.91 -13.58
N GLN B 201 -86.23 -0.86 -12.82
N GLN B 201 -86.24 -0.86 -12.82
CA GLN B 201 -87.56 -0.75 -12.21
CA GLN B 201 -87.57 -0.78 -12.22
C GLN B 201 -88.61 -0.53 -13.30
C GLN B 201 -88.63 -0.52 -13.29
N GLU B 202 -88.35 0.36 -14.25
CA GLU B 202 -89.30 0.64 -15.34
C GLU B 202 -89.58 -0.62 -16.19
N ARG B 203 -88.60 -1.53 -16.30
CA ARG B 203 -88.73 -2.77 -17.07
C ARG B 203 -89.50 -3.85 -16.29
N TYR B 204 -89.13 -4.12 -15.02
CA TYR B 204 -89.79 -5.16 -14.22
C TYR B 204 -91.18 -4.75 -13.74
N SER B 205 -91.33 -3.51 -13.24
CA SER B 205 -92.64 -3.04 -12.78
C SER B 205 -93.65 -2.90 -13.92
N LYS B 206 -93.19 -2.69 -15.17
CA LYS B 206 -94.06 -2.55 -16.34
C LYS B 206 -95.15 -3.62 -16.43
N GLU B 207 -94.79 -4.91 -16.24
CA GLU B 207 -95.75 -6.00 -16.34
C GLU B 207 -96.63 -6.15 -15.09
N TYR B 208 -96.11 -5.83 -13.88
CA TYR B 208 -96.91 -5.91 -12.65
C TYR B 208 -97.94 -4.78 -12.58
N ILE B 209 -97.57 -3.56 -13.01
CA ILE B 209 -98.49 -2.42 -13.01
C ILE B 209 -99.68 -2.72 -13.94
N GLU B 210 -99.43 -3.37 -15.10
CA GLU B 210 -100.48 -3.77 -16.04
C GLU B 210 -101.44 -4.77 -15.37
N LYS B 211 -100.92 -5.70 -14.55
CA LYS B 211 -101.73 -6.67 -13.82
C LYS B 211 -102.60 -5.97 -12.78
N PHE B 212 -102.02 -5.09 -11.94
CA PHE B 212 -102.77 -4.42 -10.90
C PHE B 212 -103.80 -3.41 -11.44
N LYS B 213 -103.50 -2.75 -12.58
CA LYS B 213 -104.47 -1.84 -13.20
C LYS B 213 -105.70 -2.65 -13.65
N ARG B 214 -105.47 -3.83 -14.26
CA ARG B 214 -106.55 -4.72 -14.70
C ARG B 214 -107.34 -5.28 -13.52
N GLU B 215 -106.65 -5.71 -12.46
CA GLU B 215 -107.29 -6.25 -11.26
C GLU B 215 -107.95 -5.17 -10.37
N GLY B 216 -107.69 -3.89 -10.63
CA GLY B 216 -108.24 -2.80 -9.83
C GLY B 216 -107.60 -2.67 -8.47
N ASN B 217 -106.35 -3.16 -8.31
CA ASN B 217 -105.61 -3.12 -7.06
C ASN B 217 -104.79 -1.83 -7.02
N GLU B 218 -105.43 -0.72 -6.63
CA GLU B 218 -104.79 0.59 -6.56
C GLU B 218 -103.77 0.68 -5.41
N LYS B 219 -103.96 -0.11 -4.33
CA LYS B 219 -103.02 -0.12 -3.21
C LYS B 219 -101.62 -0.52 -3.67
N GLU B 220 -101.51 -1.59 -4.47
CA GLU B 220 -100.23 -2.07 -4.96
C GLU B 220 -99.63 -1.18 -6.04
N ILE B 221 -100.45 -0.42 -6.79
CA ILE B 221 -99.94 0.52 -7.79
C ILE B 221 -99.31 1.68 -7.02
N GLN B 222 -100.02 2.23 -6.00
CA GLN B 222 -99.49 3.33 -5.19
C GLN B 222 -98.30 2.91 -4.32
N ARG B 223 -98.15 1.61 -3.99
CA ARG B 223 -97.03 1.11 -3.22
C ARG B 223 -95.76 1.04 -4.08
N ILE B 224 -95.91 0.62 -5.35
CA ILE B 224 -94.79 0.58 -6.29
C ILE B 224 -94.42 2.03 -6.67
N MET B 225 -95.43 2.91 -6.85
CA MET B 225 -95.15 4.32 -7.16
C MET B 225 -94.50 5.05 -5.98
N HIS B 226 -94.82 4.69 -4.72
CA HIS B 226 -94.19 5.30 -3.55
C HIS B 226 -92.68 5.00 -3.54
N ASN B 227 -92.29 3.79 -3.96
CA ASN B 227 -90.87 3.40 -4.04
C ASN B 227 -90.18 4.03 -5.24
N TYR B 228 -90.89 4.16 -6.38
CA TYR B 228 -90.33 4.77 -7.59
C TYR B 228 -90.02 6.25 -7.35
N ASP B 229 -90.98 7.00 -6.78
CA ASP B 229 -90.77 8.43 -6.49
C ASP B 229 -89.76 8.67 -5.35
N LYS B 230 -89.42 7.62 -4.55
CA LYS B 230 -88.37 7.67 -3.52
C LYS B 230 -87.02 7.54 -4.24
N LEU B 231 -86.91 6.60 -5.20
CA LEU B 231 -85.69 6.40 -5.99
C LEU B 231 -85.42 7.63 -6.85
N LYS B 232 -86.48 8.24 -7.42
CA LYS B 232 -86.30 9.41 -8.28
C LYS B 232 -85.90 10.63 -7.46
N SER B 233 -86.49 10.85 -6.27
CA SER B 233 -86.12 11.98 -5.42
C SER B 233 -84.67 11.82 -4.91
N ARG B 234 -84.22 10.58 -4.68
CA ARG B 234 -82.85 10.32 -4.24
C ARG B 234 -81.86 10.72 -5.33
N ILE B 235 -82.19 10.48 -6.62
CA ILE B 235 -81.33 10.87 -7.74
C ILE B 235 -81.21 12.39 -7.79
N SER B 236 -82.32 13.12 -7.57
CA SER B 236 -82.33 14.58 -7.54
C SER B 236 -81.37 15.09 -6.43
N GLU B 237 -81.40 14.45 -5.25
CA GLU B 237 -80.52 14.81 -4.14
C GLU B 237 -79.04 14.58 -4.50
N ILE B 238 -78.74 13.52 -5.27
CA ILE B 238 -77.37 13.20 -5.69
C ILE B 238 -76.90 14.19 -6.78
N ILE B 239 -77.74 14.46 -7.79
CA ILE B 239 -77.36 15.40 -8.86
C ILE B 239 -77.19 16.81 -8.27
N ASP B 240 -78.01 17.21 -7.28
CA ASP B 240 -77.87 18.51 -6.62
C ASP B 240 -76.54 18.57 -5.90
N SER B 241 -76.12 17.46 -5.25
CA SER B 241 -74.83 17.39 -4.55
C SER B 241 -73.67 17.47 -5.53
N ARG B 242 -73.77 16.79 -6.68
CA ARG B 242 -72.71 16.80 -7.70
C ARG B 242 -72.57 18.19 -8.32
N ARG B 243 -73.68 18.83 -8.74
CA ARG B 243 -73.66 20.18 -9.31
C ARG B 243 -73.20 21.24 -8.29
N ARG B 244 -73.54 21.03 -7.01
CA ARG B 244 -73.12 21.90 -5.89
C ARG B 244 -71.58 21.86 -5.76
N LEU B 245 -70.99 20.66 -5.91
CA LEU B 245 -69.55 20.46 -5.85
C LEU B 245 -68.87 20.93 -7.15
N GLU B 246 -69.57 20.88 -8.30
CA GLU B 246 -69.03 21.38 -9.57
C GLU B 246 -68.79 22.89 -9.47
N GLU B 247 -69.69 23.62 -8.80
CA GLU B 247 -69.54 25.06 -8.63
C GLU B 247 -68.43 25.35 -7.61
N ASP B 248 -68.31 24.55 -6.52
CA ASP B 248 -67.20 24.70 -5.56
C ASP B 248 -65.87 24.49 -6.27
N LEU B 249 -65.80 23.50 -7.17
CA LEU B 249 -64.59 23.20 -7.94
C LEU B 249 -64.30 24.35 -8.91
N LYS B 250 -65.34 24.88 -9.60
CA LYS B 250 -65.21 26.01 -10.53
C LYS B 250 -64.67 27.24 -9.78
N LYS B 251 -65.18 27.52 -8.58
CA LYS B 251 -64.73 28.67 -7.80
C LYS B 251 -63.35 28.44 -7.18
N GLN B 252 -63.04 27.21 -6.70
CA GLN B 252 -61.72 26.90 -6.17
C GLN B 252 -60.65 26.88 -7.27
N ALA B 253 -61.01 26.56 -8.52
CA ALA B 253 -60.07 26.62 -9.66
C ALA B 253 -59.70 28.09 -9.94
N ALA B 254 -60.69 29.00 -9.85
CA ALA B 254 -60.45 30.43 -10.04
C ALA B 254 -59.56 30.97 -8.91
N GLU B 255 -59.78 30.50 -7.66
CA GLU B 255 -58.98 30.89 -6.49
C GLU B 255 -57.52 30.46 -6.72
N TYR B 256 -57.32 29.23 -7.20
CA TYR B 256 -55.99 28.68 -7.49
C TYR B 256 -55.27 29.48 -8.55
N ARG B 257 -55.99 29.87 -9.63
CA ARG B 257 -55.39 30.66 -10.69
C ARG B 257 -54.98 32.04 -10.15
N GLU B 258 -55.77 32.64 -9.24
CA GLU B 258 -55.43 33.93 -8.64
C GLU B 258 -54.29 33.81 -7.62
N ILE B 259 -54.13 32.66 -6.93
CA ILE B 259 -53.01 32.45 -6.01
C ILE B 259 -51.72 32.36 -6.86
N ASP B 260 -51.77 31.62 -7.98
CA ASP B 260 -50.64 31.48 -8.89
C ASP B 260 -50.29 32.82 -9.56
N LYS B 261 -51.27 33.69 -9.86
CA LYS B 261 -50.98 35.01 -10.43
C LYS B 261 -50.23 35.86 -9.40
N ARG B 262 -50.66 35.82 -8.13
CA ARG B 262 -50.01 36.55 -7.03
C ARG B 262 -48.61 36.04 -6.77
N MET B 263 -48.38 34.72 -6.93
CA MET B 263 -47.06 34.14 -6.73
C MET B 263 -46.14 34.54 -7.88
N ASN B 264 -46.60 34.41 -9.14
CA ASN B 264 -45.82 34.77 -10.31
C ASN B 264 -45.55 36.29 -10.40
N SER B 265 -46.42 37.14 -9.82
CA SER B 265 -46.21 38.59 -9.80
C SER B 265 -45.18 38.98 -8.73
N ILE B 266 -45.12 38.25 -7.60
CA ILE B 266 -44.18 38.56 -6.50
C ILE B 266 -42.86 37.77 -6.59
N LYS B 267 -42.77 36.72 -7.43
CA LYS B 267 -41.51 35.97 -7.59
C LYS B 267 -40.40 36.87 -8.20
N PRO B 268 -40.62 37.64 -9.31
CA PRO B 268 -39.54 38.51 -9.81
C PRO B 268 -39.14 39.60 -8.81
N ASP B 269 -40.13 40.17 -8.07
CA ASP B 269 -39.85 41.17 -7.03
C ASP B 269 -38.96 40.57 -5.94
N LEU B 270 -39.20 39.29 -5.58
CA LEU B 270 -38.44 38.60 -4.56
C LEU B 270 -37.00 38.27 -4.99
N ILE B 271 -36.75 38.07 -6.29
CA ILE B 271 -35.39 37.73 -6.76
C ILE B 271 -34.55 39.02 -6.86
N GLN B 272 -35.10 40.11 -7.43
CA GLN B 272 -34.36 41.38 -7.51
C GLN B 272 -34.05 41.96 -6.12
N LEU B 273 -34.89 41.70 -5.10
CA LEU B 273 -34.61 42.16 -3.73
C LEU B 273 -33.50 41.31 -3.08
N ARG B 274 -33.39 40.02 -3.45
CA ARG B 274 -32.33 39.15 -2.97
C ARG B 274 -31.00 39.63 -3.56
N LYS B 275 -30.96 39.94 -4.87
CA LYS B 275 -29.74 40.43 -5.54
C LYS B 275 -29.35 41.83 -5.07
N THR B 276 -30.32 42.69 -4.71
CA THR B 276 -30.03 44.04 -4.24
C THR B 276 -29.41 43.98 -2.83
N ARG B 277 -30.03 43.26 -1.89
CA ARG B 277 -29.51 43.14 -0.53
C ARG B 277 -28.12 42.46 -0.48
N ASP B 278 -27.85 41.49 -1.37
CA ASP B 278 -26.54 40.82 -1.40
C ASP B 278 -25.44 41.75 -1.89
N GLN B 279 -25.77 42.73 -2.77
CA GLN B 279 -24.78 43.71 -3.24
C GLN B 279 -24.48 44.73 -2.14
N TYR B 280 -25.48 45.12 -1.35
CA TYR B 280 -25.28 46.06 -0.23
C TYR B 280 -24.39 45.43 0.84
N LEU B 281 -24.48 44.10 1.06
CA LEU B 281 -23.63 43.42 2.03
C LEU B 281 -22.19 43.27 1.50
N MET B 282 -22.02 42.97 0.20
CA MET B 282 -20.69 42.83 -0.43
C MET B 282 -19.90 44.16 -0.34
N TRP B 283 -20.56 45.31 -0.59
CA TRP B 283 -19.91 46.62 -0.51
C TRP B 283 -19.63 47.02 0.95
N LEU B 284 -20.48 46.57 1.89
CA LEU B 284 -20.31 46.84 3.33
C LEU B 284 -19.03 46.17 3.87
N THR B 285 -18.64 45.01 3.32
CA THR B 285 -17.42 44.30 3.74
C THR B 285 -16.15 45.00 3.21
N GLN B 286 -16.22 45.62 2.03
CA GLN B 286 -15.07 46.30 1.43
C GLN B 286 -14.82 47.65 2.10
N PRO C 2 53.85 -7.57 -12.72
CA PRO C 2 52.83 -7.86 -11.69
C PRO C 2 53.27 -7.47 -10.26
N PRO C 3 52.39 -7.49 -9.21
CA PRO C 3 52.87 -7.15 -7.85
C PRO C 3 54.02 -8.05 -7.36
N ARG C 4 54.90 -7.51 -6.50
CA ARG C 4 56.07 -8.26 -6.02
C ARG C 4 55.68 -9.46 -5.10
N PRO C 5 56.32 -10.65 -5.24
CA PRO C 5 55.96 -11.77 -4.34
C PRO C 5 56.57 -11.70 -2.94
N SER C 6 57.67 -10.92 -2.78
CA SER C 6 58.39 -10.75 -1.51
C SER C 6 58.87 -9.32 -1.36
N SER C 7 58.94 -8.80 -0.12
CA SER C 7 59.43 -7.45 0.13
C SER C 7 60.99 -7.38 0.22
N GLY C 8 61.69 -8.42 -0.27
CA GLY C 8 63.14 -8.48 -0.26
C GLY C 8 63.79 -7.39 -1.10
N GLU C 9 65.03 -7.03 -0.77
CA GLU C 9 65.74 -5.97 -1.51
C GLU C 9 66.29 -6.42 -2.87
N LEU C 10 66.31 -7.73 -3.13
CA LEU C 10 66.69 -8.34 -4.41
C LEU C 10 65.88 -9.64 -4.60
N TRP C 11 65.79 -10.13 -5.85
CA TRP C 11 65.03 -11.33 -6.16
C TRP C 11 65.58 -12.57 -5.41
N GLY C 12 64.77 -13.15 -4.53
CA GLY C 12 65.16 -14.32 -3.74
C GLY C 12 66.15 -14.06 -2.63
N ILE C 13 66.40 -12.78 -2.31
CA ILE C 13 67.33 -12.38 -1.26
C ILE C 13 66.60 -11.33 -0.43
N HIS C 14 66.35 -11.61 0.85
CA HIS C 14 65.64 -10.66 1.72
C HIS C 14 66.46 -9.39 1.96
N LEU C 15 67.71 -9.55 2.41
CA LEU C 15 68.57 -8.40 2.71
C LEU C 15 69.81 -8.44 1.86
N MET C 16 70.22 -7.26 1.35
CA MET C 16 71.46 -7.17 0.60
C MET C 16 72.65 -7.26 1.59
N PRO C 17 73.87 -7.74 1.20
CA PRO C 17 75.00 -7.68 2.14
C PRO C 17 75.41 -6.21 2.40
N PRO C 18 76.22 -5.89 3.45
CA PRO C 18 76.58 -4.47 3.68
C PRO C 18 77.13 -3.74 2.45
N ARG C 19 77.98 -4.41 1.65
CA ARG C 19 78.52 -3.90 0.39
C ARG C 19 78.16 -4.91 -0.71
N ILE C 20 77.81 -4.42 -1.91
CA ILE C 20 77.38 -5.26 -3.04
C ILE C 20 77.98 -4.75 -4.35
N LEU C 21 78.31 -5.66 -5.28
CA LEU C 21 78.90 -5.32 -6.58
C LEU C 21 77.77 -5.09 -7.60
N VAL C 22 77.62 -3.83 -8.06
CA VAL C 22 76.58 -3.42 -9.00
C VAL C 22 77.19 -3.24 -10.40
N GLU C 23 76.66 -3.97 -11.40
CA GLU C 23 77.15 -3.89 -12.78
C GLU C 23 76.55 -2.65 -13.44
N CYS C 24 77.32 -1.56 -13.54
CA CYS C 24 76.85 -0.30 -14.12
C CYS C 24 77.10 -0.24 -15.62
N LEU C 25 76.03 -0.11 -16.43
CA LEU C 25 76.12 -0.03 -17.89
C LEU C 25 76.13 1.45 -18.28
N LEU C 26 77.30 2.00 -18.63
CA LEU C 26 77.50 3.43 -18.94
C LEU C 26 76.85 3.90 -20.26
N PRO C 27 76.65 5.23 -20.53
CA PRO C 27 76.02 5.64 -21.80
C PRO C 27 76.95 5.60 -23.00
N ASN C 28 78.26 5.61 -22.77
CA ASN C 28 79.27 5.49 -23.83
C ASN C 28 79.37 4.05 -24.40
N GLY C 29 78.80 3.06 -23.70
CA GLY C 29 78.83 1.66 -24.11
C GLY C 29 79.63 0.75 -23.20
N MET C 30 80.40 1.32 -22.26
CA MET C 30 81.23 0.54 -21.35
C MET C 30 80.40 -0.09 -20.19
N ILE C 31 80.98 -1.12 -19.54
CA ILE C 31 80.37 -1.83 -18.41
C ILE C 31 81.39 -1.83 -17.24
N VAL C 32 81.01 -1.21 -16.11
CA VAL C 32 81.88 -1.05 -14.94
C VAL C 32 81.25 -1.69 -13.73
N THR C 33 81.92 -2.66 -13.09
CA THR C 33 81.41 -3.26 -11.86
C THR C 33 81.83 -2.33 -10.73
N LEU C 34 80.87 -1.81 -9.94
CA LEU C 34 81.15 -0.86 -8.86
C LEU C 34 80.68 -1.40 -7.51
N GLU C 35 81.52 -1.33 -6.47
CA GLU C 35 81.14 -1.79 -5.13
C GLU C 35 80.42 -0.64 -4.42
N CYS C 36 79.18 -0.89 -3.97
CA CYS C 36 78.34 0.13 -3.31
C CYS C 36 77.86 -0.38 -1.96
N LEU C 37 77.50 0.54 -1.05
CA LEU C 37 76.89 0.17 0.23
C LEU C 37 75.42 -0.10 -0.05
N ARG C 38 74.81 -1.09 0.63
CA ARG C 38 73.38 -1.38 0.42
C ARG C 38 72.48 -0.17 0.71
N GLU C 39 72.90 0.77 1.57
CA GLU C 39 72.11 1.96 1.91
C GLU C 39 72.52 3.21 1.11
N ALA C 40 73.43 3.11 0.14
CA ALA C 40 73.89 4.28 -0.60
C ALA C 40 72.81 4.84 -1.50
N THR C 41 72.70 6.17 -1.56
CA THR C 41 71.73 6.85 -2.41
C THR C 41 72.17 6.75 -3.87
N LEU C 42 71.23 6.87 -4.80
CA LEU C 42 71.58 6.88 -6.23
C LEU C 42 72.45 8.11 -6.56
N ILE C 43 72.36 9.21 -5.77
CA ILE C 43 73.19 10.40 -5.97
C ILE C 43 74.65 9.98 -5.72
N THR C 44 74.91 9.29 -4.61
CA THR C 44 76.25 8.82 -4.26
C THR C 44 76.74 7.80 -5.28
N ILE C 45 75.89 6.82 -5.64
CA ILE C 45 76.28 5.78 -6.59
C ILE C 45 76.62 6.39 -7.97
N LYS C 46 75.86 7.39 -8.44
CA LYS C 46 76.15 8.03 -9.73
C LYS C 46 77.45 8.82 -9.66
N HIS C 47 77.69 9.56 -8.56
CA HIS C 47 78.93 10.30 -8.40
C HIS C 47 80.15 9.37 -8.36
N GLU C 48 80.05 8.26 -7.61
CA GLU C 48 81.15 7.29 -7.51
C GLU C 48 81.35 6.57 -8.85
N LEU C 49 80.25 6.27 -9.58
CA LEU C 49 80.32 5.62 -10.88
C LEU C 49 81.08 6.50 -11.88
N PHE C 50 80.72 7.79 -11.99
CA PHE C 50 81.40 8.67 -12.95
C PHE C 50 82.88 8.93 -12.61
N LYS C 51 83.28 8.85 -11.31
CA LYS C 51 84.69 8.99 -10.95
C LYS C 51 85.46 7.78 -11.52
N GLU C 52 84.94 6.56 -11.30
CA GLU C 52 85.55 5.33 -11.78
C GLU C 52 85.46 5.20 -13.31
N ALA C 53 84.41 5.77 -13.93
CA ALA C 53 84.19 5.72 -15.37
C ALA C 53 85.31 6.41 -16.15
N ARG C 54 85.90 7.50 -15.62
CA ARG C 54 87.02 8.17 -16.27
C ARG C 54 88.25 7.26 -16.42
N LYS C 55 88.39 6.23 -15.56
CA LYS C 55 89.49 5.27 -15.64
C LYS C 55 89.28 4.34 -16.85
N TYR C 56 88.03 3.93 -17.11
CA TYR C 56 87.68 3.05 -18.23
C TYR C 56 87.75 3.78 -19.61
N PRO C 57 87.73 3.08 -20.78
CA PRO C 57 87.81 3.79 -22.06
C PRO C 57 86.56 4.60 -22.43
N LEU C 58 86.64 5.40 -23.52
CA LEU C 58 85.57 6.24 -24.05
C LEU C 58 85.07 7.30 -23.04
N HIS C 59 85.90 7.63 -22.02
CA HIS C 59 85.55 8.66 -21.03
C HIS C 59 85.31 10.04 -21.64
N GLN C 60 85.74 10.28 -22.89
CA GLN C 60 85.54 11.54 -23.57
C GLN C 60 84.06 11.75 -23.95
N LEU C 61 83.32 10.65 -24.20
CA LEU C 61 81.90 10.69 -24.57
C LEU C 61 80.94 10.79 -23.36
N LEU C 62 81.46 10.92 -22.12
CA LEU C 62 80.60 11.00 -20.94
C LEU C 62 80.32 12.46 -20.58
N GLN C 63 79.06 12.88 -20.70
CA GLN C 63 78.62 14.23 -20.37
C GLN C 63 78.54 14.41 -18.82
N ASP C 64 78.09 15.57 -18.31
CA ASP C 64 77.99 15.78 -16.86
C ASP C 64 77.03 14.76 -16.23
N GLU C 65 77.26 14.43 -14.95
CA GLU C 65 76.43 13.48 -14.20
C GLU C 65 74.95 13.86 -14.24
N SER C 66 74.64 15.16 -14.05
CA SER C 66 73.27 15.69 -14.08
C SER C 66 72.52 15.41 -15.39
N SER C 67 73.23 15.39 -16.54
CA SER C 67 72.61 15.13 -17.84
C SER C 67 72.10 13.69 -18.03
N TYR C 68 72.41 12.77 -17.09
CA TYR C 68 72.01 11.37 -17.17
C TYR C 68 71.12 10.93 -15.98
N ILE C 69 70.43 9.78 -16.14
CA ILE C 69 69.57 9.20 -15.11
C ILE C 69 69.71 7.66 -15.12
N PHE C 70 69.51 7.01 -13.97
CA PHE C 70 69.62 5.56 -13.87
C PHE C 70 68.34 4.83 -14.28
N VAL C 71 68.48 3.58 -14.74
CA VAL C 71 67.40 2.68 -15.18
C VAL C 71 67.77 1.26 -14.74
N SER C 72 66.77 0.43 -14.40
CA SER C 72 67.00 -0.98 -14.05
C SER C 72 65.69 -1.78 -14.06
N VAL C 73 65.79 -3.12 -14.02
CA VAL C 73 64.61 -3.97 -13.98
C VAL C 73 64.27 -4.20 -12.52
N THR C 74 63.05 -3.85 -12.13
CA THR C 74 62.55 -4.02 -10.77
C THR C 74 61.96 -5.43 -10.60
N GLN C 75 61.72 -5.85 -9.36
CA GLN C 75 61.14 -7.17 -9.10
C GLN C 75 59.74 -7.33 -9.73
N GLU C 76 59.07 -6.20 -10.08
CA GLU C 76 57.78 -6.22 -10.78
C GLU C 76 57.96 -6.40 -12.32
N ALA C 77 59.18 -6.82 -12.78
CA ALA C 77 59.55 -7.02 -14.18
C ALA C 77 59.23 -5.77 -15.01
N GLU C 78 59.69 -4.61 -14.54
CA GLU C 78 59.44 -3.32 -15.17
C GLU C 78 60.75 -2.54 -15.32
N ARG C 79 60.92 -1.80 -16.42
CA ARG C 79 62.10 -0.97 -16.64
C ARG C 79 61.85 0.38 -15.94
N GLU C 80 62.23 0.50 -14.65
CA GLU C 80 61.99 1.72 -13.90
C GLU C 80 63.08 2.77 -14.12
N GLU C 81 62.68 4.04 -14.37
CA GLU C 81 63.59 5.17 -14.53
C GLU C 81 63.62 5.87 -13.18
N PHE C 82 64.74 5.75 -12.46
CA PHE C 82 64.84 6.29 -11.11
C PHE C 82 65.03 7.81 -11.09
N PHE C 83 63.93 8.55 -11.25
CA PHE C 83 64.00 10.01 -11.25
C PHE C 83 64.35 10.57 -9.85
N ASP C 84 63.77 9.99 -8.77
CA ASP C 84 64.10 10.43 -7.42
C ASP C 84 65.45 9.82 -7.05
N GLU C 85 66.52 10.58 -7.26
CA GLU C 85 67.87 10.08 -7.00
C GLU C 85 68.27 10.08 -5.53
N THR C 86 67.38 10.53 -4.62
CA THR C 86 67.63 10.49 -3.17
C THR C 86 67.35 9.08 -2.58
N ARG C 87 66.88 8.11 -3.40
CA ARG C 87 66.51 6.78 -2.95
C ARG C 87 67.73 5.90 -2.71
N ARG C 88 67.66 5.05 -1.69
CA ARG C 88 68.75 4.15 -1.31
C ARG C 88 68.71 2.88 -2.17
N LEU C 89 69.87 2.26 -2.41
CA LEU C 89 69.99 1.06 -3.24
C LEU C 89 69.05 -0.07 -2.78
N CYS C 90 68.95 -0.29 -1.45
CA CYS C 90 68.08 -1.30 -0.86
C CYS C 90 66.57 -1.01 -1.11
N ASP C 91 66.18 0.27 -1.11
CA ASP C 91 64.80 0.70 -1.32
C ASP C 91 64.41 0.77 -2.82
N LEU C 92 65.25 0.26 -3.75
CA LEU C 92 64.97 0.32 -5.20
C LEU C 92 64.23 -0.89 -5.73
N ARG C 93 64.18 -2.00 -4.96
CA ARG C 93 63.46 -3.23 -5.35
C ARG C 93 63.98 -3.76 -6.70
N LEU C 94 65.30 -3.90 -6.84
CA LEU C 94 65.89 -4.37 -8.09
C LEU C 94 65.74 -5.87 -8.24
N PHE C 95 65.66 -6.34 -9.49
CA PHE C 95 65.58 -7.77 -9.77
C PHE C 95 67.00 -8.34 -9.57
N GLN C 96 68.01 -7.72 -10.21
CA GLN C 96 69.43 -8.11 -10.07
C GLN C 96 70.31 -6.84 -9.91
N PRO C 97 71.49 -6.90 -9.25
CA PRO C 97 72.26 -5.66 -9.02
C PRO C 97 72.94 -5.09 -10.27
N PHE C 98 72.24 -4.17 -10.96
CA PHE C 98 72.73 -3.51 -12.16
C PHE C 98 71.97 -2.20 -12.41
N LEU C 99 72.62 -1.23 -13.06
CA LEU C 99 72.02 0.07 -13.34
C LEU C 99 72.52 0.58 -14.68
N LYS C 100 71.64 0.99 -15.60
CA LYS C 100 72.04 1.58 -16.88
C LYS C 100 71.93 3.08 -16.77
N VAL C 101 72.95 3.79 -17.25
CA VAL C 101 72.99 5.24 -17.26
C VAL C 101 72.45 5.65 -18.63
N ILE C 102 71.40 6.48 -18.67
CA ILE C 102 70.74 6.87 -19.92
C ILE C 102 70.39 8.37 -19.97
N GLU C 103 70.17 8.89 -21.18
CA GLU C 103 69.74 10.27 -21.34
C GLU C 103 68.23 10.28 -21.00
N PRO C 104 67.74 11.08 -20.03
CA PRO C 104 66.29 11.05 -19.73
C PRO C 104 65.43 11.51 -20.91
N VAL C 105 64.23 10.91 -21.05
CA VAL C 105 63.31 11.20 -22.16
C VAL C 105 61.88 11.42 -21.66
N GLY C 106 61.07 12.10 -22.46
CA GLY C 106 59.66 12.36 -22.16
C GLY C 106 59.41 13.37 -21.07
N ASN C 107 58.14 13.49 -20.64
CA ASN C 107 57.73 14.43 -19.58
C ASN C 107 58.16 13.89 -18.21
N ARG C 108 59.21 14.48 -17.62
CA ARG C 108 59.73 14.07 -16.33
C ARG C 108 58.66 14.12 -15.24
N GLU C 109 57.90 15.22 -15.17
CA GLU C 109 56.90 15.39 -14.11
C GLU C 109 55.76 14.38 -14.21
N GLU C 110 55.36 14.00 -15.43
CA GLU C 110 54.31 13.00 -15.62
C GLU C 110 54.83 11.62 -15.22
N LYS C 111 56.09 11.30 -15.56
CA LYS C 111 56.71 10.02 -15.22
C LYS C 111 56.92 9.85 -13.71
N ILE C 112 57.21 10.94 -12.98
CA ILE C 112 57.41 10.87 -11.53
C ILE C 112 56.08 10.45 -10.86
N LEU C 113 54.99 11.10 -11.25
CA LEU C 113 53.67 10.79 -10.70
C LEU C 113 53.27 9.35 -11.01
N ASN C 114 53.48 8.86 -12.24
CA ASN C 114 53.13 7.48 -12.58
C ASN C 114 53.93 6.45 -11.77
N ARG C 115 55.16 6.81 -11.31
CA ARG C 115 55.94 5.92 -10.45
C ARG C 115 55.29 5.90 -9.06
N GLU C 116 54.94 7.09 -8.54
CA GLU C 116 54.31 7.25 -7.22
C GLU C 116 52.95 6.56 -7.13
N ILE C 117 52.18 6.57 -8.24
CA ILE C 117 50.89 5.91 -8.28
C ILE C 117 51.15 4.40 -8.27
N GLY C 118 51.97 3.90 -9.22
CA GLY C 118 52.32 2.49 -9.30
C GLY C 118 52.89 1.89 -8.04
N PHE C 119 53.65 2.68 -7.25
CA PHE C 119 54.23 2.18 -6.00
C PHE C 119 53.15 1.95 -4.96
N ALA C 120 52.24 2.94 -4.78
CA ALA C 120 51.13 2.83 -3.86
C ALA C 120 50.15 1.72 -4.24
N ILE C 121 49.96 1.44 -5.54
CA ILE C 121 49.03 0.42 -6.04
C ILE C 121 49.55 -0.98 -5.75
N GLY C 122 50.83 -1.20 -5.98
CA GLY C 122 51.47 -2.49 -5.85
C GLY C 122 51.99 -2.97 -7.20
N MET C 123 51.28 -2.63 -8.31
CA MET C 123 51.71 -3.00 -9.67
C MET C 123 51.97 -1.73 -10.53
N PRO C 124 52.90 -1.75 -11.52
CA PRO C 124 53.18 -0.53 -12.31
C PRO C 124 52.00 -0.06 -13.16
N VAL C 125 51.94 1.26 -13.44
CA VAL C 125 50.84 1.88 -14.21
C VAL C 125 50.86 1.40 -15.69
N CYS C 126 52.05 1.12 -16.25
CA CYS C 126 52.16 0.64 -17.63
C CYS C 126 51.47 -0.72 -17.85
N GLU C 127 51.17 -1.48 -16.78
CA GLU C 127 50.47 -2.76 -16.94
C GLU C 127 49.03 -2.53 -17.39
N PHE C 128 48.38 -1.48 -16.87
CA PHE C 128 47.03 -1.12 -17.26
C PHE C 128 46.99 -0.61 -18.69
N ASP C 129 48.06 0.03 -19.18
CA ASP C 129 48.14 0.50 -20.57
C ASP C 129 48.15 -0.68 -21.56
N MET C 130 48.79 -1.80 -21.17
CA MET C 130 48.85 -2.97 -22.05
C MET C 130 47.58 -3.83 -22.03
N VAL C 131 46.55 -3.47 -21.22
CA VAL C 131 45.32 -4.25 -21.18
C VAL C 131 44.49 -3.84 -22.40
N LYS C 132 44.16 -4.83 -23.25
CA LYS C 132 43.41 -4.58 -24.49
C LYS C 132 41.88 -4.58 -24.28
N ASP C 133 41.36 -4.99 -23.09
CA ASP C 133 39.92 -5.01 -22.83
C ASP C 133 39.35 -3.59 -22.95
N PRO C 134 38.40 -3.29 -23.89
CA PRO C 134 37.88 -1.92 -23.97
C PRO C 134 37.14 -1.47 -22.72
N GLU C 135 36.59 -2.39 -21.90
CA GLU C 135 35.94 -2.02 -20.64
C GLU C 135 36.96 -1.46 -19.66
N VAL C 136 38.17 -2.05 -19.62
CA VAL C 136 39.22 -1.61 -18.72
C VAL C 136 39.67 -0.20 -19.10
N GLN C 137 39.84 0.08 -20.41
CA GLN C 137 40.26 1.42 -20.86
C GLN C 137 39.11 2.43 -20.78
N ASP C 138 37.87 1.98 -20.96
CA ASP C 138 36.68 2.84 -20.83
C ASP C 138 36.49 3.20 -19.36
N PHE C 139 36.79 2.28 -18.42
CA PHE C 139 36.71 2.59 -17.00
C PHE C 139 37.76 3.65 -16.67
N ARG C 140 39.02 3.45 -17.08
CA ARG C 140 40.09 4.40 -16.79
C ARG C 140 39.78 5.80 -17.28
N ARG C 141 39.20 5.92 -18.48
CA ARG C 141 38.87 7.20 -19.08
C ARG C 141 37.61 7.83 -18.42
N ASN C 142 36.50 7.06 -18.34
CA ASN C 142 35.23 7.58 -17.80
C ASN C 142 35.23 7.83 -16.29
N ILE C 143 35.95 7.02 -15.49
CA ILE C 143 36.00 7.24 -14.04
C ILE C 143 36.63 8.59 -13.70
N LEU C 144 37.50 9.16 -14.57
CA LEU C 144 38.08 10.47 -14.32
C LEU C 144 37.03 11.59 -14.26
N ASN C 145 35.77 11.34 -14.69
CA ASN C 145 34.69 12.30 -14.55
C ASN C 145 34.39 12.45 -13.05
N VAL C 146 34.37 11.34 -12.30
CA VAL C 146 34.16 11.38 -10.86
C VAL C 146 35.33 12.12 -10.21
N CYS C 147 36.56 11.74 -10.58
CA CYS C 147 37.77 12.37 -10.03
C CYS C 147 37.81 13.89 -10.28
N LYS C 148 37.42 14.35 -11.46
CA LYS C 148 37.42 15.78 -11.76
C LYS C 148 36.32 16.49 -10.98
N GLU C 149 35.14 15.86 -10.83
CA GLU C 149 34.03 16.43 -10.06
C GLU C 149 34.37 16.52 -8.58
N ALA C 150 35.09 15.51 -8.04
CA ALA C 150 35.50 15.49 -6.64
C ALA C 150 36.55 16.55 -6.34
N VAL C 151 37.50 16.77 -7.26
CA VAL C 151 38.53 17.79 -7.10
C VAL C 151 37.90 19.18 -7.24
N ASP C 152 36.90 19.35 -8.12
CA ASP C 152 36.21 20.63 -8.26
C ASP C 152 35.46 21.01 -6.97
N LEU C 153 34.97 20.01 -6.21
CA LEU C 153 34.30 20.27 -4.92
C LEU C 153 35.31 20.76 -3.87
N ARG C 154 36.53 20.22 -3.87
CA ARG C 154 37.59 20.64 -2.96
C ARG C 154 38.06 22.06 -3.24
N ASP C 155 37.99 22.51 -4.51
CA ASP C 155 38.40 23.86 -4.91
C ASP C 155 37.17 24.79 -5.11
N LEU C 156 36.02 24.48 -4.45
CA LEU C 156 34.78 25.26 -4.61
C LEU C 156 34.82 26.49 -3.71
N ASN C 157 35.04 26.29 -2.39
CA ASN C 157 35.12 27.38 -1.41
C ASN C 157 36.44 27.26 -0.65
N SER C 158 37.55 27.09 -1.42
CA SER C 158 38.91 26.96 -0.91
C SER C 158 39.36 28.22 -0.16
N PRO C 159 40.34 28.15 0.79
CA PRO C 159 41.04 26.97 1.33
C PRO C 159 40.26 26.19 2.39
N HIS C 160 39.06 26.64 2.78
CA HIS C 160 38.25 25.92 3.76
C HIS C 160 37.80 24.57 3.19
N SER C 161 37.46 24.51 1.89
CA SER C 161 37.06 23.25 1.24
C SER C 161 38.22 22.25 1.23
N ARG C 162 39.45 22.72 0.99
CA ARG C 162 40.62 21.84 1.02
C ARG C 162 40.88 21.38 2.46
N ALA C 163 40.77 22.29 3.45
CA ALA C 163 40.97 21.96 4.86
C ALA C 163 39.97 20.92 5.34
N MET C 164 38.71 21.02 4.91
CA MET C 164 37.68 20.05 5.28
C MET C 164 37.97 18.68 4.66
N TYR C 165 38.51 18.65 3.44
CA TYR C 165 38.87 17.38 2.80
C TYR C 165 39.98 16.69 3.60
N VAL C 166 41.08 17.40 3.88
CA VAL C 166 42.23 16.82 4.58
C VAL C 166 41.89 16.49 6.02
N TYR C 167 41.25 17.44 6.75
CA TYR C 167 40.86 17.27 8.15
C TYR C 167 39.33 17.26 8.29
N PRO C 168 38.63 16.18 7.88
CA PRO C 168 37.17 16.16 8.04
C PRO C 168 36.77 16.18 9.52
N PRO C 169 35.68 16.88 9.89
CA PRO C 169 35.28 16.87 11.31
C PRO C 169 34.90 15.46 11.77
N ASN C 170 35.59 14.94 12.78
CA ASN C 170 35.32 13.61 13.29
C ASN C 170 34.12 13.72 14.19
N VAL C 171 32.90 13.58 13.62
CA VAL C 171 31.63 13.77 14.34
C VAL C 171 30.74 12.55 14.38
N GLU C 172 29.87 12.49 15.41
CA GLU C 172 28.85 11.47 15.56
C GLU C 172 27.75 11.81 14.55
N SER C 173 26.90 10.83 14.20
CA SER C 173 25.83 11.10 13.24
C SER C 173 24.69 11.97 13.81
N SER C 174 24.35 11.85 15.10
CA SER C 174 23.25 12.66 15.68
C SER C 174 23.73 13.64 16.77
N PRO C 175 23.26 14.91 16.79
CA PRO C 175 23.67 15.81 17.89
C PRO C 175 22.89 15.60 19.19
N GLU C 176 21.87 14.71 19.21
CA GLU C 176 21.09 14.45 20.41
C GLU C 176 21.92 13.62 21.36
N LEU C 177 21.94 14.01 22.62
CA LEU C 177 22.71 13.30 23.65
C LEU C 177 21.76 12.40 24.45
N PRO C 178 22.08 11.10 24.68
CA PRO C 178 21.23 10.31 25.58
C PRO C 178 21.32 10.87 27.00
N LYS C 179 20.26 10.72 27.78
CA LYS C 179 20.16 11.30 29.12
C LYS C 179 21.38 11.00 30.02
N HIS C 180 21.98 9.80 29.96
CA HIS C 180 23.16 9.49 30.78
C HIS C 180 24.39 10.35 30.44
N ILE C 181 24.51 10.82 29.18
CA ILE C 181 25.61 11.69 28.76
C ILE C 181 25.29 13.12 29.20
N TYR C 182 24.06 13.61 28.94
CA TYR C 182 23.64 14.96 29.34
C TYR C 182 23.74 15.14 30.86
N ASN C 183 23.37 14.12 31.65
CA ASN C 183 23.45 14.19 33.11
C ASN C 183 24.91 14.36 33.60
N LYS C 184 25.92 13.99 32.81
CA LYS C 184 27.33 14.17 33.18
C LYS C 184 27.80 15.64 33.02
N LEU C 185 26.96 16.53 32.44
CA LEU C 185 27.28 17.96 32.28
C LEU C 185 26.85 18.74 33.51
N ASP C 186 27.65 19.73 33.93
CA ASP C 186 27.32 20.58 35.08
C ASP C 186 26.25 21.58 34.63
N LYS C 187 24.97 21.18 34.78
CA LYS C 187 23.80 21.99 34.38
C LYS C 187 23.83 22.26 32.87
N GLY C 188 24.03 21.22 32.06
CA GLY C 188 24.07 21.35 30.60
C GLY C 188 25.30 22.04 30.04
N GLN C 189 26.34 22.26 30.87
CA GLN C 189 27.59 22.91 30.42
C GLN C 189 28.80 21.97 30.55
N ILE C 190 29.85 22.27 29.77
CA ILE C 190 31.11 21.51 29.71
C ILE C 190 32.27 22.47 30.00
N ILE C 191 33.28 22.01 30.76
CA ILE C 191 34.45 22.82 31.05
C ILE C 191 35.57 22.32 30.13
N VAL C 192 36.04 23.21 29.23
CA VAL C 192 37.08 22.91 28.24
C VAL C 192 38.31 23.79 28.48
N VAL C 193 39.48 23.37 27.97
CA VAL C 193 40.72 24.12 28.14
C VAL C 193 41.29 24.46 26.76
N ILE C 194 41.32 25.76 26.41
CA ILE C 194 41.85 26.22 25.12
C ILE C 194 43.32 26.61 25.35
N TRP C 195 44.23 26.15 24.49
CA TRP C 195 45.65 26.40 24.60
C TRP C 195 46.15 27.21 23.43
N VAL C 196 47.14 28.08 23.65
CA VAL C 196 47.74 28.90 22.59
C VAL C 196 49.26 28.90 22.77
N ILE C 197 50.00 28.96 21.67
CA ILE C 197 51.46 29.01 21.71
C ILE C 197 51.82 30.48 21.54
N VAL C 198 52.52 31.05 22.54
CA VAL C 198 52.85 32.47 22.58
C VAL C 198 54.28 32.78 22.04
N SER C 199 55.34 32.22 22.66
CA SER C 199 56.73 32.51 22.29
C SER C 199 57.29 31.45 21.28
N PRO C 200 58.33 31.76 20.45
CA PRO C 200 58.81 30.73 19.50
C PRO C 200 59.24 29.42 20.15
N ASN C 201 59.85 29.47 21.37
CA ASN C 201 60.24 28.27 22.11
C ASN C 201 59.02 27.49 22.71
N ASN C 202 57.77 27.82 22.26
CA ASN C 202 56.51 27.17 22.62
C ASN C 202 56.10 27.45 24.06
N ASP C 203 56.05 28.74 24.45
CA ASP C 203 55.57 29.11 25.78
C ASP C 203 54.04 29.06 25.67
N LYS C 204 53.43 28.06 26.31
CA LYS C 204 51.99 27.84 26.22
C LYS C 204 51.18 28.74 27.17
N GLN C 205 49.88 28.90 26.87
CA GLN C 205 48.94 29.68 27.66
C GLN C 205 47.57 29.00 27.60
N LYS C 206 46.97 28.65 28.75
CA LYS C 206 45.67 27.98 28.79
C LYS C 206 44.52 28.94 29.17
N TYR C 207 43.29 28.61 28.73
CA TYR C 207 42.07 29.40 28.97
C TYR C 207 40.94 28.44 29.32
N THR C 208 40.66 28.27 30.60
CA THR C 208 39.61 27.36 31.05
C THR C 208 38.24 28.04 30.85
N LEU C 209 37.35 27.43 30.04
CA LEU C 209 36.02 27.98 29.74
C LEU C 209 34.91 27.02 30.15
N LYS C 210 33.79 27.54 30.65
CA LYS C 210 32.62 26.72 30.95
C LYS C 210 31.60 27.21 29.94
N ILE C 211 31.21 26.34 29.00
CA ILE C 211 30.34 26.68 27.87
C ILE C 211 29.23 25.63 27.70
N ASN C 212 28.16 25.97 26.96
CA ASN C 212 27.10 25.00 26.70
C ASN C 212 27.64 23.90 25.81
N HIS C 213 27.27 22.65 26.06
CA HIS C 213 27.77 21.51 25.28
C HIS C 213 27.49 21.65 23.78
N ASP C 214 26.34 22.26 23.40
CA ASP C 214 25.93 22.40 22.01
C ASP C 214 26.44 23.65 21.28
N CYS C 215 27.46 24.34 21.77
CA CYS C 215 27.99 25.54 21.09
C CYS C 215 28.84 25.12 19.91
N VAL C 216 28.66 25.75 18.73
CA VAL C 216 29.51 25.40 17.56
C VAL C 216 30.97 25.90 17.81
N PRO C 217 32.05 25.33 17.20
CA PRO C 217 33.39 25.86 17.50
C PRO C 217 33.56 27.37 17.32
N GLU C 218 32.83 28.01 16.37
CA GLU C 218 32.91 29.47 16.20
C GLU C 218 32.40 30.19 17.45
N GLN C 219 31.36 29.65 18.10
CA GLN C 219 30.85 30.20 19.36
C GLN C 219 31.84 29.92 20.50
N VAL C 220 32.57 28.79 20.46
CA VAL C 220 33.57 28.45 21.48
C VAL C 220 34.74 29.44 21.38
N ILE C 221 35.17 29.77 20.16
CA ILE C 221 36.26 30.72 19.91
C ILE C 221 35.83 32.10 20.42
N ALA C 222 34.57 32.49 20.18
CA ALA C 222 34.02 33.76 20.67
C ALA C 222 34.19 33.91 22.19
N GLU C 223 33.91 32.84 22.97
CA GLU C 223 34.07 32.88 24.42
C GLU C 223 35.55 33.02 24.83
N ALA C 224 36.48 32.41 24.08
CA ALA C 224 37.90 32.55 24.35
C ALA C 224 38.33 34.01 24.11
N ILE C 225 37.83 34.62 23.02
CA ILE C 225 38.13 36.02 22.71
C ILE C 225 37.58 36.91 23.83
N ARG C 226 36.35 36.64 24.32
CA ARG C 226 35.75 37.42 25.41
C ARG C 226 36.59 37.33 26.68
N LYS C 227 37.11 36.14 27.01
CA LYS C 227 37.95 35.97 28.20
C LYS C 227 39.28 36.70 28.09
N LYS C 228 39.92 36.70 26.90
CA LYS C 228 41.20 37.40 26.74
C LYS C 228 40.99 38.92 26.78
N THR C 229 39.95 39.42 26.07
CA THR C 229 39.67 40.86 25.98
C THR C 229 38.66 41.32 27.05
N ARG C 230 38.56 40.61 28.19
CA ARG C 230 37.60 40.98 29.25
C ARG C 230 38.04 42.20 30.05
N SER C 231 39.35 42.44 30.15
CA SER C 231 39.86 43.58 30.93
C SER C 231 40.63 44.52 30.03
N MET C 232 39.97 45.01 28.97
CA MET C 232 40.56 45.94 28.01
C MET C 232 39.72 47.19 27.76
N LEU C 233 38.85 47.55 28.72
CA LEU C 233 38.02 48.75 28.67
C LEU C 233 37.20 48.90 27.37
N LEU C 234 36.84 47.78 26.73
CA LEU C 234 36.03 47.82 25.52
C LEU C 234 34.58 47.92 25.93
N SER C 235 33.82 48.81 25.29
CA SER C 235 32.39 48.93 25.58
C SER C 235 31.66 47.66 25.11
N SER C 236 30.43 47.41 25.60
CA SER C 236 29.64 46.25 25.17
C SER C 236 29.46 46.19 23.66
N GLU C 237 29.46 47.35 22.97
CA GLU C 237 29.36 47.41 21.51
C GLU C 237 30.73 47.08 20.89
N GLN C 238 31.82 47.72 21.37
CA GLN C 238 33.18 47.47 20.88
C GLN C 238 33.56 45.99 20.99
N LEU C 239 33.26 45.35 22.13
CA LEU C 239 33.57 43.94 22.32
C LEU C 239 32.76 43.08 21.36
N LYS C 240 31.44 43.35 21.23
CA LYS C 240 30.53 42.64 20.30
C LYS C 240 31.06 42.63 18.85
N LEU C 241 31.57 43.77 18.37
CA LEU C 241 32.09 43.90 17.02
C LEU C 241 33.48 43.26 16.88
N CYS C 242 34.28 43.23 17.96
CA CYS C 242 35.60 42.60 17.97
C CYS C 242 35.45 41.08 17.92
N VAL C 243 34.53 40.53 18.73
CA VAL C 243 34.24 39.10 18.79
C VAL C 243 33.76 38.64 17.40
N LEU C 244 32.75 39.31 16.85
CA LEU C 244 32.17 38.97 15.53
C LEU C 244 33.17 39.10 14.36
N GLU C 245 34.20 39.93 14.50
CA GLU C 245 35.22 40.11 13.47
C GLU C 245 36.31 39.03 13.52
N TYR C 246 36.72 38.60 14.73
CA TYR C 246 37.80 37.64 14.92
C TYR C 246 37.41 36.21 15.23
N GLN C 247 36.14 35.93 15.56
CA GLN C 247 35.71 34.55 15.80
C GLN C 247 35.91 33.67 14.56
N GLY C 248 35.74 34.23 13.37
CA GLY C 248 35.96 33.50 12.13
C GLY C 248 37.40 33.47 11.64
N LYS C 249 38.35 34.05 12.40
CA LYS C 249 39.76 34.10 12.01
C LYS C 249 40.61 32.99 12.67
N TYR C 250 40.03 32.16 13.56
CA TYR C 250 40.71 31.04 14.23
C TYR C 250 39.94 29.73 14.08
N ILE C 251 40.61 28.60 14.42
CA ILE C 251 40.06 27.24 14.41
C ILE C 251 40.62 26.46 15.61
N LEU C 252 39.87 25.46 16.09
CA LEU C 252 40.31 24.64 17.23
C LEU C 252 40.85 23.28 16.75
N LYS C 253 41.86 22.74 17.46
CA LYS C 253 42.52 21.48 17.15
C LYS C 253 42.58 20.63 18.41
N VAL C 254 42.51 19.30 18.30
CA VAL C 254 42.62 18.43 19.47
C VAL C 254 44.10 18.46 19.87
N CYS C 255 44.42 18.66 21.16
CA CYS C 255 45.81 18.65 21.62
C CYS C 255 46.33 17.22 21.49
N GLY C 256 47.48 17.04 20.88
CA GLY C 256 48.10 15.74 20.71
C GLY C 256 47.87 15.04 19.39
N CYS C 257 46.92 15.50 18.55
CA CYS C 257 46.67 14.83 17.25
C CYS C 257 46.09 15.79 16.21
N ASP C 258 46.14 15.39 14.92
CA ASP C 258 45.64 16.20 13.81
C ASP C 258 44.13 16.04 13.59
N GLU C 259 43.34 16.41 14.58
CA GLU C 259 41.89 16.35 14.49
C GLU C 259 41.39 17.79 14.71
N TYR C 260 40.78 18.41 13.69
CA TYR C 260 40.35 19.80 13.77
C TYR C 260 38.83 19.96 13.76
N PHE C 261 38.37 21.01 14.46
CA PHE C 261 36.95 21.38 14.57
C PHE C 261 36.75 22.50 13.57
N LEU C 262 36.66 22.15 12.27
CA LEU C 262 36.52 23.15 11.21
C LEU C 262 35.07 23.44 10.85
N GLU C 263 34.18 22.43 10.92
CA GLU C 263 32.77 22.65 10.59
C GLU C 263 31.95 23.15 11.78
N LYS C 264 30.83 23.84 11.48
CA LYS C 264 29.90 24.41 12.45
C LYS C 264 28.91 23.37 13.02
N TYR C 265 29.42 22.33 13.68
CA TYR C 265 28.59 21.32 14.37
C TYR C 265 28.53 21.67 15.86
N PRO C 266 27.52 21.22 16.65
CA PRO C 266 27.58 21.48 18.11
C PRO C 266 28.79 20.77 18.69
N LEU C 267 29.58 21.43 19.53
CA LEU C 267 30.81 20.87 20.10
C LEU C 267 30.63 19.43 20.63
N SER C 268 29.48 19.13 21.27
CA SER C 268 29.20 17.79 21.78
C SER C 268 29.02 16.70 20.69
N GLN C 269 28.60 17.09 19.47
CA GLN C 269 28.46 16.12 18.38
C GLN C 269 29.86 15.61 17.94
N TYR C 270 30.95 16.38 18.15
CA TYR C 270 32.30 15.92 17.81
C TYR C 270 32.66 14.71 18.68
N LYS C 271 33.22 13.64 18.08
CA LYS C 271 33.48 12.42 18.82
C LYS C 271 34.43 12.62 20.00
N TYR C 272 35.49 13.41 19.82
CA TYR C 272 36.45 13.63 20.91
C TYR C 272 35.80 14.28 22.13
N ILE C 273 34.82 15.16 21.90
CA ILE C 273 34.15 15.91 22.93
C ILE C 273 33.12 15.03 23.63
N ARG C 274 32.34 14.23 22.88
CA ARG C 274 31.38 13.32 23.49
C ARG C 274 32.14 12.25 24.30
N SER C 275 33.31 11.79 23.81
CA SER C 275 34.16 10.84 24.54
C SER C 275 34.60 11.46 25.89
N CYS C 276 35.08 12.72 25.87
CA CYS C 276 35.50 13.43 27.07
C CYS C 276 34.35 13.58 28.08
N ILE C 277 33.11 13.85 27.61
CA ILE C 277 31.95 14.03 28.51
C ILE C 277 31.71 12.69 29.25
N MET C 278 31.61 11.60 28.48
CA MET C 278 31.35 10.25 29.00
C MET C 278 32.47 9.74 29.95
N LEU C 279 33.75 9.87 29.55
CA LEU C 279 34.88 9.44 30.38
C LEU C 279 35.15 10.39 31.57
N GLY C 280 34.55 11.59 31.58
CA GLY C 280 34.79 12.57 32.62
C GLY C 280 36.16 13.21 32.51
N ARG C 281 36.67 13.35 31.27
CA ARG C 281 37.98 13.96 31.00
C ARG C 281 37.77 15.42 30.54
N MET C 282 38.78 16.25 30.79
CA MET C 282 38.77 17.68 30.46
C MET C 282 39.18 17.87 28.99
N PRO C 283 38.31 18.33 28.04
CA PRO C 283 38.80 18.50 26.65
C PRO C 283 39.91 19.53 26.52
N ASN C 284 41.04 19.16 25.90
CA ASN C 284 42.15 20.07 25.71
C ASN C 284 42.24 20.38 24.24
N LEU C 285 41.80 21.57 23.84
CA LEU C 285 41.81 22.02 22.46
C LEU C 285 42.83 23.13 22.32
N MET C 286 43.41 23.27 21.14
CA MET C 286 44.42 24.27 20.87
C MET C 286 43.88 25.23 19.82
N LEU C 287 43.89 26.51 20.13
CA LEU C 287 43.43 27.54 19.24
C LEU C 287 44.59 28.03 18.38
N MET C 288 44.32 28.32 17.11
CA MET C 288 45.32 28.82 16.17
C MET C 288 44.65 29.60 15.05
N ALA C 289 45.39 30.46 14.35
CA ALA C 289 44.84 31.24 13.24
C ALA C 289 44.49 30.33 12.07
N LYS C 290 43.48 30.71 11.26
CA LYS C 290 43.10 29.91 10.09
C LYS C 290 44.27 29.84 9.11
N GLU C 291 44.97 30.96 8.88
CA GLU C 291 46.12 30.97 7.97
C GLU C 291 47.26 30.07 8.42
N SER C 292 47.37 29.76 9.72
CA SER C 292 48.39 28.84 10.20
C SER C 292 48.15 27.44 9.63
N LEU C 293 46.87 27.01 9.51
CA LEU C 293 46.55 25.72 8.91
C LEU C 293 46.51 25.81 7.38
N TYR C 294 45.88 26.86 6.83
CA TYR C 294 45.76 26.99 5.38
C TYR C 294 47.12 27.17 4.68
N SER C 295 48.13 27.76 5.35
CA SER C 295 49.48 27.86 4.79
C SER C 295 50.12 26.46 4.69
N GLN C 296 49.82 25.57 5.67
CA GLN C 296 50.32 24.19 5.68
C GLN C 296 49.69 23.34 4.55
N LEU C 297 48.51 23.71 4.03
CA LEU C 297 47.83 22.92 3.00
C LEU C 297 48.31 23.26 1.59
N PRO C 298 48.90 22.31 0.84
CA PRO C 298 49.32 22.63 -0.53
C PRO C 298 48.20 22.42 -1.55
N MET C 299 48.07 23.32 -2.54
CA MET C 299 47.06 23.15 -3.58
C MET C 299 47.63 22.27 -4.69
N ASP C 300 47.48 20.94 -4.56
CA ASP C 300 47.97 20.00 -5.56
C ASP C 300 46.92 19.96 -6.69
N CYS C 301 47.30 20.40 -7.89
CA CYS C 301 46.40 20.42 -9.03
C CYS C 301 46.22 19.01 -9.63
N PHE C 302 45.06 18.77 -10.23
CA PHE C 302 44.73 17.49 -10.85
C PHE C 302 45.02 17.57 -12.35
N THR C 303 46.19 17.07 -12.75
CA THR C 303 46.60 17.03 -14.16
C THR C 303 45.96 15.80 -14.81
N MET C 304 45.36 15.97 -16.01
CA MET C 304 44.73 14.86 -16.70
C MET C 304 45.84 13.96 -17.28
N PRO C 305 45.75 12.62 -17.15
CA PRO C 305 46.82 11.76 -17.67
C PRO C 305 46.82 11.56 -19.20
N SER C 306 47.83 10.87 -19.73
CA SER C 306 47.94 10.57 -21.16
C SER C 306 46.85 9.59 -21.62
N TYR C 307 46.41 8.67 -20.74
CA TYR C 307 45.35 7.70 -21.06
C TYR C 307 43.95 8.35 -21.18
N SER C 308 43.76 9.59 -20.69
CA SER C 308 42.48 10.29 -20.80
C SER C 308 42.12 10.65 -22.26
N ARG C 309 43.12 10.67 -23.19
CA ARG C 309 42.92 11.04 -24.59
C ARG C 309 43.00 9.80 -25.47
N GLU C 321 20.30 2.84 -31.70
CA GLU C 321 19.91 2.93 -33.11
C GLU C 321 21.03 2.39 -34.03
N THR C 322 20.70 2.16 -35.34
CA THR C 322 21.58 1.65 -36.39
C THR C 322 22.09 0.23 -36.08
N SER C 323 21.39 -0.79 -36.62
CA SER C 323 21.67 -2.21 -36.44
C SER C 323 21.69 -2.62 -34.95
N THR C 324 20.67 -2.18 -34.18
CA THR C 324 20.55 -2.52 -32.77
C THR C 324 19.14 -3.00 -32.47
N LYS C 325 18.90 -4.30 -32.68
CA LYS C 325 17.58 -4.87 -32.38
C LYS C 325 17.45 -5.04 -30.88
N SER C 326 16.34 -4.59 -30.29
CA SER C 326 16.12 -4.73 -28.86
C SER C 326 16.00 -6.21 -28.47
N LEU C 327 16.39 -6.56 -27.25
CA LEU C 327 16.35 -7.94 -26.75
C LEU C 327 14.95 -8.54 -26.80
N TRP C 328 13.92 -7.74 -26.53
CA TRP C 328 12.54 -8.23 -26.53
C TRP C 328 11.95 -8.44 -27.94
N VAL C 329 12.66 -8.01 -29.00
CA VAL C 329 12.25 -8.24 -30.39
C VAL C 329 12.59 -9.71 -30.75
N ILE C 330 13.76 -10.21 -30.30
CA ILE C 330 14.22 -11.58 -30.57
C ILE C 330 13.35 -12.58 -29.76
N ASN C 331 12.26 -13.09 -30.38
CA ASN C 331 11.36 -14.08 -29.77
C ASN C 331 11.89 -15.47 -30.08
N SER C 332 12.81 -15.97 -29.23
CA SER C 332 13.42 -17.29 -29.43
C SER C 332 14.03 -17.82 -28.12
N ALA C 333 14.25 -19.14 -28.06
CA ALA C 333 14.85 -19.80 -26.90
C ALA C 333 16.35 -19.47 -26.83
N LEU C 334 16.92 -19.42 -25.62
CA LEU C 334 18.34 -19.13 -25.46
C LEU C 334 19.16 -20.36 -25.89
N ARG C 335 20.25 -20.14 -26.65
CA ARG C 335 21.11 -21.20 -27.17
C ARG C 335 22.59 -20.82 -26.99
N ILE C 336 23.42 -21.76 -26.47
CA ILE C 336 24.87 -21.58 -26.28
C ILE C 336 25.54 -22.87 -26.75
N LYS C 337 26.53 -22.79 -27.67
CA LYS C 337 27.24 -23.95 -28.17
C LYS C 337 28.61 -24.05 -27.51
N ILE C 338 29.03 -25.25 -27.17
CA ILE C 338 30.33 -25.53 -26.54
C ILE C 338 31.19 -26.13 -27.64
N LEU C 339 32.15 -25.37 -28.18
CA LEU C 339 32.97 -25.88 -29.29
C LEU C 339 34.01 -26.93 -28.80
N CYS C 340 35.01 -26.55 -27.98
CA CYS C 340 36.04 -27.48 -27.55
C CYS C 340 36.95 -26.87 -26.48
N ALA C 341 37.54 -27.72 -25.61
CA ALA C 341 38.50 -27.28 -24.59
C ALA C 341 39.92 -27.63 -25.00
N THR C 342 40.91 -26.84 -24.55
CA THR C 342 42.30 -27.09 -24.94
C THR C 342 42.86 -28.31 -24.23
N TYR C 343 42.73 -28.39 -22.90
CA TYR C 343 43.23 -29.52 -22.12
C TYR C 343 42.50 -29.65 -20.77
N VAL C 344 42.77 -30.71 -20.01
CA VAL C 344 42.19 -30.91 -18.68
C VAL C 344 43.15 -31.80 -17.87
N ASN C 345 43.51 -31.36 -16.65
CA ASN C 345 44.43 -32.10 -15.80
C ASN C 345 43.70 -33.27 -15.16
N VAL C 346 43.66 -34.40 -15.85
CA VAL C 346 42.98 -35.61 -15.38
C VAL C 346 43.69 -36.87 -15.88
N ASN C 347 43.60 -37.96 -15.12
CA ASN C 347 44.20 -39.23 -15.47
C ASN C 347 43.19 -40.02 -16.34
N ILE C 348 43.64 -40.63 -17.46
CA ILE C 348 42.76 -41.41 -18.34
C ILE C 348 42.18 -42.63 -17.60
N ARG C 349 42.96 -43.24 -16.69
CA ARG C 349 42.49 -44.34 -15.83
C ARG C 349 41.70 -43.71 -14.66
N ASP C 350 40.85 -44.49 -13.95
CA ASP C 350 40.02 -44.03 -12.82
C ASP C 350 38.81 -43.17 -13.31
N ILE C 351 39.08 -41.99 -13.92
CA ILE C 351 38.03 -41.09 -14.44
C ILE C 351 37.67 -41.59 -15.84
N ASP C 352 36.38 -41.82 -16.09
CA ASP C 352 35.92 -42.38 -17.35
C ASP C 352 35.67 -41.32 -18.44
N LYS C 353 34.82 -40.31 -18.18
CA LYS C 353 34.46 -39.29 -19.15
C LYS C 353 34.40 -37.86 -18.55
N ILE C 354 34.31 -36.82 -19.42
CA ILE C 354 34.24 -35.40 -19.04
C ILE C 354 33.06 -34.72 -19.77
N TYR C 355 32.44 -33.72 -19.14
CA TYR C 355 31.32 -32.97 -19.72
C TYR C 355 31.26 -31.55 -19.16
N VAL C 356 30.67 -30.61 -19.91
CA VAL C 356 30.56 -29.21 -19.50
C VAL C 356 29.16 -28.95 -18.93
N ARG C 357 29.05 -28.84 -17.59
CA ARG C 357 27.78 -28.49 -16.96
C ARG C 357 27.60 -26.99 -17.12
N THR C 358 26.42 -26.54 -17.54
CA THR C 358 26.14 -25.11 -17.71
C THR C 358 24.80 -24.75 -17.05
N GLY C 359 24.64 -23.47 -16.74
CA GLY C 359 23.42 -22.96 -16.12
C GLY C 359 23.34 -21.46 -16.24
N ILE C 360 22.12 -20.90 -16.27
CA ILE C 360 21.93 -19.45 -16.38
C ILE C 360 21.45 -18.98 -15.03
N TYR C 361 22.20 -18.07 -14.39
CA TYR C 361 21.93 -17.60 -13.04
C TYR C 361 21.72 -16.10 -12.94
N HIS C 362 20.97 -15.68 -11.90
CA HIS C 362 20.71 -14.30 -11.53
C HIS C 362 21.17 -14.23 -10.08
N GLY C 363 22.47 -14.12 -9.89
CA GLY C 363 23.08 -14.19 -8.56
C GLY C 363 23.27 -15.65 -8.21
N GLY C 364 22.91 -16.05 -7.00
CA GLY C 364 23.02 -17.44 -6.58
C GLY C 364 21.86 -18.31 -7.04
N GLU C 365 20.70 -17.70 -7.34
CA GLU C 365 19.48 -18.38 -7.76
C GLU C 365 19.56 -18.77 -9.26
N PRO C 366 19.37 -20.06 -9.66
CA PRO C 366 19.35 -20.36 -11.09
C PRO C 366 18.03 -19.90 -11.73
N LEU C 367 18.10 -19.29 -12.91
CA LEU C 367 16.89 -18.82 -13.62
C LEU C 367 16.14 -19.99 -14.31
N CYS C 368 16.80 -21.14 -14.53
CA CYS C 368 16.18 -22.29 -15.18
C CYS C 368 16.96 -23.61 -14.87
N ASP C 369 16.44 -24.77 -15.35
CA ASP C 369 17.07 -26.09 -15.13
C ASP C 369 18.45 -26.11 -15.79
N ASN C 370 19.48 -26.59 -15.07
CA ASN C 370 20.84 -26.64 -15.61
C ASN C 370 20.93 -27.60 -16.78
N VAL C 371 21.72 -27.24 -17.81
CA VAL C 371 21.85 -28.02 -19.05
C VAL C 371 23.31 -28.49 -19.27
N ASN C 372 23.55 -29.82 -19.30
CA ASN C 372 24.88 -30.41 -19.50
C ASN C 372 25.12 -30.80 -20.95
N THR C 373 26.39 -30.97 -21.33
CA THR C 373 26.76 -31.48 -22.65
C THR C 373 26.81 -33.03 -22.56
N GLN C 374 26.90 -33.73 -23.71
CA GLN C 374 27.04 -35.17 -23.72
C GLN C 374 28.42 -35.54 -23.13
N ARG C 375 28.53 -36.77 -22.61
CA ARG C 375 29.76 -37.25 -21.99
C ARG C 375 30.78 -37.72 -23.06
N VAL C 376 31.90 -36.96 -23.23
CA VAL C 376 32.96 -37.28 -24.20
C VAL C 376 34.22 -37.85 -23.47
N PRO C 377 35.24 -38.43 -24.17
CA PRO C 377 36.42 -38.93 -23.43
C PRO C 377 37.29 -37.82 -22.86
N CYS C 378 38.14 -38.15 -21.86
CA CYS C 378 39.03 -37.18 -21.25
C CYS C 378 40.05 -36.65 -22.26
N SER C 379 40.63 -37.56 -23.06
CA SER C 379 41.63 -37.23 -24.07
C SER C 379 41.12 -36.41 -25.27
N ASN C 380 39.82 -36.51 -25.62
CA ASN C 380 39.23 -35.80 -26.76
C ASN C 380 38.14 -34.79 -26.32
N PRO C 381 38.50 -33.57 -25.85
CA PRO C 381 37.45 -32.60 -25.48
C PRO C 381 36.90 -31.87 -26.70
N ARG C 382 35.90 -32.48 -27.39
CA ARG C 382 35.25 -31.90 -28.57
C ARG C 382 33.78 -32.26 -28.54
N TRP C 383 32.93 -31.32 -28.09
CA TRP C 383 31.50 -31.53 -27.96
C TRP C 383 30.70 -31.01 -29.17
N ASN C 384 30.96 -29.74 -29.63
CA ASN C 384 30.27 -29.09 -30.76
C ASN C 384 28.75 -29.32 -30.71
N GLU C 385 28.16 -29.07 -29.51
CA GLU C 385 26.76 -29.32 -29.20
C GLU C 385 26.03 -28.02 -28.83
N TRP C 386 24.90 -27.75 -29.47
CA TRP C 386 24.09 -26.58 -29.14
C TRP C 386 23.23 -26.92 -27.93
N LEU C 387 23.38 -26.16 -26.84
CA LEU C 387 22.60 -26.38 -25.64
C LEU C 387 21.43 -25.41 -25.63
N ASN C 388 20.23 -25.91 -25.33
CA ASN C 388 19.01 -25.11 -25.30
C ASN C 388 18.55 -25.01 -23.85
N TYR C 389 18.32 -23.77 -23.36
CA TYR C 389 17.92 -23.52 -21.99
C TYR C 389 16.43 -23.31 -21.88
N ASP C 390 15.85 -23.65 -20.71
CA ASP C 390 14.42 -23.52 -20.44
C ASP C 390 14.07 -22.09 -20.02
N ILE C 391 14.53 -21.11 -20.83
CA ILE C 391 14.27 -19.70 -20.60
C ILE C 391 14.34 -18.92 -21.93
N TYR C 392 13.27 -18.17 -22.23
CA TYR C 392 13.18 -17.43 -23.49
C TYR C 392 14.04 -16.15 -23.41
N ILE C 393 14.60 -15.72 -24.56
CA ILE C 393 15.48 -14.53 -24.63
C ILE C 393 14.80 -13.24 -24.05
N PRO C 394 13.51 -12.88 -24.32
CA PRO C 394 12.93 -11.69 -23.69
C PRO C 394 12.78 -11.75 -22.16
N ASP C 395 12.77 -12.97 -21.57
CA ASP C 395 12.66 -13.18 -20.12
C ASP C 395 14.04 -13.24 -19.42
N LEU C 396 15.12 -12.74 -20.07
CA LEU C 396 16.46 -12.72 -19.46
C LEU C 396 16.61 -11.44 -18.64
N PRO C 397 16.78 -11.48 -17.30
CA PRO C 397 17.00 -10.20 -16.58
C PRO C 397 18.33 -9.55 -16.96
N ARG C 398 18.55 -8.29 -16.55
CA ARG C 398 19.79 -7.60 -16.91
C ARG C 398 21.05 -8.23 -16.28
N ALA C 399 20.93 -8.75 -15.04
CA ALA C 399 22.07 -9.41 -14.38
C ALA C 399 22.24 -10.90 -14.74
N ALA C 400 21.63 -11.38 -15.85
CA ALA C 400 21.74 -12.79 -16.22
C ALA C 400 23.17 -13.14 -16.56
N ARG C 401 23.64 -14.30 -16.07
CA ARG C 401 25.01 -14.75 -16.25
C ARG C 401 25.06 -16.23 -16.58
N LEU C 402 26.04 -16.63 -17.37
CA LEU C 402 26.27 -18.03 -17.71
C LEU C 402 27.30 -18.55 -16.75
N CYS C 403 27.00 -19.63 -16.02
CA CYS C 403 27.93 -20.25 -15.08
C CYS C 403 28.18 -21.64 -15.60
N LEU C 404 29.44 -21.98 -15.88
CA LEU C 404 29.79 -23.28 -16.44
C LEU C 404 31.04 -23.89 -15.80
N SER C 405 31.24 -25.20 -16.00
CA SER C 405 32.42 -25.92 -15.51
C SER C 405 32.57 -27.27 -16.20
N ILE C 406 33.82 -27.78 -16.27
CA ILE C 406 34.10 -29.08 -16.85
C ILE C 406 34.13 -30.06 -15.69
N CYS C 407 33.27 -31.08 -15.70
CA CYS C 407 33.15 -32.06 -14.63
C CYS C 407 33.58 -33.46 -15.07
N SER C 408 33.84 -34.34 -14.10
CA SER C 408 34.24 -35.74 -14.32
C SER C 408 33.15 -36.72 -13.84
N VAL C 409 33.23 -37.99 -14.29
CA VAL C 409 32.27 -39.05 -13.91
C VAL C 409 33.02 -40.33 -13.47
N LYS C 410 32.31 -41.23 -12.74
CA LYS C 410 32.84 -42.50 -12.26
C LYS C 410 31.73 -43.56 -12.39
N GLY C 411 32.03 -44.67 -13.08
CA GLY C 411 31.05 -45.74 -13.27
C GLY C 411 31.64 -46.94 -13.99
N LYS C 416 25.94 -46.59 -9.17
CA LYS C 416 26.07 -45.21 -8.73
C LYS C 416 27.01 -44.43 -9.67
N GLU C 417 26.64 -43.19 -10.04
CA GLU C 417 27.42 -42.30 -10.91
C GLU C 417 27.90 -41.09 -10.09
N GLU C 418 29.20 -41.06 -9.75
CA GLU C 418 29.77 -39.96 -8.97
C GLU C 418 30.30 -38.87 -9.90
N HIS C 419 30.09 -37.58 -9.55
CA HIS C 419 30.54 -36.43 -10.34
C HIS C 419 31.38 -35.47 -9.50
N CYS C 420 32.28 -34.70 -10.14
CA CYS C 420 33.16 -33.74 -9.45
C CYS C 420 33.61 -32.62 -10.41
N PRO C 421 33.68 -31.34 -9.98
CA PRO C 421 34.15 -30.29 -10.90
C PRO C 421 35.68 -30.28 -11.05
N LEU C 422 36.18 -29.82 -12.21
CA LEU C 422 37.62 -29.78 -12.53
C LEU C 422 38.11 -28.34 -12.73
N ALA C 423 37.38 -27.55 -13.53
CA ALA C 423 37.69 -26.15 -13.79
C ALA C 423 36.38 -25.41 -14.05
N TRP C 424 36.17 -24.25 -13.41
CA TRP C 424 34.92 -23.48 -13.54
C TRP C 424 35.14 -22.09 -14.18
N GLY C 425 34.05 -21.45 -14.61
CA GLY C 425 34.12 -20.12 -15.19
C GLY C 425 32.73 -19.53 -15.44
N ASN C 426 32.59 -18.21 -15.28
CA ASN C 426 31.29 -17.54 -15.52
C ASN C 426 31.45 -16.35 -16.48
N ILE C 427 30.36 -15.99 -17.20
CA ILE C 427 30.33 -14.90 -18.20
C ILE C 427 29.07 -14.07 -18.02
N ASN C 428 29.19 -12.74 -18.17
CA ASN C 428 28.03 -11.85 -18.14
C ASN C 428 27.38 -11.97 -19.51
N LEU C 429 26.11 -12.43 -19.57
CA LEU C 429 25.42 -12.55 -20.86
C LEU C 429 25.17 -11.18 -21.55
N PHE C 430 25.30 -10.07 -20.79
CA PHE C 430 25.17 -8.71 -21.31
C PHE C 430 26.45 -7.99 -20.90
N ASP C 431 27.16 -7.36 -21.85
CA ASP C 431 28.40 -6.65 -21.54
C ASP C 431 28.13 -5.25 -20.93
N TYR C 432 29.18 -4.51 -20.55
CA TYR C 432 29.03 -3.17 -19.94
C TYR C 432 28.23 -2.18 -20.79
N THR C 433 28.18 -2.35 -22.14
CA THR C 433 27.42 -1.46 -23.01
C THR C 433 25.99 -2.00 -23.26
N ASP C 434 25.46 -2.91 -22.41
CA ASP C 434 24.13 -3.53 -22.55
C ASP C 434 24.00 -4.53 -23.72
N THR C 435 25.07 -4.73 -24.50
CA THR C 435 25.04 -5.63 -25.65
C THR C 435 24.95 -7.08 -25.20
N LEU C 436 24.05 -7.86 -25.80
CA LEU C 436 23.96 -9.28 -25.51
C LEU C 436 25.19 -9.95 -26.15
N VAL C 437 25.82 -10.90 -25.44
CA VAL C 437 27.00 -11.61 -25.98
C VAL C 437 26.66 -12.33 -27.29
N SER C 438 27.53 -12.20 -28.29
CA SER C 438 27.35 -12.80 -29.61
C SER C 438 28.69 -13.21 -30.22
N GLY C 439 28.65 -14.23 -31.06
CA GLY C 439 29.84 -14.72 -31.74
C GLY C 439 30.72 -15.61 -30.90
N LYS C 440 31.84 -16.03 -31.47
CA LYS C 440 32.79 -16.91 -30.79
C LYS C 440 33.57 -16.16 -29.71
N MET C 441 33.97 -16.86 -28.65
CA MET C 441 34.79 -16.30 -27.57
C MET C 441 35.43 -17.40 -26.74
N ALA C 442 36.69 -17.18 -26.34
CA ALA C 442 37.46 -18.13 -25.54
C ALA C 442 37.34 -17.78 -24.06
N LEU C 443 37.35 -18.78 -23.18
CA LEU C 443 37.25 -18.55 -21.75
C LEU C 443 38.25 -19.41 -21.00
N ASN C 444 39.31 -18.78 -20.43
CA ASN C 444 40.31 -19.49 -19.64
C ASN C 444 39.67 -19.75 -18.28
N LEU C 445 39.55 -21.03 -17.92
CA LEU C 445 38.85 -21.43 -16.72
C LEU C 445 39.71 -21.31 -15.46
N TRP C 446 39.03 -21.10 -14.33
CA TRP C 446 39.63 -20.95 -13.01
C TRP C 446 39.72 -22.30 -12.30
N PRO C 447 40.64 -22.49 -11.32
CA PRO C 447 40.68 -23.77 -10.60
C PRO C 447 39.57 -23.87 -9.56
N VAL C 448 39.18 -25.10 -9.19
CA VAL C 448 38.11 -25.30 -8.22
C VAL C 448 38.62 -24.88 -6.82
N PRO C 449 37.91 -24.01 -6.05
CA PRO C 449 38.42 -23.67 -4.71
C PRO C 449 38.53 -24.88 -3.76
N HIS C 450 39.29 -24.74 -2.67
CA HIS C 450 39.42 -25.83 -1.72
C HIS C 450 38.11 -25.99 -0.97
N GLY C 451 37.58 -27.20 -0.98
CA GLY C 451 36.33 -27.52 -0.30
C GLY C 451 35.06 -27.40 -1.12
N LEU C 452 35.11 -26.79 -2.33
CA LEU C 452 33.91 -26.66 -3.16
C LEU C 452 33.59 -27.96 -3.89
N GLU C 453 32.55 -28.67 -3.43
CA GLU C 453 32.07 -29.91 -4.05
C GLU C 453 30.91 -29.65 -5.05
N ASP C 454 30.41 -28.39 -5.16
CA ASP C 454 29.34 -28.04 -6.07
C ASP C 454 29.83 -28.13 -7.51
N LEU C 455 28.97 -28.60 -8.41
CA LEU C 455 29.34 -28.77 -9.81
C LEU C 455 29.46 -27.44 -10.58
N LEU C 456 28.88 -26.35 -10.06
CA LEU C 456 29.01 -25.00 -10.63
C LEU C 456 29.38 -24.02 -9.51
N ASN C 457 30.05 -22.91 -9.86
CA ASN C 457 30.42 -21.89 -8.87
C ASN C 457 29.78 -20.55 -9.27
N PRO C 458 28.46 -20.34 -9.01
CA PRO C 458 27.83 -19.07 -9.40
C PRO C 458 28.38 -17.86 -8.66
N ILE C 459 28.72 -18.02 -7.38
CA ILE C 459 29.26 -16.93 -6.56
C ILE C 459 30.71 -16.55 -6.97
N GLY C 460 31.40 -17.38 -7.73
CA GLY C 460 32.77 -17.10 -8.16
C GLY C 460 32.90 -15.93 -9.11
N VAL C 461 34.14 -15.42 -9.25
CA VAL C 461 34.44 -14.27 -10.12
C VAL C 461 33.95 -14.49 -11.56
N THR C 462 33.31 -13.46 -12.14
CA THR C 462 32.77 -13.52 -13.49
C THR C 462 33.79 -12.92 -14.45
N GLY C 463 34.38 -13.76 -15.30
CA GLY C 463 35.37 -13.34 -16.27
C GLY C 463 36.41 -14.41 -16.54
N SER C 464 37.17 -14.21 -17.62
CA SER C 464 38.23 -15.15 -18.02
C SER C 464 39.42 -15.04 -17.07
N ASN C 465 40.11 -16.17 -16.84
CA ASN C 465 41.26 -16.21 -15.94
C ASN C 465 42.43 -15.45 -16.59
N PRO C 466 43.04 -14.44 -15.92
CA PRO C 466 44.18 -13.75 -16.56
C PRO C 466 45.35 -14.70 -16.82
N ASN C 467 45.54 -15.74 -15.98
CA ASN C 467 46.58 -16.75 -16.19
C ASN C 467 46.18 -17.55 -17.41
N LYS C 468 46.74 -17.23 -18.58
CA LYS C 468 46.37 -17.91 -19.82
C LYS C 468 46.95 -19.32 -19.98
N GLU C 469 47.74 -19.81 -18.99
CA GLU C 469 48.25 -21.19 -19.01
C GLU C 469 47.25 -22.03 -18.17
N THR C 470 45.98 -22.05 -18.60
CA THR C 470 44.88 -22.76 -17.92
C THR C 470 43.90 -23.40 -18.94
N PRO C 471 43.07 -24.41 -18.56
CA PRO C 471 42.13 -25.00 -19.54
C PRO C 471 41.24 -23.95 -20.21
N CYS C 472 41.39 -23.77 -21.52
CA CYS C 472 40.63 -22.79 -22.28
C CYS C 472 39.46 -23.43 -23.02
N LEU C 473 38.22 -22.98 -22.73
CA LEU C 473 37.01 -23.51 -23.36
C LEU C 473 36.47 -22.51 -24.39
N GLU C 474 36.43 -22.90 -25.67
CA GLU C 474 35.88 -22.05 -26.73
C GLU C 474 34.35 -22.17 -26.69
N LEU C 475 33.66 -21.04 -26.94
CA LEU C 475 32.20 -20.94 -26.90
C LEU C 475 31.69 -20.22 -28.15
N GLU C 476 30.41 -20.37 -28.46
CA GLU C 476 29.82 -19.70 -29.63
C GLU C 476 28.35 -19.35 -29.33
N PHE C 477 28.06 -18.06 -29.20
CA PHE C 477 26.71 -17.54 -28.92
C PHE C 477 26.01 -17.23 -30.26
N ASP C 478 24.68 -17.32 -30.29
CA ASP C 478 23.93 -17.10 -31.52
C ASP C 478 23.94 -15.64 -32.00
N TRP C 479 23.82 -15.43 -33.33
CA TRP C 479 23.79 -14.11 -33.96
C TRP C 479 22.39 -13.84 -34.50
N PHE C 480 21.90 -12.59 -34.39
CA PHE C 480 20.55 -12.24 -34.82
C PHE C 480 20.48 -11.08 -35.83
N SER C 481 21.34 -11.12 -36.88
CA SER C 481 21.40 -10.10 -37.96
C SER C 481 22.00 -8.74 -37.53
N SER C 482 21.58 -8.22 -36.37
CA SER C 482 22.03 -6.94 -35.82
C SER C 482 22.61 -7.12 -34.39
N VAL C 483 23.28 -6.08 -33.87
CA VAL C 483 23.86 -6.08 -32.53
C VAL C 483 22.71 -5.95 -31.52
N VAL C 484 22.40 -7.03 -30.78
CA VAL C 484 21.27 -7.01 -29.83
C VAL C 484 21.68 -6.26 -28.56
N LYS C 485 20.84 -5.30 -28.11
CA LYS C 485 21.07 -4.49 -26.91
C LYS C 485 19.87 -4.58 -25.97
N PHE C 486 20.11 -4.52 -24.64
CA PHE C 486 19.02 -4.62 -23.66
C PHE C 486 18.14 -3.36 -23.78
N PRO C 487 16.80 -3.47 -23.68
CA PRO C 487 15.95 -2.28 -23.88
C PRO C 487 16.16 -1.11 -22.93
N ASP C 488 15.74 0.09 -23.38
CA ASP C 488 15.84 1.32 -22.60
C ASP C 488 14.78 1.33 -21.49
N MET C 489 14.90 2.25 -20.52
CA MET C 489 13.90 2.37 -19.46
C MET C 489 12.54 2.81 -20.04
N SER C 490 12.52 3.58 -21.13
CA SER C 490 11.28 3.99 -21.82
C SER C 490 10.49 2.76 -22.32
N VAL C 491 11.20 1.74 -22.80
CA VAL C 491 10.60 0.51 -23.32
C VAL C 491 10.07 -0.35 -22.15
N ILE C 492 10.84 -0.45 -21.07
CA ILE C 492 10.48 -1.25 -19.89
C ILE C 492 9.25 -0.63 -19.17
N GLU C 493 9.19 0.71 -19.07
CA GLU C 493 8.06 1.39 -18.42
C GLU C 493 6.76 1.18 -19.20
N GLU C 494 6.83 1.25 -20.55
CA GLU C 494 5.66 1.05 -21.40
C GLU C 494 5.16 -0.40 -21.36
N HIS C 495 6.07 -1.37 -21.34
CA HIS C 495 5.72 -2.79 -21.27
C HIS C 495 5.10 -3.16 -19.91
N ALA C 496 5.49 -2.46 -18.83
CA ALA C 496 4.94 -2.71 -17.49
C ALA C 496 3.49 -2.30 -17.41
N ASN C 497 3.12 -1.19 -18.06
CA ASN C 497 1.74 -0.71 -18.11
C ASN C 497 0.85 -1.66 -18.94
N TRP C 498 1.43 -2.37 -19.91
CA TRP C 498 0.75 -3.38 -20.73
C TRP C 498 0.44 -4.64 -19.89
N SER C 499 1.41 -5.09 -19.07
CA SER C 499 1.27 -6.28 -18.23
C SER C 499 0.20 -6.14 -17.14
N ASN C 521 -6.81 -9.15 -4.34
CA ASN C 521 -6.43 -7.74 -4.24
C ASN C 521 -6.96 -7.05 -2.97
N GLU C 522 -8.00 -7.60 -2.30
CA GLU C 522 -8.58 -7.00 -1.08
C GLU C 522 -7.52 -6.78 -0.01
N LEU C 523 -7.54 -5.59 0.61
CA LEU C 523 -6.61 -5.18 1.64
C LEU C 523 -7.33 -5.24 3.00
N ARG C 524 -7.21 -6.39 3.69
CA ARG C 524 -7.83 -6.60 5.00
C ARG C 524 -6.84 -6.22 6.11
N GLU C 525 -7.33 -6.00 7.34
CA GLU C 525 -6.50 -5.60 8.48
C GLU C 525 -5.48 -6.67 8.85
N ASN C 526 -5.89 -7.95 8.89
CA ASN C 526 -4.98 -9.04 9.19
C ASN C 526 -3.95 -9.25 8.06
N ASP C 527 -4.30 -8.95 6.79
CA ASP C 527 -3.37 -9.02 5.68
C ASP C 527 -2.30 -7.95 5.82
N LYS C 528 -2.68 -6.75 6.28
CA LYS C 528 -1.72 -5.67 6.50
C LYS C 528 -0.89 -5.98 7.76
N GLU C 529 -1.49 -6.56 8.80
CA GLU C 529 -0.74 -6.97 10.00
C GLU C 529 0.22 -8.14 9.66
N GLN C 530 -0.10 -8.94 8.61
CA GLN C 530 0.73 -10.03 8.09
C GLN C 530 1.93 -9.43 7.36
N LEU C 531 1.72 -8.36 6.56
CA LEU C 531 2.81 -7.67 5.85
C LEU C 531 3.75 -7.00 6.85
N LYS C 532 3.22 -6.45 7.96
CA LYS C 532 4.07 -5.85 8.98
C LYS C 532 4.92 -6.93 9.66
N ALA C 533 4.40 -8.16 9.82
CA ALA C 533 5.17 -9.25 10.41
C ALA C 533 6.28 -9.73 9.46
N ILE C 534 6.02 -9.76 8.14
CA ILE C 534 7.02 -10.19 7.15
C ILE C 534 8.14 -9.14 7.00
N SER C 535 7.80 -7.83 7.04
CA SER C 535 8.82 -6.79 6.92
C SER C 535 9.82 -6.80 8.09
N THR C 536 9.35 -7.08 9.31
CA THR C 536 10.19 -7.15 10.51
C THR C 536 11.06 -8.41 10.58
N ARG C 537 10.73 -9.47 9.79
CA ARG C 537 11.51 -10.70 9.78
C ARG C 537 12.95 -10.45 9.41
N ASP C 538 13.87 -11.23 9.99
CA ASP C 538 15.29 -11.08 9.69
C ASP C 538 15.58 -11.53 8.23
N PRO C 539 16.61 -11.02 7.52
CA PRO C 539 16.84 -11.46 6.12
C PRO C 539 17.03 -12.97 5.93
N LEU C 540 17.59 -13.66 6.92
CA LEU C 540 17.81 -15.10 6.83
C LEU C 540 16.54 -15.93 7.04
N SER C 541 15.40 -15.32 7.42
CA SER C 541 14.16 -16.08 7.63
C SER C 541 13.71 -16.79 6.35
N GLU C 542 12.99 -17.89 6.53
CA GLU C 542 12.50 -18.70 5.42
C GLU C 542 11.21 -18.09 4.85
N ILE C 543 11.27 -17.63 3.59
CA ILE C 543 10.10 -17.06 2.90
C ILE C 543 9.48 -18.22 2.13
N THR C 544 8.21 -18.50 2.40
CA THR C 544 7.49 -19.61 1.76
C THR C 544 6.99 -19.16 0.37
N GLU C 545 6.59 -20.12 -0.49
CA GLU C 545 6.09 -19.79 -1.82
C GLU C 545 4.76 -19.05 -1.73
N GLN C 546 3.93 -19.37 -0.72
CA GLN C 546 2.66 -18.68 -0.49
C GLN C 546 2.92 -17.23 -0.07
N GLU C 547 3.94 -17.01 0.78
CA GLU C 547 4.34 -15.68 1.21
C GLU C 547 4.90 -14.89 0.01
N LYS C 548 5.67 -15.56 -0.89
CA LYS C 548 6.21 -14.91 -2.08
C LYS C 548 5.07 -14.40 -2.98
N ASP C 549 4.06 -15.24 -3.23
CA ASP C 549 2.91 -14.84 -4.05
C ASP C 549 2.04 -13.79 -3.34
N PHE C 550 1.92 -13.88 -2.00
CA PHE C 550 1.19 -12.91 -1.19
C PHE C 550 1.83 -11.52 -1.29
N LEU C 551 3.17 -11.45 -1.24
CA LEU C 551 3.85 -10.16 -1.33
C LEU C 551 3.72 -9.60 -2.75
N TRP C 552 3.91 -10.45 -3.78
CA TRP C 552 3.79 -9.99 -5.16
C TRP C 552 2.37 -9.52 -5.51
N SER C 553 1.34 -10.20 -5.00
CA SER C 553 -0.05 -9.79 -5.26
C SER C 553 -0.39 -8.44 -4.61
N HIS C 554 0.15 -8.15 -3.41
CA HIS C 554 -0.08 -6.88 -2.74
C HIS C 554 1.12 -5.93 -2.89
N ARG C 555 1.89 -6.05 -4.00
CA ARG C 555 3.08 -5.23 -4.25
C ARG C 555 2.82 -3.71 -4.25
N HIS C 556 1.62 -3.27 -4.65
CA HIS C 556 1.29 -1.84 -4.65
C HIS C 556 0.97 -1.33 -3.24
N TYR C 557 0.40 -2.18 -2.37
CA TYR C 557 0.13 -1.82 -0.97
C TYR C 557 1.42 -1.90 -0.11
N CYS C 558 2.52 -2.53 -0.62
CA CYS C 558 3.82 -2.62 0.05
C CYS C 558 4.61 -1.33 -0.02
N VAL C 559 4.32 -0.44 -0.97
CA VAL C 559 4.97 0.88 -1.03
C VAL C 559 4.68 1.68 0.27
N THR C 560 3.53 1.43 0.93
CA THR C 560 3.16 2.08 2.18
C THR C 560 4.08 1.67 3.35
N ILE C 561 4.67 0.45 3.27
CA ILE C 561 5.61 -0.08 4.27
C ILE C 561 6.96 -0.32 3.50
N PRO C 562 7.77 0.73 3.25
CA PRO C 562 8.95 0.56 2.38
C PRO C 562 10.04 -0.39 2.85
N GLU C 563 10.15 -0.64 4.16
CA GLU C 563 11.14 -1.57 4.71
C GLU C 563 10.98 -3.04 4.23
N ILE C 564 9.87 -3.37 3.55
CA ILE C 564 9.62 -4.73 3.04
C ILE C 564 10.18 -4.92 1.60
N LEU C 565 10.77 -3.88 0.96
CA LEU C 565 11.31 -4.03 -0.40
C LEU C 565 12.26 -5.25 -0.56
N PRO C 566 13.19 -5.57 0.38
CA PRO C 566 14.05 -6.75 0.19
C PRO C 566 13.29 -8.08 0.09
N LYS C 567 12.19 -8.22 0.86
CA LYS C 567 11.40 -9.45 0.87
C LYS C 567 10.60 -9.55 -0.44
N LEU C 568 10.02 -8.42 -0.89
CA LEU C 568 9.24 -8.34 -2.13
C LEU C 568 10.11 -8.66 -3.34
N LEU C 569 11.37 -8.20 -3.33
CA LEU C 569 12.28 -8.44 -4.45
C LEU C 569 12.63 -9.91 -4.57
N LEU C 570 12.75 -10.64 -3.44
CA LEU C 570 13.04 -12.08 -3.49
C LEU C 570 11.84 -12.86 -4.08
N SER C 571 10.61 -12.33 -3.87
CA SER C 571 9.34 -12.88 -4.38
C SER C 571 9.10 -12.61 -5.88
N VAL C 572 9.92 -11.78 -6.52
CA VAL C 572 9.77 -11.47 -7.94
C VAL C 572 10.30 -12.66 -8.75
N LYS C 573 9.56 -13.13 -9.76
CA LYS C 573 10.04 -14.19 -10.65
C LYS C 573 10.99 -13.48 -11.60
N TRP C 574 12.30 -13.55 -11.31
CA TRP C 574 13.30 -12.85 -12.12
C TRP C 574 13.43 -13.40 -13.53
N ASN C 575 13.01 -14.66 -13.78
CA ASN C 575 13.00 -15.26 -15.11
C ASN C 575 11.68 -14.95 -15.84
N SER C 576 11.04 -13.79 -15.54
CA SER C 576 9.77 -13.37 -16.13
C SER C 576 9.86 -11.90 -16.50
N ARG C 577 9.88 -11.60 -17.81
CA ARG C 577 9.95 -10.23 -18.35
C ARG C 577 8.87 -9.33 -17.75
N ASP C 578 7.64 -9.86 -17.61
CA ASP C 578 6.48 -9.11 -17.14
C ASP C 578 6.59 -8.69 -15.67
N GLU C 579 7.03 -9.59 -14.77
CA GLU C 579 7.18 -9.24 -13.36
C GLU C 579 8.36 -8.29 -13.16
N VAL C 580 9.51 -8.57 -13.80
CA VAL C 580 10.72 -7.73 -13.72
C VAL C 580 10.40 -6.29 -14.18
N ALA C 581 9.72 -6.14 -15.34
CA ALA C 581 9.36 -4.81 -15.86
C ALA C 581 8.49 -4.03 -14.89
N GLN C 582 7.54 -4.70 -14.22
CA GLN C 582 6.66 -4.05 -13.25
C GLN C 582 7.42 -3.68 -11.98
N MET C 583 8.37 -4.55 -11.56
CA MET C 583 9.20 -4.31 -10.39
C MET C 583 10.06 -3.08 -10.63
N TYR C 584 10.68 -2.96 -11.83
CA TYR C 584 11.50 -1.81 -12.22
C TYR C 584 10.76 -0.48 -12.01
N CYS C 585 9.46 -0.45 -12.32
CA CYS C 585 8.63 0.75 -12.12
C CYS C 585 8.39 1.03 -10.65
N LEU C 586 8.14 -0.01 -9.85
CA LEU C 586 7.97 0.16 -8.41
C LEU C 586 9.27 0.63 -7.75
N VAL C 587 10.43 0.14 -8.23
CA VAL C 587 11.75 0.56 -7.74
C VAL C 587 11.95 2.05 -8.13
N LYS C 588 11.67 2.40 -9.40
CA LYS C 588 11.75 3.78 -9.93
C LYS C 588 11.06 4.79 -8.99
N ASP C 589 9.80 4.52 -8.59
CA ASP C 589 9.02 5.41 -7.73
C ASP C 589 8.93 4.88 -6.28
N TRP C 590 9.92 4.07 -5.83
CA TRP C 590 9.89 3.54 -4.45
C TRP C 590 10.43 4.60 -3.52
N PRO C 591 9.78 4.87 -2.37
CA PRO C 591 10.33 5.88 -1.45
C PRO C 591 11.66 5.44 -0.85
N PRO C 592 12.54 6.38 -0.42
CA PRO C 592 13.83 5.94 0.14
C PRO C 592 13.69 5.20 1.48
N ILE C 593 14.72 4.45 1.83
CA ILE C 593 14.77 3.66 3.07
C ILE C 593 16.05 4.01 3.86
N LYS C 594 16.14 3.57 5.12
CA LYS C 594 17.31 3.87 5.96
C LYS C 594 18.59 3.31 5.31
N PRO C 595 19.75 4.00 5.42
CA PRO C 595 20.97 3.44 4.81
C PRO C 595 21.31 2.03 5.26
N GLU C 596 21.12 1.73 6.56
CA GLU C 596 21.34 0.39 7.15
C GLU C 596 20.47 -0.69 6.48
N GLN C 597 19.27 -0.30 6.03
CA GLN C 597 18.33 -1.19 5.35
C GLN C 597 18.74 -1.34 3.89
N ALA C 598 19.09 -0.22 3.22
CA ALA C 598 19.52 -0.22 1.83
C ALA C 598 20.78 -1.04 1.60
N MET C 599 21.65 -1.20 2.63
CA MET C 599 22.89 -1.96 2.50
C MET C 599 22.61 -3.41 2.14
N GLU C 600 21.53 -4.00 2.70
CA GLU C 600 21.11 -5.36 2.39
C GLU C 600 20.94 -5.56 0.87
N LEU C 601 20.40 -4.55 0.19
CA LEU C 601 20.19 -4.59 -1.25
C LEU C 601 21.48 -4.55 -2.09
N LEU C 602 22.66 -4.51 -1.45
CA LEU C 602 23.93 -4.57 -2.17
C LEU C 602 24.61 -5.96 -1.99
N ASP C 603 24.11 -6.85 -1.08
CA ASP C 603 24.71 -8.18 -0.93
C ASP C 603 24.39 -9.11 -2.14
N CYS C 604 25.00 -10.33 -2.17
CA CYS C 604 24.84 -11.32 -3.25
C CYS C 604 23.39 -11.56 -3.71
N ASN C 605 22.42 -11.57 -2.78
CA ASN C 605 21.01 -11.82 -3.06
C ASN C 605 20.33 -10.83 -4.02
N TYR C 606 20.86 -9.61 -4.18
CA TYR C 606 20.22 -8.59 -5.00
C TYR C 606 21.15 -8.13 -6.14
N PRO C 607 21.28 -8.93 -7.24
CA PRO C 607 22.21 -8.56 -8.32
C PRO C 607 21.67 -7.62 -9.39
N ASP C 608 20.36 -7.30 -9.39
CA ASP C 608 19.78 -6.47 -10.43
C ASP C 608 20.27 -5.00 -10.43
N PRO C 609 20.79 -4.46 -11.56
CA PRO C 609 21.25 -3.05 -11.55
C PRO C 609 20.27 -1.99 -11.06
N MET C 610 18.96 -2.20 -11.24
CA MET C 610 17.96 -1.22 -10.81
C MET C 610 17.85 -1.23 -9.27
N VAL C 611 17.94 -2.42 -8.65
CA VAL C 611 17.89 -2.57 -7.20
C VAL C 611 19.17 -1.99 -6.59
N ARG C 612 20.33 -2.30 -7.22
CA ARG C 612 21.65 -1.81 -6.85
C ARG C 612 21.68 -0.29 -6.87
N GLY C 613 21.17 0.29 -7.96
CA GLY C 613 21.15 1.73 -8.13
C GLY C 613 20.26 2.41 -7.11
N PHE C 614 19.12 1.78 -6.79
CA PHE C 614 18.22 2.26 -5.75
C PHE C 614 18.96 2.29 -4.40
N ALA C 615 19.68 1.21 -4.07
CA ALA C 615 20.44 1.13 -2.83
C ALA C 615 21.48 2.26 -2.74
N VAL C 616 22.22 2.52 -3.84
CA VAL C 616 23.24 3.56 -3.90
C VAL C 616 22.59 4.94 -3.74
N ARG C 617 21.41 5.16 -4.34
CA ARG C 617 20.70 6.44 -4.19
C ARG C 617 20.38 6.73 -2.71
N CYS C 618 19.95 5.70 -1.96
CA CYS C 618 19.68 5.84 -0.52
C CYS C 618 20.94 6.24 0.24
N LEU C 619 22.10 5.65 -0.09
CA LEU C 619 23.35 5.96 0.59
C LEU C 619 23.86 7.36 0.22
N GLU C 620 23.65 7.79 -1.02
CA GLU C 620 24.08 9.12 -1.45
C GLU C 620 23.32 10.18 -0.67
N LYS C 621 22.00 10.02 -0.54
CA LYS C 621 21.15 11.00 0.11
C LYS C 621 21.11 10.90 1.63
N TYR C 622 21.30 9.70 2.21
CA TYR C 622 21.13 9.51 3.65
C TYR C 622 22.36 9.02 4.44
N LEU C 623 23.28 8.25 3.83
CA LEU C 623 24.45 7.75 4.58
C LEU C 623 25.40 8.88 4.93
N THR C 624 25.54 9.16 6.24
CA THR C 624 26.45 10.21 6.73
C THR C 624 27.88 9.71 6.65
N ASP C 625 28.86 10.63 6.63
CA ASP C 625 30.26 10.23 6.57
C ASP C 625 30.66 9.41 7.81
N ASP C 626 30.00 9.61 8.97
CA ASP C 626 30.28 8.78 10.15
C ASP C 626 29.87 7.33 9.88
N LYS C 627 28.66 7.11 9.36
CA LYS C 627 28.19 5.76 9.12
C LYS C 627 28.92 5.13 7.93
N LEU C 628 29.32 5.93 6.92
CA LEU C 628 30.05 5.39 5.77
C LEU C 628 31.39 4.84 6.23
N SER C 629 32.12 5.58 7.09
CA SER C 629 33.39 5.10 7.64
C SER C 629 33.16 3.85 8.50
N GLN C 630 32.04 3.82 9.27
CA GLN C 630 31.66 2.71 10.12
C GLN C 630 31.44 1.42 9.32
N TYR C 631 30.73 1.49 8.18
CA TYR C 631 30.44 0.32 7.33
C TYR C 631 31.27 0.29 6.03
N LEU C 632 32.48 0.87 6.01
CA LEU C 632 33.30 0.88 4.80
C LEU C 632 33.86 -0.50 4.50
N ILE C 633 34.06 -1.39 5.51
CA ILE C 633 34.58 -2.74 5.25
C ILE C 633 33.66 -3.49 4.29
N GLN C 634 32.34 -3.49 4.58
CA GLN C 634 31.34 -4.17 3.78
C GLN C 634 31.12 -3.48 2.46
N LEU C 635 31.08 -2.13 2.44
CA LEU C 635 30.81 -1.41 1.20
C LEU C 635 31.93 -1.62 0.18
N VAL C 636 33.18 -1.81 0.62
CA VAL C 636 34.27 -2.11 -0.29
C VAL C 636 34.11 -3.57 -0.78
N GLN C 637 33.69 -4.51 0.10
CA GLN C 637 33.48 -5.90 -0.30
C GLN C 637 32.39 -6.06 -1.35
N VAL C 638 31.23 -5.41 -1.15
CA VAL C 638 30.13 -5.54 -2.12
C VAL C 638 30.48 -4.94 -3.51
N LEU C 639 31.64 -4.23 -3.64
CA LEU C 639 32.11 -3.79 -4.95
C LEU C 639 32.44 -5.01 -5.82
N LYS C 640 32.92 -6.11 -5.21
CA LYS C 640 33.28 -7.35 -5.90
C LYS C 640 32.09 -8.02 -6.58
N TYR C 641 30.87 -7.84 -6.03
CA TYR C 641 29.66 -8.40 -6.63
C TYR C 641 29.24 -7.66 -7.89
N GLU C 642 29.65 -6.38 -8.08
CA GLU C 642 29.26 -5.61 -9.28
C GLU C 642 29.72 -6.32 -10.55
N GLN C 643 28.87 -6.34 -11.60
CA GLN C 643 29.20 -7.03 -12.84
C GLN C 643 30.28 -6.29 -13.62
N TYR C 644 30.18 -4.96 -13.68
CA TYR C 644 31.08 -4.11 -14.47
C TYR C 644 31.96 -3.23 -13.62
N LEU C 645 33.09 -2.80 -14.20
CA LEU C 645 34.07 -1.99 -13.49
C LEU C 645 33.48 -0.63 -13.12
N ASP C 646 32.82 0.06 -14.09
CA ASP C 646 32.17 1.34 -13.85
C ASP C 646 30.71 1.10 -13.47
N ASN C 647 30.26 1.64 -12.34
CA ASN C 647 28.91 1.46 -11.82
C ASN C 647 28.58 2.54 -10.79
N LEU C 648 27.31 2.63 -10.31
CA LEU C 648 26.95 3.68 -9.36
C LEU C 648 27.58 3.52 -7.97
N LEU C 649 27.84 2.28 -7.50
CA LEU C 649 28.45 2.09 -6.17
C LEU C 649 29.89 2.59 -6.18
N VAL C 650 30.71 2.14 -7.14
CA VAL C 650 32.11 2.56 -7.22
C VAL C 650 32.23 4.07 -7.45
N ARG C 651 31.36 4.64 -8.30
CA ARG C 651 31.37 6.09 -8.53
C ARG C 651 31.02 6.85 -7.24
N PHE C 652 30.16 6.27 -6.37
CA PHE C 652 29.78 6.85 -5.09
C PHE C 652 30.93 6.75 -4.09
N LEU C 653 31.51 5.54 -3.90
CA LEU C 653 32.59 5.35 -2.94
C LEU C 653 33.86 6.13 -3.31
N LEU C 654 34.21 6.21 -4.60
CA LEU C 654 35.36 6.98 -5.04
C LEU C 654 35.09 8.49 -4.82
N LYS C 655 33.85 8.96 -4.94
CA LYS C 655 33.53 10.36 -4.70
C LYS C 655 33.75 10.69 -3.24
N LYS C 656 33.27 9.84 -2.31
CA LYS C 656 33.43 10.09 -0.88
C LYS C 656 34.89 9.94 -0.45
N ALA C 657 35.64 9.02 -1.07
CA ALA C 657 37.06 8.84 -0.81
C ALA C 657 37.86 10.10 -1.23
N LEU C 658 37.52 10.69 -2.38
CA LEU C 658 38.20 11.88 -2.89
C LEU C 658 37.66 13.21 -2.34
N THR C 659 36.61 13.19 -1.49
CA THR C 659 36.06 14.39 -0.83
C THR C 659 36.10 14.29 0.72
N ASN C 660 36.76 13.26 1.28
CA ASN C 660 36.92 13.08 2.73
C ASN C 660 38.14 12.17 2.94
N GLN C 661 39.30 12.76 3.30
CA GLN C 661 40.55 12.01 3.43
C GLN C 661 40.54 10.91 4.54
N ARG C 662 39.61 10.97 5.51
CA ARG C 662 39.49 9.90 6.52
C ARG C 662 38.87 8.68 5.82
N ILE C 663 37.83 8.89 5.00
CA ILE C 663 37.20 7.80 4.24
C ILE C 663 38.24 7.31 3.22
N GLY C 664 38.85 8.23 2.48
CA GLY C 664 39.88 7.93 1.49
C GLY C 664 41.01 7.08 2.01
N HIS C 665 41.51 7.39 3.23
CA HIS C 665 42.60 6.63 3.85
C HIS C 665 42.26 5.13 3.96
N PHE C 666 41.14 4.79 4.62
CA PHE C 666 40.76 3.39 4.79
C PHE C 666 40.27 2.79 3.49
N PHE C 667 39.70 3.59 2.57
CA PHE C 667 39.33 3.12 1.23
C PHE C 667 40.58 2.61 0.51
N PHE C 668 41.71 3.34 0.65
CA PHE C 668 42.97 2.93 0.09
C PHE C 668 43.43 1.62 0.74
N TRP C 669 43.53 1.55 2.07
CA TRP C 669 44.05 0.34 2.73
C TRP C 669 43.19 -0.90 2.58
N HIS C 670 41.86 -0.75 2.55
CA HIS C 670 40.98 -1.91 2.38
C HIS C 670 41.12 -2.51 0.97
N LEU C 671 41.44 -1.68 -0.04
CA LEU C 671 41.64 -2.15 -1.41
C LEU C 671 43.09 -2.67 -1.58
N LYS C 672 44.08 -1.90 -1.11
CA LYS C 672 45.49 -2.27 -1.17
C LYS C 672 45.74 -3.61 -0.48
N SER C 673 45.04 -3.87 0.64
CA SER C 673 45.19 -5.13 1.38
C SER C 673 44.85 -6.36 0.56
N GLU C 674 44.04 -6.23 -0.51
CA GLU C 674 43.68 -7.37 -1.35
C GLU C 674 44.34 -7.34 -2.73
N MET C 675 45.42 -6.54 -2.92
CA MET C 675 46.09 -6.48 -4.23
C MET C 675 46.89 -7.73 -4.57
N HIS C 676 47.32 -8.49 -3.56
CA HIS C 676 47.98 -9.78 -3.73
C HIS C 676 47.03 -10.80 -4.43
N ASN C 677 45.71 -10.71 -4.13
CA ASN C 677 44.69 -11.60 -4.67
C ASN C 677 44.49 -11.33 -6.16
N LYS C 678 44.94 -12.25 -7.01
CA LYS C 678 44.84 -12.11 -8.46
C LYS C 678 43.40 -12.07 -8.97
N THR C 679 42.43 -12.61 -8.20
CA THR C 679 41.03 -12.59 -8.63
C THR C 679 40.50 -11.13 -8.66
N VAL C 680 41.01 -10.22 -7.76
CA VAL C 680 40.56 -8.82 -7.73
C VAL C 680 41.67 -7.81 -8.02
N SER C 681 42.92 -8.25 -8.30
CA SER C 681 44.03 -7.33 -8.58
C SER C 681 43.74 -6.27 -9.64
N GLN C 682 43.07 -6.63 -10.75
CA GLN C 682 42.79 -5.67 -11.81
C GLN C 682 41.68 -4.71 -11.39
N ARG C 683 40.55 -5.20 -10.86
CA ARG C 683 39.45 -4.33 -10.45
C ARG C 683 39.92 -3.33 -9.37
N PHE C 684 40.48 -3.81 -8.26
CA PHE C 684 40.95 -2.94 -7.19
C PHE C 684 42.16 -2.10 -7.60
N GLY C 685 42.97 -2.59 -8.53
CA GLY C 685 44.11 -1.85 -9.04
C GLY C 685 43.69 -0.65 -9.85
N LEU C 686 42.72 -0.84 -10.77
CA LEU C 686 42.21 0.27 -11.58
C LEU C 686 41.54 1.31 -10.69
N LEU C 687 40.82 0.85 -9.65
CA LEU C 687 40.14 1.72 -8.72
C LEU C 687 41.14 2.50 -7.89
N LEU C 688 42.15 1.82 -7.34
CA LEU C 688 43.19 2.48 -6.57
C LEU C 688 43.95 3.50 -7.42
N GLU C 689 44.16 3.21 -8.73
CA GLU C 689 44.85 4.11 -9.64
C GLU C 689 44.05 5.40 -9.78
N SER C 690 42.73 5.28 -9.98
CA SER C 690 41.88 6.44 -10.10
C SER C 690 41.84 7.22 -8.79
N TYR C 691 41.89 6.54 -7.64
CA TYR C 691 41.94 7.22 -6.35
C TYR C 691 43.24 8.01 -6.25
N CYS C 692 44.37 7.38 -6.50
CA CYS C 692 45.68 8.02 -6.41
C CYS C 692 45.87 9.15 -7.42
N ARG C 693 45.26 9.06 -8.60
CA ARG C 693 45.39 10.14 -9.60
C ARG C 693 44.90 11.49 -9.09
N ALA C 694 43.82 11.49 -8.28
CA ALA C 694 43.22 12.72 -7.79
C ALA C 694 43.18 12.89 -6.27
N CYS C 695 43.77 11.98 -5.46
CA CYS C 695 43.74 12.16 -3.99
C CYS C 695 44.56 13.38 -3.50
N GLY C 696 45.38 13.97 -4.38
CA GLY C 696 46.17 15.14 -4.04
C GLY C 696 47.48 14.80 -3.39
N MET C 697 47.89 15.64 -2.43
CA MET C 697 49.16 15.45 -1.71
C MET C 697 49.16 14.17 -0.85
N TYR C 698 47.97 13.62 -0.50
CA TYR C 698 47.92 12.43 0.32
C TYR C 698 48.57 11.20 -0.32
N LEU C 699 48.78 11.18 -1.65
CA LEU C 699 49.50 10.07 -2.28
C LEU C 699 50.95 10.01 -1.75
N LYS C 700 51.55 11.17 -1.45
CA LYS C 700 52.92 11.22 -0.91
C LYS C 700 52.93 10.59 0.48
N HIS C 701 51.92 10.87 1.31
CA HIS C 701 51.81 10.32 2.66
C HIS C 701 51.51 8.84 2.65
N LEU C 702 50.71 8.36 1.68
CA LEU C 702 50.41 6.93 1.59
C LEU C 702 51.65 6.17 1.15
N ASN C 703 52.46 6.73 0.23
CA ASN C 703 53.72 6.09 -0.17
C ASN C 703 54.66 5.95 1.03
N ARG C 704 54.67 6.93 1.96
CA ARG C 704 55.50 6.82 3.16
C ARG C 704 55.05 5.66 4.03
N GLN C 705 53.72 5.45 4.15
CA GLN C 705 53.15 4.37 4.93
C GLN C 705 53.45 3.04 4.26
N VAL C 706 53.32 2.97 2.92
CA VAL C 706 53.59 1.76 2.16
C VAL C 706 55.08 1.40 2.31
N GLU C 707 56.01 2.37 2.17
CA GLU C 707 57.46 2.15 2.39
C GLU C 707 57.71 1.52 3.76
N ALA C 708 57.15 2.16 4.82
CA ALA C 708 57.33 1.71 6.20
C ALA C 708 56.82 0.30 6.40
N MET C 709 55.66 -0.03 5.81
CA MET C 709 55.08 -1.36 5.95
C MET C 709 55.89 -2.38 5.19
N GLU C 710 56.42 -2.01 4.00
CA GLU C 710 57.26 -2.91 3.19
C GLU C 710 58.51 -3.30 3.98
N LYS C 711 59.10 -2.34 4.72
CA LYS C 711 60.28 -2.64 5.52
C LYS C 711 59.95 -3.55 6.67
N LEU C 712 58.81 -3.33 7.34
CA LEU C 712 58.41 -4.19 8.45
C LEU C 712 58.07 -5.60 7.94
N ILE C 713 57.46 -5.72 6.75
CA ILE C 713 57.11 -7.01 6.18
C ILE C 713 58.40 -7.77 5.87
N ASN C 714 59.35 -7.12 5.21
CA ASN C 714 60.64 -7.74 4.90
C ASN C 714 61.40 -8.12 6.19
N LEU C 715 61.49 -7.22 7.18
CA LEU C 715 62.17 -7.51 8.44
C LEU C 715 61.56 -8.71 9.15
N THR C 716 60.23 -8.76 9.27
CA THR C 716 59.56 -9.89 9.91
C THR C 716 59.59 -11.16 9.06
N ASP C 717 59.67 -11.06 7.72
CA ASP C 717 59.79 -12.23 6.86
C ASP C 717 61.10 -12.98 7.12
N ILE C 718 62.18 -12.25 7.47
CA ILE C 718 63.47 -12.86 7.75
C ILE C 718 63.32 -13.66 9.05
N LEU C 719 62.76 -13.04 10.10
CA LEU C 719 62.55 -13.70 11.38
C LEU C 719 61.59 -14.89 11.26
N LYS C 720 60.62 -14.81 10.37
CA LYS C 720 59.62 -15.84 10.12
C LYS C 720 60.19 -17.01 9.31
N GLN C 721 61.15 -16.75 8.39
CA GLN C 721 61.69 -17.79 7.50
C GLN C 721 63.12 -18.29 7.92
N GLU C 722 64.21 -17.58 7.58
CA GLU C 722 65.57 -18.08 7.89
C GLU C 722 65.92 -18.03 9.38
N LYS C 723 65.72 -16.89 10.05
CA LYS C 723 66.09 -16.75 11.45
C LYS C 723 64.95 -17.17 12.39
N LYS C 724 64.26 -18.28 12.07
CA LYS C 724 63.15 -18.81 12.88
C LYS C 724 63.64 -19.73 14.00
N ASP C 725 64.64 -20.58 13.72
CA ASP C 725 65.19 -21.49 14.73
C ASP C 725 66.11 -20.79 15.75
N GLU C 726 66.44 -19.49 15.56
CA GLU C 726 67.32 -18.76 16.48
C GLU C 726 66.58 -18.37 17.77
N THR C 727 67.35 -18.14 18.85
CA THR C 727 66.83 -17.79 20.18
C THR C 727 66.15 -16.41 20.20
N GLN C 728 65.29 -16.15 21.21
CA GLN C 728 64.65 -14.84 21.40
C GLN C 728 65.72 -13.74 21.57
N LYS C 729 66.77 -14.02 22.35
CA LYS C 729 67.87 -13.08 22.56
C LYS C 729 68.63 -12.81 21.24
N VAL C 730 68.81 -13.83 20.40
CA VAL C 730 69.52 -13.73 19.11
C VAL C 730 68.68 -12.93 18.10
N GLN C 731 67.37 -13.21 18.01
CA GLN C 731 66.46 -12.50 17.11
C GLN C 731 66.38 -11.02 17.49
N MET C 732 66.37 -10.72 18.81
CA MET C 732 66.34 -9.34 19.29
C MET C 732 67.62 -8.61 18.92
N LYS C 733 68.79 -9.27 19.02
CA LYS C 733 70.08 -8.69 18.61
C LYS C 733 70.02 -8.28 17.13
N PHE C 734 69.50 -9.18 16.25
CA PHE C 734 69.34 -8.92 14.82
C PHE C 734 68.39 -7.75 14.58
N LEU C 735 67.24 -7.76 15.28
CA LEU C 735 66.21 -6.72 15.18
C LEU C 735 66.80 -5.33 15.46
N VAL C 736 67.55 -5.18 16.56
CA VAL C 736 68.16 -3.90 16.95
C VAL C 736 69.16 -3.47 15.87
N GLU C 737 70.06 -4.38 15.47
CA GLU C 737 71.07 -4.10 14.45
C GLU C 737 70.45 -3.60 13.13
N GLN C 738 69.35 -4.23 12.68
CA GLN C 738 68.69 -3.83 11.43
C GLN C 738 67.88 -2.55 11.55
N MET C 739 67.18 -2.37 12.67
CA MET C 739 66.36 -1.19 12.88
C MET C 739 67.19 0.09 13.01
N ARG C 740 68.44 -0.01 13.50
CA ARG C 740 69.33 1.15 13.64
C ARG C 740 69.91 1.63 12.29
N ARG C 741 69.99 0.74 11.28
CA ARG C 741 70.55 1.10 9.95
C ARG C 741 69.84 2.34 9.35
N PRO C 742 70.51 3.18 8.53
CA PRO C 742 69.86 4.42 8.07
C PRO C 742 68.62 4.21 7.22
N ASP C 743 68.63 3.20 6.34
CA ASP C 743 67.48 2.87 5.49
C ASP C 743 66.22 2.62 6.31
N PHE C 744 66.34 1.94 7.47
CA PHE C 744 65.22 1.64 8.34
C PHE C 744 64.78 2.87 9.12
N MET C 745 65.74 3.63 9.67
CA MET C 745 65.40 4.82 10.47
C MET C 745 64.68 5.87 9.63
N ASP C 746 65.10 6.09 8.38
CA ASP C 746 64.44 7.07 7.51
C ASP C 746 63.02 6.60 7.14
N ALA C 747 62.88 5.32 6.79
CA ALA C 747 61.60 4.74 6.39
C ALA C 747 60.57 4.61 7.49
N LEU C 748 61.00 4.33 8.74
CA LEU C 748 60.08 4.08 9.86
C LEU C 748 59.88 5.26 10.83
N GLN C 749 60.23 6.49 10.42
CA GLN C 749 60.04 7.66 11.26
C GLN C 749 59.43 8.76 10.43
N GLY C 750 58.59 9.56 11.06
CA GLY C 750 57.93 10.66 10.36
C GLY C 750 56.97 10.19 9.29
N PHE C 751 55.92 9.48 9.71
CA PHE C 751 54.87 8.97 8.80
C PHE C 751 53.56 8.80 9.61
N LEU C 752 52.40 8.90 8.95
CA LEU C 752 51.12 8.82 9.65
C LEU C 752 50.71 7.40 9.94
N SER C 753 50.16 7.15 11.14
CA SER C 753 49.72 5.81 11.56
C SER C 753 48.68 5.22 10.60
N PRO C 754 48.89 4.08 9.90
CA PRO C 754 47.80 3.54 9.06
C PRO C 754 46.53 3.21 9.85
N LEU C 755 46.65 2.91 11.16
CA LEU C 755 45.47 2.63 11.98
C LEU C 755 44.62 3.88 12.20
N ASN C 756 45.22 5.07 12.20
CA ASN C 756 44.49 6.33 12.36
C ASN C 756 45.35 7.47 11.79
N PRO C 757 45.12 8.00 10.57
CA PRO C 757 46.02 9.06 10.05
C PRO C 757 46.08 10.34 10.88
N ALA C 758 45.14 10.55 11.83
CA ALA C 758 45.22 11.70 12.74
C ALA C 758 46.43 11.56 13.71
N HIS C 759 46.97 10.33 13.90
CA HIS C 759 48.13 10.08 14.73
C HIS C 759 49.38 10.08 13.90
N GLN C 760 50.37 10.92 14.27
CA GLN C 760 51.65 10.99 13.58
C GLN C 760 52.64 10.14 14.35
N LEU C 761 53.48 9.39 13.63
CA LEU C 761 54.50 8.55 14.24
C LEU C 761 55.83 9.25 13.94
N GLY C 762 56.46 9.81 14.97
CA GLY C 762 57.68 10.57 14.81
C GLY C 762 58.92 9.71 14.95
N ASN C 763 59.79 10.05 15.91
CA ASN C 763 60.99 9.26 16.16
C ASN C 763 60.62 7.94 16.81
N LEU C 764 61.29 6.88 16.36
CA LEU C 764 61.03 5.52 16.84
C LEU C 764 61.83 5.28 18.14
N ARG C 765 61.15 4.86 19.23
CA ARG C 765 61.84 4.57 20.51
C ARG C 765 62.33 3.12 20.44
N LEU C 766 63.54 2.94 19.92
CA LEU C 766 64.11 1.62 19.68
C LEU C 766 64.25 0.75 20.93
N GLU C 767 64.55 1.35 22.09
CA GLU C 767 64.67 0.59 23.34
C GLU C 767 63.33 -0.04 23.80
N GLU C 768 62.19 0.56 23.42
CA GLU C 768 60.87 0.03 23.79
C GLU C 768 60.36 -1.02 22.78
N CYS C 769 60.91 -1.02 21.53
CA CYS C 769 60.55 -2.00 20.52
C CYS C 769 61.02 -3.40 20.95
N ARG C 770 60.23 -4.43 20.64
CA ARG C 770 60.54 -5.79 21.04
C ARG C 770 59.69 -6.84 20.31
N ILE C 771 60.09 -8.12 20.34
CA ILE C 771 59.32 -9.21 19.75
C ILE C 771 58.44 -9.74 20.89
N MET C 772 57.14 -9.88 20.64
CA MET C 772 56.18 -10.30 21.67
C MET C 772 56.10 -11.80 21.83
N SER C 773 55.70 -12.23 23.05
CA SER C 773 55.46 -13.63 23.39
C SER C 773 54.01 -13.96 23.02
N SER C 774 53.73 -14.12 21.73
CA SER C 774 52.37 -14.44 21.23
C SER C 774 52.46 -15.24 19.91
N ALA C 775 51.31 -15.74 19.40
CA ALA C 775 51.26 -16.51 18.16
C ALA C 775 51.83 -15.70 16.99
N LYS C 776 52.66 -16.35 16.14
CA LYS C 776 53.33 -15.75 14.99
C LYS C 776 54.39 -14.70 15.38
N ARG C 777 54.75 -14.60 16.70
CA ARG C 777 55.75 -13.67 17.22
C ARG C 777 55.55 -12.22 16.69
N PRO C 778 54.44 -11.53 17.05
CA PRO C 778 54.25 -10.18 16.51
C PRO C 778 55.23 -9.18 17.08
N LEU C 779 55.58 -8.18 16.28
CA LEU C 779 56.55 -7.18 16.62
C LEU C 779 55.88 -5.98 17.30
N TRP C 780 56.34 -5.58 18.50
CA TRP C 780 55.81 -4.43 19.27
C TRP C 780 56.64 -3.18 18.93
N LEU C 781 56.03 -2.15 18.33
CA LEU C 781 56.73 -0.92 17.97
C LEU C 781 56.23 0.26 18.82
N ASN C 782 57.08 1.27 19.00
CA ASN C 782 56.78 2.42 19.84
C ASN C 782 57.36 3.68 19.22
N TRP C 783 56.55 4.74 19.03
CA TRP C 783 57.01 6.01 18.44
C TRP C 783 56.63 7.18 19.31
N GLU C 784 57.42 8.25 19.27
CA GLU C 784 57.08 9.48 19.97
C GLU C 784 55.96 10.15 19.19
N ASN C 785 55.04 10.81 19.89
CA ASN C 785 53.97 11.55 19.26
C ASN C 785 54.58 12.91 18.96
N PRO C 786 54.92 13.26 17.69
CA PRO C 786 55.60 14.54 17.44
C PRO C 786 54.75 15.79 17.61
N ASP C 787 53.52 15.67 18.12
CA ASP C 787 52.66 16.82 18.33
C ASP C 787 53.23 17.72 19.40
N ILE C 788 52.94 19.02 19.28
CA ILE C 788 53.46 20.05 20.18
C ILE C 788 52.98 19.78 21.59
N MET C 789 51.71 19.43 21.75
CA MET C 789 51.13 19.15 23.05
C MET C 789 50.77 17.69 23.15
N SER C 790 51.74 16.81 22.79
CA SER C 790 51.58 15.36 22.91
C SER C 790 51.24 14.96 24.32
N GLU C 791 51.90 15.60 25.31
CA GLU C 791 51.67 15.43 26.75
C GLU C 791 50.19 15.40 27.20
N LEU C 792 49.28 16.12 26.48
CA LEU C 792 47.85 16.19 26.82
C LEU C 792 46.98 15.14 26.08
N LEU C 793 47.61 14.05 25.55
CA LEU C 793 46.87 12.99 24.84
C LEU C 793 47.60 11.63 25.02
N PHE C 794 48.84 11.51 24.52
CA PHE C 794 49.70 10.33 24.68
C PHE C 794 51.09 10.67 24.20
N GLN C 795 52.10 10.48 25.04
CA GLN C 795 53.48 10.83 24.68
C GLN C 795 54.05 9.85 23.66
N ASN C 796 53.72 8.56 23.82
CA ASN C 796 54.16 7.49 22.93
C ASN C 796 52.95 6.78 22.34
N ASN C 797 53.07 6.37 21.07
CA ASN C 797 52.06 5.64 20.30
C ASN C 797 52.63 4.25 19.98
N GLU C 798 52.09 3.20 20.63
CA GLU C 798 52.55 1.82 20.43
C GLU C 798 51.58 1.09 19.49
N ILE C 799 52.15 0.31 18.52
CA ILE C 799 51.39 -0.50 17.55
C ILE C 799 52.03 -1.89 17.49
N ILE C 800 51.21 -2.94 17.38
CA ILE C 800 51.68 -4.31 17.25
C ILE C 800 51.56 -4.65 15.76
N PHE C 801 52.67 -5.02 15.12
CA PHE C 801 52.70 -5.42 13.71
C PHE C 801 52.72 -6.96 13.71
N LYS C 802 51.71 -7.64 13.12
CA LYS C 802 51.65 -9.11 13.10
C LYS C 802 51.69 -9.71 11.67
N ASN C 803 52.72 -10.52 11.38
CA ASN C 803 52.92 -11.13 10.06
C ASN C 803 52.74 -12.67 10.16
N GLY C 804 51.63 -13.16 9.63
CA GLY C 804 51.32 -14.59 9.64
C GLY C 804 49.84 -14.87 9.74
N ASP C 805 49.16 -14.23 10.69
CA ASP C 805 47.72 -14.44 10.92
C ASP C 805 46.83 -13.57 10.04
N ASP C 806 45.69 -14.11 9.59
CA ASP C 806 44.68 -13.39 8.80
C ASP C 806 43.89 -12.55 9.79
N LEU C 807 43.98 -11.22 9.69
CA LEU C 807 43.32 -10.32 10.64
C LEU C 807 41.95 -9.80 10.16
N ARG C 808 41.35 -10.38 9.10
CA ARG C 808 40.02 -9.95 8.65
C ARG C 808 38.98 -10.33 9.69
N GLN C 809 39.09 -11.53 10.29
CA GLN C 809 38.14 -11.96 11.31
C GLN C 809 38.22 -11.04 12.52
N ASP C 810 39.42 -10.63 12.94
CA ASP C 810 39.56 -9.71 14.08
C ASP C 810 38.96 -8.36 13.70
N MET C 811 39.25 -7.86 12.48
CA MET C 811 38.72 -6.59 11.99
C MET C 811 37.20 -6.57 12.00
N LEU C 812 36.57 -7.65 11.55
CA LEU C 812 35.13 -7.73 11.48
C LEU C 812 34.50 -7.88 12.88
N THR C 813 35.15 -8.63 13.79
CA THR C 813 34.64 -8.80 15.14
C THR C 813 34.73 -7.49 15.89
N LEU C 814 35.86 -6.77 15.73
CA LEU C 814 36.04 -5.47 16.39
C LEU C 814 35.03 -4.44 15.83
N GLN C 815 34.71 -4.52 14.54
CA GLN C 815 33.71 -3.62 13.95
C GLN C 815 32.34 -3.89 14.55
N ILE C 816 31.98 -5.18 14.72
CA ILE C 816 30.70 -5.57 15.29
C ILE C 816 30.63 -5.10 16.75
N ILE C 817 31.72 -5.28 17.53
CA ILE C 817 31.77 -4.82 18.93
C ILE C 817 31.56 -3.29 19.03
N ARG C 818 32.15 -2.51 18.11
CA ARG C 818 31.97 -1.06 18.08
C ARG C 818 30.51 -0.73 17.79
N ILE C 819 29.88 -1.45 16.85
CA ILE C 819 28.47 -1.24 16.48
C ILE C 819 27.54 -1.55 17.67
N MET C 820 27.84 -2.59 18.45
CA MET C 820 27.06 -2.95 19.63
C MET C 820 27.16 -1.87 20.71
N GLU C 821 28.36 -1.31 20.91
CA GLU C 821 28.58 -0.25 21.89
C GLU C 821 27.77 0.98 21.50
N ASN C 822 27.80 1.34 20.20
CA ASN C 822 27.06 2.48 19.68
C ASN C 822 25.55 2.32 19.93
N ILE C 823 25.01 1.12 19.66
CA ILE C 823 23.57 0.87 19.88
C ILE C 823 23.23 1.03 21.37
N TRP C 824 24.05 0.44 22.25
CA TRP C 824 23.82 0.54 23.69
C TRP C 824 23.92 1.97 24.22
N GLN C 825 24.97 2.72 23.85
CA GLN C 825 25.15 4.09 24.34
C GLN C 825 24.06 5.01 23.78
N ASN C 826 23.67 4.87 22.51
CA ASN C 826 22.59 5.68 21.95
C ASN C 826 21.26 5.38 22.64
N GLN C 827 20.98 4.09 22.88
CA GLN C 827 19.76 3.67 23.57
C GLN C 827 19.71 4.13 25.05
N GLY C 828 20.85 4.17 25.72
CA GLY C 828 20.93 4.56 27.13
C GLY C 828 21.37 3.44 28.06
N LEU C 829 22.48 2.79 27.71
CA LEU C 829 23.10 1.69 28.46
C LEU C 829 24.60 1.94 28.43
N ASP C 830 25.16 2.47 29.53
CA ASP C 830 26.58 2.85 29.61
C ASP C 830 27.56 1.67 29.75
N LEU C 831 27.55 0.74 28.79
CA LEU C 831 28.45 -0.41 28.79
C LEU C 831 29.65 -0.03 27.97
N ARG C 832 30.82 0.13 28.61
CA ARG C 832 32.01 0.58 27.91
C ARG C 832 32.81 -0.56 27.26
N MET C 833 32.70 -0.67 25.94
CA MET C 833 33.46 -1.65 25.17
C MET C 833 34.81 -1.04 24.80
N LEU C 834 35.74 -1.86 24.31
CA LEU C 834 37.01 -1.37 23.84
C LEU C 834 37.28 -1.97 22.46
N PRO C 835 36.66 -1.43 21.38
CA PRO C 835 36.95 -1.95 20.03
C PRO C 835 38.24 -1.29 19.54
N TYR C 836 39.38 -1.78 20.05
CA TYR C 836 40.70 -1.27 19.67
C TYR C 836 40.93 -1.42 18.16
N GLY C 837 41.82 -0.62 17.63
CA GLY C 837 42.10 -0.61 16.20
C GLY C 837 42.73 -1.88 15.67
N CYS C 838 42.34 -2.29 14.47
CA CYS C 838 42.93 -3.44 13.79
C CYS C 838 42.77 -3.23 12.30
N LEU C 839 43.85 -3.36 11.53
CA LEU C 839 43.78 -3.13 10.10
C LEU C 839 44.65 -4.12 9.38
N SER C 840 44.07 -4.84 8.42
CA SER C 840 44.82 -5.75 7.58
C SER C 840 45.39 -4.90 6.44
N ILE C 841 46.70 -5.03 6.18
CA ILE C 841 47.41 -4.26 5.16
C ILE C 841 48.05 -5.16 4.05
N GLY C 842 47.65 -6.41 3.96
CA GLY C 842 48.19 -7.34 2.98
C GLY C 842 47.71 -8.76 3.19
N ASP C 843 48.44 -9.73 2.62
CA ASP C 843 48.08 -11.13 2.77
C ASP C 843 48.59 -11.62 4.12
N CYS C 844 47.69 -11.72 5.12
CA CYS C 844 48.00 -12.15 6.49
C CYS C 844 49.08 -11.28 7.15
N VAL C 845 48.89 -9.94 7.06
CA VAL C 845 49.76 -8.92 7.65
C VAL C 845 48.84 -7.83 8.16
N GLY C 846 49.10 -7.28 9.34
CA GLY C 846 48.27 -6.20 9.85
C GLY C 846 48.82 -5.49 11.06
N LEU C 847 48.05 -4.52 11.56
CA LEU C 847 48.43 -3.70 12.71
C LEU C 847 47.33 -3.75 13.74
N ILE C 848 47.68 -3.83 15.02
CA ILE C 848 46.73 -3.86 16.13
C ILE C 848 47.10 -2.69 17.04
N GLU C 849 46.11 -1.90 17.45
CA GLU C 849 46.34 -0.77 18.34
C GLU C 849 46.61 -1.28 19.75
N VAL C 850 47.59 -0.69 20.41
CA VAL C 850 47.96 -1.04 21.78
C VAL C 850 47.12 -0.18 22.72
N VAL C 851 46.48 -0.83 23.70
CA VAL C 851 45.70 -0.14 24.71
C VAL C 851 46.64 0.15 25.86
N ARG C 852 46.79 1.43 26.23
CA ARG C 852 47.72 1.82 27.30
C ARG C 852 47.17 1.41 28.67
N ASN C 853 48.08 1.03 29.60
CA ASN C 853 47.76 0.63 30.97
C ASN C 853 46.74 -0.50 31.05
N SER C 854 47.00 -1.60 30.35
CA SER C 854 46.15 -2.78 30.36
C SER C 854 46.98 -4.03 30.51
N HIS C 855 46.41 -5.06 31.12
CA HIS C 855 47.10 -6.33 31.36
C HIS C 855 46.11 -7.47 31.28
N THR C 856 46.58 -8.65 30.88
CA THR C 856 45.73 -9.84 30.83
C THR C 856 45.41 -10.29 32.25
N ILE C 857 44.36 -11.10 32.41
CA ILE C 857 43.94 -11.61 33.74
C ILE C 857 45.12 -12.36 34.41
N MET C 858 45.89 -13.11 33.61
CA MET C 858 47.05 -13.84 34.09
C MET C 858 48.14 -12.90 34.62
N GLN C 859 48.47 -11.82 33.89
CA GLN C 859 49.48 -10.86 34.35
C GLN C 859 49.06 -10.16 35.67
N ILE C 860 47.75 -10.10 35.96
CA ILE C 860 47.23 -9.55 37.21
C ILE C 860 47.55 -10.55 38.34
N GLN C 861 47.27 -11.84 38.08
CA GLN C 861 47.49 -12.93 39.05
C GLN C 861 48.97 -13.05 39.48
N CYS C 862 49.91 -13.01 38.53
CA CYS C 862 51.35 -13.12 38.85
C CYS C 862 51.88 -11.95 39.69
N LYS C 863 51.27 -10.75 39.58
CA LYS C 863 51.71 -9.59 40.36
C LYS C 863 51.36 -9.78 41.84
N LEU C 870 52.86 -15.47 46.03
CA LEU C 870 52.33 -16.20 44.87
C LEU C 870 51.02 -15.52 44.40
N GLN C 871 49.99 -15.47 45.28
CA GLN C 871 48.66 -14.88 45.01
C GLN C 871 48.04 -15.32 43.68
N PHE C 872 47.38 -16.49 43.68
CA PHE C 872 46.67 -17.04 42.51
C PHE C 872 45.15 -17.26 42.77
N ASN C 873 44.66 -16.97 44.00
CA ASN C 873 43.24 -17.15 44.35
C ASN C 873 42.30 -16.23 43.56
N SER C 874 40.99 -16.51 43.61
CA SER C 874 39.98 -15.70 42.92
C SER C 874 39.95 -14.24 43.38
N HIS C 875 40.21 -13.96 44.68
CA HIS C 875 40.21 -12.60 45.21
C HIS C 875 41.39 -11.73 44.72
N THR C 876 42.40 -12.30 44.04
CA THR C 876 43.56 -11.54 43.56
C THR C 876 43.18 -10.47 42.52
N LEU C 877 42.22 -10.76 41.61
CA LEU C 877 41.79 -9.78 40.61
C LEU C 877 41.16 -8.56 41.30
N HIS C 878 40.30 -8.80 42.29
CA HIS C 878 39.66 -7.72 43.05
C HIS C 878 40.68 -6.94 43.87
N GLN C 879 41.63 -7.64 44.51
CA GLN C 879 42.67 -6.98 45.31
C GLN C 879 43.51 -6.05 44.44
N TRP C 880 43.86 -6.47 43.21
CA TRP C 880 44.65 -5.62 42.31
C TRP C 880 43.89 -4.35 41.97
N LEU C 881 42.59 -4.46 41.65
CA LEU C 881 41.79 -3.29 41.31
C LEU C 881 41.58 -2.37 42.54
N LYS C 882 41.52 -2.95 43.76
CA LYS C 882 41.42 -2.17 44.98
C LYS C 882 42.67 -1.30 45.15
N ASP C 883 43.86 -1.87 44.90
CA ASP C 883 45.12 -1.14 45.03
C ASP C 883 45.29 -0.06 43.94
N LYS C 884 44.86 -0.34 42.69
CA LYS C 884 44.98 0.64 41.60
C LYS C 884 43.94 1.79 41.72
N ASN C 885 42.84 1.58 42.47
CA ASN C 885 41.81 2.60 42.68
C ASN C 885 41.46 2.65 44.16
N LYS C 886 42.31 3.30 44.96
CA LYS C 886 42.11 3.41 46.41
C LYS C 886 41.28 4.65 46.76
N GLY C 887 40.48 4.55 47.82
CA GLY C 887 39.69 5.67 48.29
C GLY C 887 38.39 5.92 47.56
N GLU C 888 38.15 7.19 47.16
CA GLU C 888 36.90 7.61 46.50
C GLU C 888 36.76 6.99 45.11
N ILE C 889 37.85 6.96 44.34
CA ILE C 889 37.87 6.40 42.99
C ILE C 889 37.64 4.84 42.98
N TYR C 890 37.51 4.18 44.15
CA TYR C 890 37.26 2.74 44.19
C TYR C 890 35.89 2.38 43.60
N ASP C 891 34.82 3.04 44.06
CA ASP C 891 33.46 2.73 43.61
C ASP C 891 33.30 2.95 42.11
N ALA C 892 33.97 3.97 41.56
CA ALA C 892 33.93 4.25 40.13
C ALA C 892 34.54 3.10 39.32
N ALA C 893 35.69 2.55 39.76
CA ALA C 893 36.37 1.45 39.09
C ALA C 893 35.53 0.18 39.08
N ILE C 894 34.82 -0.11 40.18
CA ILE C 894 33.96 -1.29 40.28
C ILE C 894 32.81 -1.12 39.30
N ASP C 895 32.19 0.06 39.27
CA ASP C 895 31.10 0.35 38.33
C ASP C 895 31.57 0.17 36.88
N LEU C 896 32.76 0.67 36.53
CA LEU C 896 33.32 0.53 35.20
C LEU C 896 33.60 -0.94 34.86
N PHE C 897 34.05 -1.74 35.84
CA PHE C 897 34.27 -3.17 35.62
C PHE C 897 32.93 -3.88 35.37
N THR C 898 31.91 -3.62 36.19
CA THR C 898 30.59 -4.26 36.05
C THR C 898 29.93 -3.92 34.71
N ARG C 899 29.99 -2.64 34.30
CA ARG C 899 29.37 -2.19 33.05
C ARG C 899 30.07 -2.76 31.80
N SER C 900 31.41 -2.80 31.79
CA SER C 900 32.17 -3.36 30.67
C SER C 900 32.02 -4.89 30.62
N CYS C 901 32.11 -5.54 31.80
CA CYS C 901 31.95 -6.99 31.94
C CYS C 901 30.59 -7.45 31.40
N ALA C 902 29.53 -6.68 31.67
CA ALA C 902 28.19 -7.03 31.21
C ALA C 902 28.07 -7.05 29.68
N GLY C 903 28.53 -6.00 29.01
CA GLY C 903 28.45 -5.93 27.55
C GLY C 903 29.32 -6.94 26.85
N TYR C 904 30.52 -7.27 27.40
CA TYR C 904 31.37 -8.29 26.78
C TYR C 904 30.72 -9.68 26.93
N CYS C 905 30.01 -9.93 28.04
CA CYS C 905 29.28 -11.17 28.23
C CYS C 905 28.19 -11.34 27.17
N VAL C 906 27.46 -10.26 26.88
CA VAL C 906 26.41 -10.26 25.86
C VAL C 906 27.00 -10.42 24.47
N ALA C 907 28.04 -9.62 24.14
CA ALA C 907 28.69 -9.65 22.83
C ALA C 907 29.31 -11.03 22.52
N THR C 908 30.01 -11.63 23.48
CA THR C 908 30.62 -12.94 23.28
C THR C 908 29.56 -14.04 23.17
N PHE C 909 28.41 -13.90 23.85
CA PHE C 909 27.33 -14.87 23.76
C PHE C 909 26.66 -14.80 22.39
N ILE C 910 26.25 -13.60 21.95
CA ILE C 910 25.56 -13.43 20.67
C ILE C 910 26.41 -13.93 19.48
N LEU C 911 27.73 -13.65 19.52
CA LEU C 911 28.65 -14.04 18.45
C LEU C 911 29.31 -15.41 18.63
N GLY C 912 29.07 -16.09 19.75
CA GLY C 912 29.66 -17.39 19.99
C GLY C 912 31.17 -17.35 20.13
N ILE C 913 31.70 -16.37 20.88
CA ILE C 913 33.13 -16.26 21.11
C ILE C 913 33.42 -17.13 22.34
N GLY C 914 33.56 -18.43 22.12
CA GLY C 914 33.77 -19.39 23.19
C GLY C 914 35.22 -19.64 23.55
N ASP C 915 36.18 -19.17 22.74
CA ASP C 915 37.60 -19.40 23.02
C ASP C 915 38.19 -18.45 24.07
N ARG C 916 37.40 -17.98 25.06
CA ARG C 916 37.91 -17.05 26.06
C ARG C 916 38.68 -17.74 27.16
N HIS C 917 39.78 -17.13 27.58
CA HIS C 917 40.63 -17.64 28.66
C HIS C 917 41.39 -16.48 29.34
N ASN C 918 41.91 -16.72 30.56
CA ASN C 918 42.62 -15.70 31.37
C ASN C 918 43.80 -14.98 30.68
N SER C 919 44.21 -15.39 29.46
CA SER C 919 45.25 -14.72 28.68
C SER C 919 44.66 -13.88 27.50
N ASN C 920 43.34 -14.02 27.19
CA ASN C 920 42.62 -13.24 26.18
C ASN C 920 41.87 -12.07 26.79
N ILE C 921 41.48 -12.17 28.07
CA ILE C 921 40.70 -11.12 28.74
C ILE C 921 41.70 -10.16 29.41
N MET C 922 41.51 -8.84 29.23
CA MET C 922 42.35 -7.79 29.80
C MET C 922 41.52 -6.79 30.60
N VAL C 923 42.14 -6.14 31.60
CA VAL C 923 41.50 -5.14 32.45
C VAL C 923 42.45 -3.95 32.56
N LYS C 924 41.94 -2.75 32.27
CA LYS C 924 42.71 -1.53 32.38
C LYS C 924 42.94 -1.19 33.85
N ASP C 925 43.92 -0.32 34.16
CA ASP C 925 44.18 0.13 35.53
C ASP C 925 42.93 0.77 36.15
N ASP C 926 42.05 1.42 35.32
CA ASP C 926 40.80 2.03 35.76
C ASP C 926 39.61 1.05 35.94
N GLY C 927 39.80 -0.23 35.61
CA GLY C 927 38.77 -1.24 35.77
C GLY C 927 38.05 -1.68 34.51
N GLN C 928 38.24 -0.98 33.37
CA GLN C 928 37.57 -1.38 32.13
C GLN C 928 38.06 -2.74 31.65
N LEU C 929 37.15 -3.71 31.53
CA LEU C 929 37.48 -5.05 31.03
C LEU C 929 37.20 -5.10 29.54
N PHE C 930 38.07 -5.79 28.80
CA PHE C 930 37.94 -5.96 27.36
C PHE C 930 38.56 -7.28 26.88
N HIS C 931 38.16 -7.70 25.68
CA HIS C 931 38.62 -8.94 25.07
C HIS C 931 39.50 -8.66 23.87
N ILE C 932 40.52 -9.51 23.67
CA ILE C 932 41.48 -9.40 22.58
C ILE C 932 41.64 -10.77 21.87
N ASP C 933 42.33 -10.80 20.71
CA ASP C 933 42.63 -12.02 19.97
C ASP C 933 41.41 -12.82 19.59
N PHE C 934 40.76 -12.41 18.50
CA PHE C 934 39.65 -13.17 17.94
C PHE C 934 40.33 -14.06 16.85
N GLY C 935 39.72 -14.32 15.70
CA GLY C 935 40.38 -15.13 14.68
C GLY C 935 40.39 -16.63 14.94
N HIS C 936 40.34 -17.07 16.22
CA HIS C 936 40.32 -18.50 16.51
C HIS C 936 39.03 -19.02 17.14
N PHE C 937 37.99 -18.17 17.33
CA PHE C 937 36.75 -18.65 17.93
C PHE C 937 35.82 -19.42 16.97
N LEU C 938 36.19 -19.56 15.68
CA LEU C 938 35.41 -20.34 14.73
C LEU C 938 36.18 -21.57 14.18
N ASP C 939 37.33 -21.91 14.77
CA ASP C 939 38.16 -23.01 14.30
C ASP C 939 37.49 -24.38 14.51
N HIS C 940 36.82 -24.57 15.65
CA HIS C 940 36.16 -25.84 15.98
C HIS C 940 34.63 -25.81 15.77
N LYS C 941 34.10 -24.89 14.96
CA LYS C 941 32.65 -24.82 14.70
C LYS C 941 32.21 -25.93 13.72
N LYS C 942 33.07 -26.24 12.73
CA LYS C 942 32.77 -27.24 11.70
C LYS C 942 32.36 -28.62 12.27
N LYS C 943 33.21 -29.22 13.14
CA LYS C 943 33.02 -30.56 13.74
C LYS C 943 33.02 -31.66 12.66
N ARG C 949 29.56 -32.45 17.94
CA ARG C 949 29.14 -31.06 17.74
C ARG C 949 29.65 -30.16 18.88
N GLU C 950 29.97 -28.88 18.57
CA GLU C 950 30.44 -27.87 19.54
C GLU C 950 29.47 -26.68 19.61
N ARG C 951 28.80 -26.50 20.76
CA ARG C 951 27.92 -25.35 20.98
C ARG C 951 28.62 -24.45 22.00
N VAL C 952 28.63 -23.13 21.76
CA VAL C 952 29.32 -22.16 22.63
C VAL C 952 28.45 -21.91 23.85
N PRO C 953 28.83 -22.39 25.06
CA PRO C 953 28.00 -22.13 26.23
C PRO C 953 28.27 -20.76 26.83
N PHE C 954 27.24 -20.12 27.38
CA PHE C 954 27.44 -18.84 28.05
C PHE C 954 28.13 -19.14 29.39
N VAL C 955 29.21 -18.42 29.73
CA VAL C 955 29.97 -18.66 30.95
C VAL C 955 30.46 -17.34 31.55
N LEU C 956 30.62 -17.32 32.88
CA LEU C 956 31.11 -16.16 33.60
C LEU C 956 32.03 -16.66 34.71
N THR C 957 33.26 -16.12 34.78
CA THR C 957 34.28 -16.55 35.74
C THR C 957 33.95 -16.04 37.16
N GLN C 958 34.29 -16.83 38.19
CA GLN C 958 34.04 -16.48 39.60
C GLN C 958 34.80 -15.21 39.96
N ASP C 959 36.07 -15.08 39.49
CA ASP C 959 36.92 -13.91 39.70
C ASP C 959 36.22 -12.60 39.36
N PHE C 960 35.44 -12.56 38.28
CA PHE C 960 34.73 -11.35 37.86
C PHE C 960 33.54 -11.05 38.78
N LEU C 961 32.82 -12.08 39.24
CA LEU C 961 31.67 -11.89 40.15
C LEU C 961 32.09 -11.32 41.51
N ILE C 962 33.31 -11.66 41.97
CA ILE C 962 33.84 -11.17 43.24
C ILE C 962 34.21 -9.66 43.12
N VAL C 963 34.59 -9.19 41.92
CA VAL C 963 34.91 -7.77 41.69
C VAL C 963 33.61 -6.96 41.70
N ILE C 964 32.57 -7.47 41.01
CA ILE C 964 31.27 -6.80 40.90
C ILE C 964 30.63 -6.63 42.29
N SER C 965 30.59 -7.71 43.09
CA SER C 965 30.00 -7.67 44.42
C SER C 965 30.91 -7.03 45.50
N LYS C 966 31.97 -6.30 45.09
CA LYS C 966 32.88 -5.61 46.00
C LYS C 966 33.50 -6.50 47.10
N GLY C 967 33.95 -7.69 46.72
CA GLY C 967 34.59 -8.63 47.63
C GLY C 967 33.69 -9.49 48.50
N ALA C 968 32.39 -9.57 48.19
CA ALA C 968 31.47 -10.39 48.97
C ALA C 968 31.65 -11.88 48.65
N GLN C 969 31.55 -12.75 49.67
CA GLN C 969 31.71 -14.20 49.50
C GLN C 969 30.44 -14.80 48.87
N GLU C 970 29.26 -14.38 49.39
CA GLU C 970 27.95 -14.81 48.86
C GLU C 970 27.57 -13.82 47.75
N CYS C 971 28.37 -13.79 46.68
CA CYS C 971 28.22 -12.86 45.56
C CYS C 971 26.99 -13.11 44.67
N THR C 972 26.53 -14.38 44.52
CA THR C 972 25.36 -14.68 43.68
C THR C 972 24.00 -14.19 44.25
N LYS C 973 23.99 -13.42 45.36
CA LYS C 973 22.75 -12.89 45.96
C LYS C 973 22.76 -11.35 46.15
N THR C 974 23.91 -10.68 45.91
CA THR C 974 24.05 -9.24 46.16
C THR C 974 23.23 -8.36 45.20
N ARG C 975 22.99 -7.08 45.60
CA ARG C 975 22.24 -6.11 44.79
C ARG C 975 23.05 -5.68 43.56
N GLU C 976 24.40 -5.69 43.64
CA GLU C 976 25.27 -5.36 42.52
C GLU C 976 25.15 -6.45 41.45
N PHE C 977 25.06 -7.73 41.87
CA PHE C 977 24.88 -8.86 40.94
C PHE C 977 23.49 -8.82 40.30
N GLU C 978 22.46 -8.42 41.06
CA GLU C 978 21.11 -8.31 40.54
C GLU C 978 21.04 -7.17 39.50
N ARG C 979 21.74 -6.05 39.74
CA ARG C 979 21.80 -4.94 38.77
C ARG C 979 22.58 -5.37 37.53
N PHE C 980 23.69 -6.10 37.73
CA PHE C 980 24.50 -6.65 36.64
C PHE C 980 23.66 -7.52 35.71
N GLN C 981 22.81 -8.40 36.27
CA GLN C 981 21.97 -9.27 35.44
C GLN C 981 21.02 -8.43 34.56
N GLU C 982 20.33 -7.42 35.15
CA GLU C 982 19.42 -6.53 34.41
C GLU C 982 20.13 -5.69 33.34
N MET C 983 21.44 -5.45 33.49
CA MET C 983 22.21 -4.74 32.48
C MET C 983 22.31 -5.62 31.24
N CYS C 984 22.64 -6.92 31.43
CA CYS C 984 22.78 -7.89 30.35
C CYS C 984 21.46 -8.14 29.62
N TYR C 985 20.35 -8.19 30.33
CA TYR C 985 19.05 -8.46 29.69
C TYR C 985 18.69 -7.31 28.76
N LYS C 986 18.88 -6.07 29.23
CA LYS C 986 18.57 -4.89 28.43
C LYS C 986 19.47 -4.83 27.20
N ALA C 987 20.78 -5.06 27.38
CA ALA C 987 21.73 -5.05 26.27
C ALA C 987 21.48 -6.16 25.26
N TYR C 988 21.13 -7.36 25.73
CA TYR C 988 20.84 -8.48 24.83
C TYR C 988 19.64 -8.16 23.94
N LEU C 989 18.57 -7.60 24.52
CA LEU C 989 17.38 -7.26 23.75
C LEU C 989 17.64 -6.07 22.82
N ALA C 990 18.53 -5.14 23.19
CA ALA C 990 18.88 -4.02 22.31
C ALA C 990 19.51 -4.52 21.01
N ILE C 991 20.40 -5.55 21.09
CA ILE C 991 21.05 -6.13 19.91
C ILE C 991 20.01 -6.95 19.12
N ARG C 992 19.13 -7.70 19.82
CA ARG C 992 18.06 -8.46 19.18
C ARG C 992 17.08 -7.54 18.41
N GLN C 993 16.90 -6.29 18.87
CA GLN C 993 16.04 -5.33 18.17
C GLN C 993 16.68 -4.98 16.82
N HIS C 994 18.00 -4.68 16.82
CA HIS C 994 18.75 -4.32 15.61
C HIS C 994 19.44 -5.55 15.01
N ALA C 995 18.81 -6.74 15.12
CA ALA C 995 19.40 -7.99 14.61
C ALA C 995 19.57 -7.98 13.09
N ASN C 996 18.70 -7.25 12.36
CA ASN C 996 18.78 -7.17 10.91
C ASN C 996 20.09 -6.51 10.47
N LEU C 997 20.58 -5.50 11.23
CA LEU C 997 21.83 -4.81 10.92
C LEU C 997 23.03 -5.77 10.99
N PHE C 998 23.15 -6.54 12.07
CA PHE C 998 24.26 -7.50 12.21
C PHE C 998 24.20 -8.57 11.13
N ILE C 999 23.01 -9.10 10.83
CA ILE C 999 22.85 -10.12 9.78
C ILE C 999 23.24 -9.55 8.41
N ASN C 1000 22.82 -8.31 8.09
CA ASN C 1000 23.19 -7.67 6.83
C ASN C 1000 24.69 -7.43 6.71
N LEU C 1001 25.35 -7.01 7.81
CA LEU C 1001 26.78 -6.75 7.79
C LEU C 1001 27.55 -8.03 7.49
N PHE C 1002 27.13 -9.18 8.05
CA PHE C 1002 27.78 -10.45 7.77
C PHE C 1002 27.44 -10.96 6.37
N SER C 1003 26.18 -10.76 5.91
CA SER C 1003 25.73 -11.16 4.57
C SER C 1003 26.53 -10.49 3.44
N MET C 1004 26.96 -9.25 3.68
CA MET C 1004 27.77 -8.50 2.73
C MET C 1004 29.23 -9.06 2.70
N MET C 1005 29.71 -9.61 3.83
CA MET C 1005 31.06 -10.19 3.94
C MET C 1005 31.20 -11.59 3.31
N LEU C 1006 30.10 -12.21 2.83
CA LEU C 1006 30.18 -13.57 2.26
C LEU C 1006 31.03 -13.65 0.99
N GLY C 1007 31.03 -12.58 0.19
CA GLY C 1007 31.82 -12.48 -1.02
C GLY C 1007 33.31 -12.33 -0.78
N SER C 1008 33.71 -11.83 0.41
CA SER C 1008 35.13 -11.70 0.76
C SER C 1008 35.76 -13.09 0.82
N GLY C 1009 37.06 -13.17 0.61
CA GLY C 1009 37.76 -14.45 0.66
C GLY C 1009 37.91 -15.07 2.04
N MET C 1010 37.14 -14.61 3.04
CA MET C 1010 37.25 -15.12 4.40
C MET C 1010 36.67 -16.51 4.41
N PRO C 1011 37.45 -17.56 4.76
CA PRO C 1011 36.86 -18.91 4.78
C PRO C 1011 35.85 -19.15 5.90
N GLU C 1012 35.81 -18.25 6.89
CA GLU C 1012 34.90 -18.37 8.02
C GLU C 1012 33.47 -17.95 7.62
N LEU C 1013 33.32 -17.05 6.61
CA LEU C 1013 32.03 -16.56 6.11
C LEU C 1013 31.95 -16.79 4.61
N GLN C 1014 31.39 -17.95 4.21
CA GLN C 1014 31.23 -18.33 2.81
C GLN C 1014 29.74 -18.46 2.42
N SER C 1015 28.93 -19.11 3.26
CA SER C 1015 27.49 -19.31 3.01
C SER C 1015 26.65 -18.71 4.13
N PHE C 1016 25.38 -18.44 3.83
CA PHE C 1016 24.44 -17.92 4.83
C PHE C 1016 24.27 -18.86 6.04
N ASP C 1017 24.77 -20.11 5.96
CA ASP C 1017 24.72 -21.07 7.06
C ASP C 1017 25.72 -20.71 8.15
N ASP C 1018 26.83 -20.03 7.80
CA ASP C 1018 27.81 -19.59 8.79
C ASP C 1018 27.23 -18.46 9.69
N ILE C 1019 26.24 -17.70 9.21
CA ILE C 1019 25.59 -16.63 9.98
C ILE C 1019 24.43 -17.22 10.81
N ALA C 1020 23.78 -18.30 10.35
CA ALA C 1020 22.65 -18.95 11.03
C ALA C 1020 22.78 -19.08 12.55
N TYR C 1021 24.00 -19.29 13.09
CA TYR C 1021 24.20 -19.38 14.53
C TYR C 1021 23.69 -18.12 15.28
N ILE C 1022 23.84 -16.91 14.70
CA ILE C 1022 23.36 -15.67 15.35
C ILE C 1022 21.84 -15.69 15.59
N ARG C 1023 21.08 -16.50 14.83
CA ARG C 1023 19.63 -16.59 15.01
C ARG C 1023 19.29 -17.46 16.23
N LYS C 1024 20.16 -18.45 16.56
CA LYS C 1024 19.94 -19.31 17.72
C LYS C 1024 20.24 -18.55 19.01
N THR C 1025 21.29 -17.70 19.02
CA THR C 1025 21.63 -16.92 20.21
C THR C 1025 20.66 -15.76 20.38
N LEU C 1026 20.32 -15.03 19.30
CA LEU C 1026 19.36 -13.93 19.39
C LEU C 1026 17.91 -14.43 19.50
N ALA C 1027 17.63 -15.76 19.30
CA ALA C 1027 16.29 -16.35 19.38
C ALA C 1027 15.30 -15.56 18.52
N LEU C 1028 15.49 -15.61 17.21
CA LEU C 1028 14.67 -14.85 16.27
C LEU C 1028 13.37 -15.57 15.88
N ASP C 1029 13.31 -16.91 16.05
CA ASP C 1029 12.09 -17.69 15.78
C ASP C 1029 11.23 -17.80 17.06
N LYS C 1030 11.25 -16.77 17.92
CA LYS C 1030 10.54 -16.71 19.21
C LYS C 1030 10.02 -15.27 19.45
N THR C 1031 9.17 -15.08 20.46
CA THR C 1031 8.68 -13.73 20.81
C THR C 1031 9.77 -13.01 21.64
N GLU C 1032 9.65 -11.68 21.86
CA GLU C 1032 10.61 -10.91 22.66
C GLU C 1032 10.71 -11.43 24.11
N GLN C 1033 9.58 -11.83 24.74
CA GLN C 1033 9.58 -12.36 26.11
C GLN C 1033 10.13 -13.80 26.13
N GLU C 1034 9.86 -14.61 25.09
CA GLU C 1034 10.40 -15.97 24.99
C GLU C 1034 11.93 -15.93 24.78
N ALA C 1035 12.43 -14.91 24.04
CA ALA C 1035 13.86 -14.72 23.83
C ALA C 1035 14.53 -14.21 25.11
N LEU C 1036 13.86 -13.34 25.88
CA LEU C 1036 14.39 -12.86 27.16
C LEU C 1036 14.52 -14.03 28.15
N GLU C 1037 13.50 -14.91 28.21
CA GLU C 1037 13.55 -16.08 29.10
C GLU C 1037 14.62 -17.08 28.61
N TYR C 1038 14.81 -17.21 27.28
CA TYR C 1038 15.86 -18.06 26.72
C TYR C 1038 17.23 -17.56 27.18
N PHE C 1039 17.46 -16.24 27.10
CA PHE C 1039 18.73 -15.64 27.51
C PHE C 1039 18.92 -15.76 29.03
N MET C 1040 17.84 -15.59 29.80
CA MET C 1040 17.92 -15.74 31.25
C MET C 1040 18.25 -17.18 31.62
N LYS C 1041 17.72 -18.17 30.88
CA LYS C 1041 18.01 -19.59 31.10
C LYS C 1041 19.50 -19.86 30.88
N GLN C 1042 20.08 -19.33 29.78
CA GLN C 1042 21.52 -19.49 29.52
C GLN C 1042 22.36 -18.76 30.58
N MET C 1043 21.87 -17.61 31.09
CA MET C 1043 22.53 -16.84 32.14
C MET C 1043 22.53 -17.59 33.48
N ASN C 1044 21.46 -18.33 33.77
CA ASN C 1044 21.37 -19.12 34.99
C ASN C 1044 22.20 -20.40 34.86
N ASP C 1045 22.23 -21.02 33.65
CA ASP C 1045 23.05 -22.22 33.40
C ASP C 1045 24.57 -21.89 33.45
N ALA C 1046 24.96 -20.62 33.22
CA ALA C 1046 26.35 -20.17 33.31
C ALA C 1046 26.85 -20.18 34.77
N ARG C 1047 25.94 -20.00 35.75
CA ARG C 1047 26.29 -19.98 37.18
C ARG C 1047 26.70 -21.39 37.60
N HIS C 1048 25.96 -22.42 37.15
CA HIS C 1048 26.27 -23.82 37.42
C HIS C 1048 27.55 -24.21 36.65
N GLY C 1049 27.65 -23.77 35.38
CA GLY C 1049 28.81 -23.99 34.53
C GLY C 1049 30.10 -23.32 34.97
N GLY C 1050 29.99 -22.29 35.81
CA GLY C 1050 31.16 -21.60 36.35
C GLY C 1050 31.74 -22.36 37.53
N ASP C 1056 45.09 -27.54 38.20
CA ASP C 1056 46.12 -26.51 38.02
C ASP C 1056 45.81 -25.63 36.82
N TRP C 1057 46.30 -24.38 36.83
CA TRP C 1057 46.05 -23.43 35.76
C TRP C 1057 46.96 -23.58 34.55
N ILE C 1058 48.15 -24.17 34.69
CA ILE C 1058 49.07 -24.27 33.56
C ILE C 1058 48.59 -25.35 32.58
N PHE C 1059 48.41 -26.59 33.05
CA PHE C 1059 48.04 -27.71 32.19
C PHE C 1059 46.59 -28.20 32.32
N HIS C 1060 45.85 -27.81 33.37
CA HIS C 1060 44.46 -28.22 33.60
C HIS C 1060 44.31 -29.73 33.79
N THR C 1061 44.84 -30.26 34.91
CA THR C 1061 44.79 -31.70 35.23
C THR C 1061 44.06 -31.90 36.55
N SER D 27 0.63 -40.94 11.02
CA SER D 27 1.65 -41.90 10.62
C SER D 27 2.87 -41.17 10.03
N LEU D 28 3.30 -40.07 10.69
CA LEU D 28 4.42 -39.24 10.25
C LEU D 28 5.78 -39.90 10.54
N GLN D 29 5.93 -40.56 11.70
CA GLN D 29 7.18 -41.24 12.06
C GLN D 29 7.43 -42.45 11.15
N ASP D 30 6.36 -43.14 10.69
CA ASP D 30 6.49 -44.28 9.78
C ASP D 30 6.92 -43.84 8.38
N ALA D 31 6.55 -42.61 7.96
CA ALA D 31 6.89 -42.08 6.65
C ALA D 31 8.39 -41.80 6.53
N GLU D 32 8.94 -42.02 5.34
CA GLU D 32 10.36 -41.84 5.05
C GLU D 32 10.79 -40.38 4.81
N TRP D 33 9.87 -39.51 4.33
CA TRP D 33 10.20 -38.10 4.01
C TRP D 33 10.32 -37.16 5.24
N TYR D 34 9.87 -37.57 6.44
CA TYR D 34 9.95 -36.73 7.65
C TYR D 34 11.32 -36.90 8.34
N TRP D 35 12.00 -35.78 8.65
CA TRP D 35 13.34 -35.78 9.28
C TRP D 35 13.39 -34.94 10.58
N GLY D 36 12.33 -34.98 11.38
CA GLY D 36 12.29 -34.26 12.65
C GLY D 36 12.56 -32.76 12.65
N ASP D 37 13.78 -32.36 13.13
CA ASP D 37 14.17 -30.95 13.23
C ASP D 37 15.56 -30.67 12.61
N ILE D 38 15.76 -31.05 11.34
CA ILE D 38 17.03 -30.81 10.64
C ILE D 38 17.16 -29.34 10.21
N SER D 39 18.40 -28.84 10.17
CA SER D 39 18.66 -27.45 9.80
C SER D 39 18.49 -27.19 8.30
N ARG D 40 18.40 -25.91 7.88
CA ARG D 40 18.26 -25.52 6.47
C ARG D 40 19.48 -25.99 5.67
N GLU D 41 20.68 -25.97 6.28
CA GLU D 41 21.90 -26.44 5.60
C GLU D 41 21.84 -27.95 5.29
N GLU D 42 21.24 -28.77 6.17
CA GLU D 42 21.11 -30.21 5.93
C GLU D 42 20.07 -30.54 4.83
N VAL D 43 19.18 -29.60 4.49
CA VAL D 43 18.17 -29.80 3.46
C VAL D 43 18.82 -29.52 2.09
N ASN D 44 19.50 -28.36 1.95
CA ASN D 44 20.16 -27.99 0.70
C ASN D 44 21.36 -28.90 0.38
N GLU D 45 22.02 -29.45 1.40
CA GLU D 45 23.14 -30.38 1.21
C GLU D 45 22.61 -31.69 0.63
N LYS D 46 21.46 -32.19 1.16
CA LYS D 46 20.84 -33.43 0.69
C LYS D 46 19.96 -33.21 -0.57
N LEU D 47 20.15 -32.09 -1.30
CA LEU D 47 19.42 -31.77 -2.54
C LEU D 47 20.35 -31.01 -3.48
N ARG D 48 21.19 -31.72 -4.24
CA ARG D 48 22.13 -31.10 -5.18
C ARG D 48 22.11 -31.86 -6.52
N ASP D 49 22.54 -33.14 -6.56
CA ASP D 49 22.48 -33.94 -7.79
C ASP D 49 21.02 -34.24 -8.15
N THR D 50 20.16 -34.46 -7.13
CA THR D 50 18.73 -34.70 -7.33
C THR D 50 18.11 -33.37 -7.74
N ALA D 51 17.99 -33.14 -9.05
CA ALA D 51 17.50 -31.87 -9.59
C ALA D 51 16.31 -31.99 -10.56
N ASP D 52 15.08 -32.13 -10.02
CA ASP D 52 13.85 -32.16 -10.85
C ASP D 52 12.54 -32.09 -10.02
N GLY D 53 12.39 -32.96 -9.03
CA GLY D 53 11.19 -32.97 -8.19
C GLY D 53 11.31 -33.79 -6.92
N THR D 54 12.41 -33.58 -6.16
CA THR D 54 12.71 -34.28 -4.91
C THR D 54 12.07 -33.51 -3.72
N PHE D 55 11.76 -34.19 -2.59
CA PHE D 55 11.08 -33.53 -1.46
C PHE D 55 11.32 -34.16 -0.08
N LEU D 56 11.06 -33.38 0.99
CA LEU D 56 11.15 -33.82 2.40
C LEU D 56 10.33 -32.88 3.32
N VAL D 57 9.97 -33.37 4.53
CA VAL D 57 9.19 -32.62 5.51
C VAL D 57 10.00 -32.43 6.80
N ARG D 58 9.87 -31.25 7.43
CA ARG D 58 10.57 -30.87 8.67
C ARG D 58 9.77 -29.79 9.44
N ASP D 59 9.94 -29.70 10.76
CA ASP D 59 9.23 -28.70 11.56
C ASP D 59 9.60 -27.29 11.11
N ALA D 60 8.60 -26.39 11.01
CA ALA D 60 8.85 -25.01 10.57
C ALA D 60 9.58 -24.24 11.67
N SER D 61 9.14 -24.36 12.94
CA SER D 61 9.75 -23.71 14.10
C SER D 61 9.27 -24.35 15.41
N THR D 62 10.03 -24.16 16.51
CA THR D 62 9.67 -24.68 17.84
C THR D 62 8.41 -23.95 18.36
N LYS D 63 8.30 -22.63 18.09
CA LYS D 63 7.15 -21.81 18.50
C LYS D 63 5.85 -22.28 17.81
N MET D 64 5.92 -22.62 16.51
CA MET D 64 4.73 -23.09 15.78
C MET D 64 4.46 -24.54 16.22
N HIS D 65 5.45 -25.46 16.07
CA HIS D 65 5.40 -26.89 16.43
C HIS D 65 4.43 -27.71 15.55
N GLY D 66 3.13 -27.36 15.58
CA GLY D 66 2.10 -28.03 14.79
C GLY D 66 2.16 -27.76 13.30
N ASP D 67 3.00 -26.79 12.86
CA ASP D 67 3.19 -26.47 11.45
C ASP D 67 4.50 -27.08 10.95
N TYR D 68 4.48 -27.58 9.70
CA TYR D 68 5.61 -28.25 9.06
C TYR D 68 5.90 -27.63 7.68
N THR D 69 7.13 -27.82 7.17
CA THR D 69 7.59 -27.29 5.87
C THR D 69 7.80 -28.46 4.89
N LEU D 70 7.68 -28.17 3.58
CA LEU D 70 7.87 -29.15 2.52
C LEU D 70 8.68 -28.51 1.40
N THR D 71 9.99 -28.83 1.34
CA THR D 71 10.88 -28.29 0.32
C THR D 71 10.74 -29.15 -0.95
N LEU D 72 10.70 -28.50 -2.14
CA LEU D 72 10.53 -29.18 -3.43
C LEU D 72 11.21 -28.37 -4.53
N ARG D 73 11.90 -29.04 -5.47
CA ARG D 73 12.60 -28.38 -6.56
C ARG D 73 11.74 -28.38 -7.83
N LYS D 74 11.70 -27.25 -8.56
CA LYS D 74 10.93 -27.12 -9.82
C LYS D 74 11.86 -26.62 -10.96
N GLY D 75 12.33 -25.37 -10.89
CA GLY D 75 13.21 -24.78 -11.90
C GLY D 75 14.64 -24.71 -11.41
N GLY D 76 15.12 -25.80 -10.81
CA GLY D 76 16.46 -25.88 -10.25
C GLY D 76 16.63 -25.22 -8.89
N ASN D 77 15.54 -24.70 -8.29
CA ASN D 77 15.59 -24.02 -6.98
C ASN D 77 14.86 -24.81 -5.91
N ASN D 78 15.33 -24.74 -4.67
CA ASN D 78 14.67 -25.40 -3.56
C ASN D 78 13.54 -24.51 -3.06
N LYS D 79 12.31 -24.70 -3.61
CA LYS D 79 11.17 -23.90 -3.22
C LYS D 79 10.63 -24.41 -1.87
N LEU D 80 10.24 -23.49 -0.99
CA LEU D 80 9.75 -23.82 0.36
C LEU D 80 8.24 -23.67 0.40
N ILE D 81 7.50 -24.74 0.70
CA ILE D 81 6.04 -24.68 0.75
C ILE D 81 5.59 -25.11 2.15
N LYS D 82 5.08 -24.15 2.94
CA LYS D 82 4.62 -24.41 4.30
C LYS D 82 3.27 -25.10 4.33
N ILE D 83 3.04 -25.96 5.33
CA ILE D 83 1.79 -26.67 5.58
C ILE D 83 1.18 -26.01 6.82
N PHE D 84 0.30 -25.02 6.62
CA PHE D 84 -0.32 -24.31 7.75
C PHE D 84 -1.31 -25.21 8.50
N HIS D 85 -1.47 -24.96 9.81
CA HIS D 85 -2.37 -25.72 10.68
C HIS D 85 -3.40 -24.74 11.24
N ARG D 86 -4.68 -24.96 10.92
CA ARG D 86 -5.77 -24.07 11.33
C ARG D 86 -7.11 -24.83 11.24
N ASP D 87 -7.88 -24.93 12.37
CA ASP D 87 -9.16 -25.66 12.45
C ASP D 87 -8.98 -27.18 12.22
N GLY D 88 -7.82 -27.73 12.55
CA GLY D 88 -7.52 -29.15 12.38
C GLY D 88 -7.08 -29.56 10.99
N LYS D 89 -7.70 -28.96 9.94
CA LYS D 89 -7.37 -29.28 8.54
C LYS D 89 -6.04 -28.64 8.12
N TYR D 90 -5.34 -29.29 7.18
CA TYR D 90 -4.04 -28.83 6.65
C TYR D 90 -4.16 -28.47 5.16
N GLY D 91 -3.17 -27.73 4.66
CA GLY D 91 -3.16 -27.32 3.25
C GLY D 91 -2.16 -26.20 2.97
N PHE D 92 -2.04 -25.81 1.70
CA PHE D 92 -1.14 -24.73 1.29
C PHE D 92 -1.91 -23.41 1.08
N SER D 93 -2.99 -23.44 0.26
CA SER D 93 -3.82 -22.27 -0.04
C SER D 93 -5.13 -22.31 0.83
N ASP D 94 -6.10 -21.39 0.60
CA ASP D 94 -7.35 -21.35 1.36
C ASP D 94 -8.08 -22.72 1.44
N PRO D 95 -8.34 -23.47 0.33
CA PRO D 95 -9.05 -24.76 0.48
C PRO D 95 -8.21 -25.81 1.23
N LEU D 96 -8.51 -25.99 2.53
CA LEU D 96 -7.81 -26.96 3.38
C LEU D 96 -8.58 -28.28 3.32
N THR D 97 -8.56 -28.91 2.14
CA THR D 97 -9.27 -30.16 1.88
C THR D 97 -8.45 -31.40 2.27
N PHE D 98 -7.65 -31.32 3.35
CA PHE D 98 -6.79 -32.40 3.81
C PHE D 98 -6.89 -32.51 5.33
N SER D 99 -7.09 -33.73 5.84
CA SER D 99 -7.25 -33.96 7.28
C SER D 99 -5.91 -34.12 8.03
N SER D 100 -4.91 -34.80 7.42
CA SER D 100 -3.61 -35.05 8.05
C SER D 100 -2.43 -34.73 7.11
N VAL D 101 -1.20 -34.64 7.68
CA VAL D 101 0.02 -34.32 6.92
C VAL D 101 0.39 -35.47 5.96
N VAL D 102 0.11 -36.73 6.33
CA VAL D 102 0.39 -37.89 5.49
C VAL D 102 -0.56 -37.86 4.25
N GLU D 103 -1.83 -37.46 4.46
CA GLU D 103 -2.86 -37.33 3.41
C GLU D 103 -2.48 -36.24 2.40
N LEU D 104 -1.86 -35.14 2.88
CA LEU D 104 -1.41 -34.03 2.03
C LEU D 104 -0.31 -34.46 1.04
N ILE D 105 0.70 -35.21 1.51
CA ILE D 105 1.80 -35.67 0.64
C ILE D 105 1.26 -36.67 -0.38
N ASN D 106 0.44 -37.64 0.09
CA ASN D 106 -0.11 -38.67 -0.79
C ASN D 106 -1.07 -38.12 -1.86
N HIS D 107 -1.82 -37.05 -1.56
CA HIS D 107 -2.72 -36.45 -2.55
C HIS D 107 -1.92 -35.80 -3.67
N TYR D 108 -0.85 -35.06 -3.33
CA TYR D 108 -0.02 -34.38 -4.33
C TYR D 108 0.84 -35.35 -5.16
N ARG D 109 1.02 -36.61 -4.71
CA ARG D 109 1.74 -37.62 -5.50
C ARG D 109 0.81 -38.11 -6.63
N ASN D 110 -0.48 -38.35 -6.31
CA ASN D 110 -1.49 -38.80 -7.28
C ASN D 110 -1.81 -37.68 -8.28
N GLU D 111 -1.75 -36.39 -7.86
CA GLU D 111 -1.96 -35.23 -8.73
C GLU D 111 -0.86 -35.20 -9.82
N SER D 112 0.38 -35.53 -9.45
CA SER D 112 1.50 -35.57 -10.38
C SER D 112 1.29 -36.61 -11.47
N VAL D 122 3.83 -28.12 -11.60
CA VAL D 122 4.34 -28.59 -10.32
C VAL D 122 4.24 -30.12 -10.25
N LYS D 123 5.38 -30.80 -10.00
CA LYS D 123 5.43 -32.26 -9.93
C LYS D 123 6.23 -32.73 -8.71
N LEU D 124 5.74 -33.78 -8.04
CA LEU D 124 6.34 -34.41 -6.86
C LEU D 124 6.78 -35.81 -7.33
N LEU D 125 8.06 -36.21 -7.13
CA LEU D 125 8.54 -37.48 -7.69
C LEU D 125 9.28 -38.43 -6.68
N TYR D 126 10.50 -38.07 -6.22
CA TYR D 126 11.33 -38.94 -5.36
C TYR D 126 11.45 -38.40 -3.93
N PRO D 127 11.05 -39.14 -2.86
CA PRO D 127 11.25 -38.60 -1.50
C PRO D 127 12.68 -38.83 -0.99
N VAL D 128 13.15 -37.99 -0.06
CA VAL D 128 14.49 -38.15 0.52
C VAL D 128 14.31 -39.09 1.71
N SER D 129 14.41 -40.40 1.46
CA SER D 129 14.18 -41.42 2.47
C SER D 129 15.30 -41.51 3.51
N LYS D 130 14.91 -41.61 4.79
CA LYS D 130 15.85 -41.75 5.91
C LYS D 130 16.11 -43.22 6.26
N TYR D 131 15.13 -44.12 6.00
CA TYR D 131 15.27 -45.54 6.27
C TYR D 131 16.06 -46.23 5.16
N GLN D 132 15.85 -45.82 3.90
CA GLN D 132 16.48 -46.47 2.75
C GLN D 132 17.92 -46.01 2.55
N GLN D 133 18.83 -46.52 3.39
CA GLN D 133 20.26 -46.21 3.22
C GLN D 133 20.77 -47.07 2.05
N ASP D 134 20.41 -48.37 2.06
CA ASP D 134 20.74 -49.42 1.07
C ASP D 134 21.94 -49.12 0.17
N ASN D 141 24.18 -57.30 10.87
CA ASN D 141 24.01 -57.32 12.31
C ASN D 141 24.72 -56.13 13.00
N ILE D 142 24.29 -55.82 14.25
CA ILE D 142 24.83 -54.69 15.04
C ILE D 142 26.37 -54.72 15.23
N GLU D 143 26.97 -55.92 15.37
CA GLU D 143 28.42 -56.05 15.54
C GLU D 143 29.17 -55.69 14.24
N ALA D 144 28.67 -56.17 13.09
CA ALA D 144 29.29 -55.93 11.78
C ALA D 144 29.18 -54.49 11.33
N VAL D 145 28.03 -53.84 11.57
CA VAL D 145 27.80 -52.44 11.17
C VAL D 145 28.77 -51.52 11.92
N GLY D 146 28.97 -51.76 13.21
CA GLY D 146 29.87 -50.97 14.05
C GLY D 146 31.35 -51.12 13.74
N LYS D 147 31.82 -52.35 13.51
CA LYS D 147 33.24 -52.59 13.20
C LYS D 147 33.63 -52.08 11.81
N LYS D 148 32.75 -52.27 10.81
CA LYS D 148 33.01 -51.79 9.46
C LYS D 148 32.92 -50.24 9.37
N LEU D 149 32.14 -49.59 10.27
CA LEU D 149 32.07 -48.13 10.31
C LEU D 149 33.43 -47.56 10.72
N HIS D 150 34.09 -48.18 11.72
CA HIS D 150 35.43 -47.77 12.15
C HIS D 150 36.44 -47.94 11.01
N GLU D 151 36.29 -48.99 10.20
CA GLU D 151 37.16 -49.26 9.04
C GLU D 151 36.99 -48.18 7.97
N TYR D 152 35.73 -47.79 7.64
CA TYR D 152 35.47 -46.73 6.65
C TYR D 152 35.93 -45.37 7.17
N ASN D 153 35.77 -45.10 8.48
CA ASN D 153 36.21 -43.84 9.07
C ASN D 153 37.74 -43.75 9.07
N THR D 154 38.43 -44.86 9.39
CA THR D 154 39.89 -44.90 9.39
C THR D 154 40.42 -44.69 7.96
N GLN D 155 39.81 -45.35 6.96
CA GLN D 155 40.21 -45.20 5.56
C GLN D 155 39.92 -43.78 5.05
N PHE D 156 38.76 -43.20 5.41
CA PHE D 156 38.41 -41.84 5.01
C PHE D 156 39.39 -40.81 5.58
N GLN D 157 39.83 -40.98 6.84
CA GLN D 157 40.78 -40.06 7.47
C GLN D 157 42.21 -40.20 6.89
N GLU D 158 42.60 -41.41 6.44
CA GLU D 158 43.91 -41.61 5.82
C GLU D 158 43.93 -40.98 4.43
N LYS D 159 42.81 -41.05 3.67
CA LYS D 159 42.72 -40.44 2.34
C LYS D 159 42.50 -38.92 2.45
N SER D 160 41.87 -38.44 3.55
CA SER D 160 41.71 -37.00 3.80
C SER D 160 43.07 -36.39 4.09
N ARG D 161 43.93 -37.09 4.86
CA ARG D 161 45.28 -36.65 5.18
C ARG D 161 46.11 -36.51 3.88
N GLU D 162 45.98 -37.46 2.94
CA GLU D 162 46.70 -37.41 1.65
C GLU D 162 46.24 -36.20 0.82
N TYR D 163 44.94 -35.85 0.86
CA TYR D 163 44.41 -34.69 0.14
C TYR D 163 44.98 -33.40 0.73
N ASP D 164 45.19 -33.33 2.05
CA ASP D 164 45.78 -32.15 2.69
C ASP D 164 47.24 -32.01 2.24
N ARG D 165 47.98 -33.13 2.15
CA ARG D 165 49.38 -33.12 1.70
C ARG D 165 49.45 -32.69 0.24
N LEU D 166 48.54 -33.22 -0.61
CA LEU D 166 48.50 -32.88 -2.02
C LEU D 166 48.11 -31.42 -2.22
N TYR D 167 47.16 -30.90 -1.42
CA TYR D 167 46.73 -29.50 -1.56
C TYR D 167 47.81 -28.52 -1.11
N GLU D 168 48.54 -28.84 -0.03
CA GLU D 168 49.62 -27.96 0.45
C GLU D 168 50.72 -27.84 -0.61
N GLU D 169 51.10 -28.96 -1.23
CA GLU D 169 52.11 -28.95 -2.29
C GLU D 169 51.55 -28.30 -3.57
N TYR D 170 50.24 -28.47 -3.85
CA TYR D 170 49.58 -27.86 -5.01
C TYR D 170 49.66 -26.33 -4.97
N THR D 171 49.35 -25.74 -3.80
CA THR D 171 49.38 -24.29 -3.62
C THR D 171 50.82 -23.77 -3.62
N ARG D 172 51.74 -24.50 -2.96
CA ARG D 172 53.17 -24.15 -2.93
C ARG D 172 53.72 -24.11 -4.36
N THR D 173 53.39 -25.13 -5.17
CA THR D 173 53.82 -25.25 -6.57
C THR D 173 53.20 -24.13 -7.40
N SER D 174 51.91 -23.83 -7.20
CA SER D 174 51.25 -22.76 -7.95
C SER D 174 51.89 -21.41 -7.66
N GLN D 175 52.21 -21.13 -6.38
CA GLN D 175 52.86 -19.87 -6.01
C GLN D 175 54.24 -19.78 -6.65
N GLU D 176 55.02 -20.86 -6.59
CA GLU D 176 56.37 -20.88 -7.17
C GLU D 176 56.36 -20.75 -8.69
N ILE D 177 55.31 -21.27 -9.36
CA ILE D 177 55.21 -21.17 -10.83
C ILE D 177 54.99 -19.70 -11.23
N GLN D 178 54.08 -18.98 -10.55
CA GLN D 178 53.82 -17.58 -10.87
C GLN D 178 55.06 -16.72 -10.65
N MET D 179 55.90 -17.05 -9.66
CA MET D 179 57.14 -16.31 -9.40
C MET D 179 58.12 -16.55 -10.53
N LYS D 180 58.30 -17.81 -10.94
CA LYS D 180 59.20 -18.14 -12.03
C LYS D 180 58.72 -17.50 -13.34
N ARG D 181 57.38 -17.43 -13.57
CA ARG D 181 56.81 -16.82 -14.78
C ARG D 181 57.19 -15.34 -14.89
N THR D 182 57.16 -14.60 -13.76
CA THR D 182 57.52 -13.18 -13.75
C THR D 182 59.04 -13.02 -13.77
N ALA D 183 59.79 -13.91 -13.10
CA ALA D 183 61.26 -13.86 -13.14
C ALA D 183 61.78 -14.00 -14.58
N ILE D 184 61.05 -14.73 -15.46
CA ILE D 184 61.39 -14.88 -16.88
C ILE D 184 61.14 -13.54 -17.58
N GLU D 185 60.00 -12.87 -17.30
CA GLU D 185 59.67 -11.56 -17.86
C GLU D 185 60.75 -10.54 -17.49
N ALA D 186 61.24 -10.60 -16.23
CA ALA D 186 62.29 -9.72 -15.74
C ALA D 186 63.61 -10.00 -16.47
N PHE D 187 63.98 -11.29 -16.62
CA PHE D 187 65.19 -11.69 -17.34
C PHE D 187 65.12 -11.25 -18.80
N ASN D 188 63.95 -11.34 -19.43
CA ASN D 188 63.75 -10.91 -20.82
C ASN D 188 64.02 -9.41 -20.95
N GLU D 189 63.48 -8.58 -20.03
CA GLU D 189 63.72 -7.14 -20.05
C GLU D 189 65.19 -6.82 -19.73
N THR D 190 65.83 -7.60 -18.86
CA THR D 190 67.24 -7.41 -18.53
C THR D 190 68.09 -7.65 -19.78
N ILE D 191 67.83 -8.77 -20.50
CA ILE D 191 68.54 -9.12 -21.73
C ILE D 191 68.34 -8.04 -22.78
N LYS D 192 67.11 -7.53 -22.93
CA LYS D 192 66.83 -6.45 -23.89
C LYS D 192 67.67 -5.19 -23.58
N ILE D 193 67.88 -4.86 -22.28
CA ILE D 193 68.68 -3.70 -21.87
C ILE D 193 70.15 -3.92 -22.24
N PHE D 194 70.72 -5.08 -21.91
CA PHE D 194 72.10 -5.40 -22.26
C PHE D 194 72.32 -5.51 -23.77
N GLU D 195 71.29 -5.93 -24.54
CA GLU D 195 71.38 -5.98 -26.01
C GLU D 195 71.44 -4.54 -26.57
N GLU D 196 70.65 -3.61 -25.99
CA GLU D 196 70.68 -2.19 -26.36
C GLU D 196 72.04 -1.56 -26.03
N GLN D 197 72.67 -2.02 -24.93
CA GLN D 197 73.99 -1.59 -24.50
C GLN D 197 75.06 -2.07 -25.51
N CYS D 198 74.89 -3.25 -26.10
CA CYS D 198 75.80 -3.80 -27.11
C CYS D 198 75.70 -2.97 -28.38
N GLN D 199 74.48 -2.63 -28.79
CA GLN D 199 74.28 -1.80 -29.98
C GLN D 199 74.79 -0.35 -29.74
N THR D 200 74.78 0.12 -28.49
CA THR D 200 75.31 1.43 -28.11
C THR D 200 76.86 1.40 -28.18
N GLN D 201 77.47 0.31 -27.70
CA GLN D 201 78.93 0.13 -27.73
C GLN D 201 79.41 -0.05 -29.17
N GLU D 202 78.72 -0.86 -29.98
CA GLU D 202 79.09 -1.09 -31.37
C GLU D 202 79.02 0.20 -32.20
N ARG D 203 78.12 1.14 -31.83
CA ARG D 203 77.95 2.42 -32.53
C ARG D 203 79.01 3.44 -32.12
N TYR D 204 79.23 3.64 -30.81
CA TYR D 204 80.21 4.63 -30.33
C TYR D 204 81.66 4.19 -30.52
N SER D 205 81.98 2.91 -30.20
CA SER D 205 83.34 2.41 -30.37
C SER D 205 83.74 2.32 -31.84
N LYS D 206 82.78 2.18 -32.78
CA LYS D 206 83.05 2.09 -34.22
C LYS D 206 84.02 3.17 -34.73
N GLU D 207 83.81 4.44 -34.35
CA GLU D 207 84.66 5.54 -34.81
C GLU D 207 86.01 5.62 -34.07
N TYR D 208 86.06 5.24 -32.77
CA TYR D 208 87.31 5.25 -32.00
C TYR D 208 88.23 4.11 -32.43
N ILE D 209 87.68 2.93 -32.72
CA ILE D 209 88.48 1.78 -33.16
C ILE D 209 89.16 2.13 -34.52
N GLU D 210 88.44 2.84 -35.41
CA GLU D 210 88.99 3.28 -36.69
C GLU D 210 90.17 4.24 -36.47
N LYS D 211 90.08 5.12 -35.47
CA LYS D 211 91.16 6.05 -35.13
C LYS D 211 92.39 5.30 -34.59
N PHE D 212 92.20 4.37 -33.63
CA PHE D 212 93.33 3.64 -33.05
C PHE D 212 94.02 2.67 -34.02
N LYS D 213 93.30 2.05 -34.98
CA LYS D 213 93.96 1.17 -35.97
C LYS D 213 94.82 1.99 -36.95
N ARG D 214 94.39 3.23 -37.28
CA ARG D 214 95.16 4.13 -38.14
C ARG D 214 96.38 4.66 -37.36
N GLU D 215 96.17 5.03 -36.07
CA GLU D 215 97.28 5.51 -35.24
C GLU D 215 98.24 4.40 -34.76
N GLY D 216 97.87 3.13 -34.95
CA GLY D 216 98.69 2.00 -34.51
C GLY D 216 98.69 1.80 -33.00
N ASN D 217 97.64 2.29 -32.31
CA ASN D 217 97.50 2.18 -30.87
C ASN D 217 96.74 0.90 -30.54
N GLU D 218 97.46 -0.24 -30.52
CA GLU D 218 96.89 -1.56 -30.24
C GLU D 218 96.47 -1.70 -28.77
N LYS D 219 97.12 -0.97 -27.84
CA LYS D 219 96.77 -1.02 -26.42
C LYS D 219 95.31 -0.60 -26.21
N GLU D 220 94.90 0.51 -26.84
CA GLU D 220 93.53 1.03 -26.70
C GLU D 220 92.51 0.17 -27.44
N ILE D 221 92.91 -0.53 -28.52
CA ILE D 221 92.00 -1.43 -29.23
C ILE D 221 91.74 -2.62 -28.32
N GLN D 222 92.80 -3.22 -27.74
CA GLN D 222 92.65 -4.37 -26.85
C GLN D 222 91.97 -4.02 -25.53
N ARG D 223 92.04 -2.74 -25.07
CA ARG D 223 91.36 -2.31 -23.84
C ARG D 223 89.84 -2.17 -24.11
N ILE D 224 89.42 -1.66 -25.28
CA ILE D 224 88.01 -1.55 -25.64
C ILE D 224 87.47 -2.98 -25.90
N MET D 225 88.27 -3.84 -26.55
CA MET D 225 87.92 -5.24 -26.82
C MET D 225 87.74 -6.03 -25.52
N HIS D 226 88.60 -5.77 -24.50
CA HIS D 226 88.51 -6.45 -23.21
C HIS D 226 87.17 -6.15 -22.52
N ASN D 227 86.68 -4.90 -22.63
CA ASN D 227 85.40 -4.50 -22.04
C ASN D 227 84.20 -5.05 -22.84
N TYR D 228 84.33 -5.14 -24.18
CA TYR D 228 83.27 -5.71 -25.04
C TYR D 228 83.13 -7.21 -24.74
N ASP D 229 84.25 -7.95 -24.62
CA ASP D 229 84.23 -9.39 -24.32
C ASP D 229 83.59 -9.68 -22.96
N LYS D 230 83.81 -8.81 -21.96
CA LYS D 230 83.21 -8.97 -20.63
C LYS D 230 81.70 -8.70 -20.68
N LEU D 231 81.27 -7.68 -21.43
CA LEU D 231 79.86 -7.34 -21.60
C LEU D 231 79.13 -8.49 -22.32
N LYS D 232 79.76 -9.07 -23.37
CA LYS D 232 79.18 -10.19 -24.12
C LYS D 232 79.14 -11.46 -23.26
N SER D 233 80.18 -11.73 -22.46
CA SER D 233 80.18 -12.91 -21.58
C SER D 233 79.12 -12.78 -20.49
N ARG D 234 78.85 -11.55 -20.02
CA ARG D 234 77.82 -11.29 -19.02
C ARG D 234 76.43 -11.62 -19.59
N ILE D 235 76.18 -11.31 -20.88
CA ILE D 235 74.89 -11.64 -21.52
C ILE D 235 74.72 -13.16 -21.59
N SER D 236 75.80 -13.90 -21.92
CA SER D 236 75.77 -15.37 -21.94
C SER D 236 75.38 -15.92 -20.56
N GLU D 237 75.94 -15.35 -19.48
CA GLU D 237 75.62 -15.77 -18.11
C GLU D 237 74.14 -15.50 -17.77
N ILE D 238 73.57 -14.39 -18.30
CA ILE D 238 72.16 -14.04 -18.06
C ILE D 238 71.24 -14.96 -18.88
N ILE D 239 71.55 -15.20 -20.18
CA ILE D 239 70.72 -16.07 -21.03
C ILE D 239 70.77 -17.51 -20.48
N ASP D 240 71.94 -18.00 -20.03
CA ASP D 240 72.03 -19.34 -19.45
C ASP D 240 71.23 -19.46 -18.15
N SER D 241 71.07 -18.35 -17.40
CA SER D 241 70.29 -18.33 -16.17
C SER D 241 68.78 -18.33 -16.51
N ARG D 242 68.37 -17.59 -17.55
CA ARG D 242 66.97 -17.53 -17.98
C ARG D 242 66.54 -18.88 -18.53
N ARG D 243 67.32 -19.47 -19.46
CA ARG D 243 67.00 -20.78 -20.04
C ARG D 243 67.01 -21.88 -18.97
N ARG D 244 67.88 -21.79 -17.95
CA ARG D 244 67.93 -22.73 -16.83
C ARG D 244 66.63 -22.64 -16.03
N LEU D 245 66.10 -21.43 -15.83
CA LEU D 245 64.85 -21.20 -15.12
C LEU D 245 63.65 -21.60 -16.00
N GLU D 246 63.75 -21.49 -17.34
CA GLU D 246 62.69 -21.91 -18.26
C GLU D 246 62.47 -23.42 -18.13
N GLU D 247 63.56 -24.20 -17.96
CA GLU D 247 63.50 -25.66 -17.78
C GLU D 247 62.92 -25.99 -16.43
N ASP D 248 63.29 -25.24 -15.37
CA ASP D 248 62.71 -25.43 -14.03
C ASP D 248 61.22 -25.17 -14.05
N LEU D 249 60.78 -24.12 -14.77
CA LEU D 249 59.38 -23.77 -14.91
C LEU D 249 58.64 -24.85 -15.72
N LYS D 250 59.24 -25.34 -16.82
CA LYS D 250 58.67 -26.42 -17.64
C LYS D 250 58.47 -27.69 -16.81
N LYS D 251 59.48 -28.03 -15.97
CA LYS D 251 59.47 -29.19 -15.07
C LYS D 251 58.42 -29.01 -13.96
N GLN D 252 58.38 -27.82 -13.33
CA GLN D 252 57.44 -27.54 -12.24
C GLN D 252 55.99 -27.44 -12.75
N ALA D 253 55.78 -27.05 -14.01
CA ALA D 253 54.44 -27.03 -14.60
C ALA D 253 53.92 -28.46 -14.77
N ALA D 254 54.80 -29.40 -15.18
CA ALA D 254 54.44 -30.80 -15.32
C ALA D 254 54.14 -31.40 -13.94
N GLU D 255 54.90 -31.01 -12.89
CA GLU D 255 54.68 -31.47 -11.51
C GLU D 255 53.30 -31.00 -11.04
N TYR D 256 52.95 -29.72 -11.32
CA TYR D 256 51.66 -29.09 -10.99
C TYR D 256 50.50 -29.83 -11.65
N ARG D 257 50.65 -30.20 -12.92
CA ARG D 257 49.61 -30.93 -13.65
C ARG D 257 49.42 -32.33 -13.05
N GLU D 258 50.51 -32.99 -12.62
CA GLU D 258 50.42 -34.31 -12.00
C GLU D 258 49.87 -34.24 -10.57
N ILE D 259 50.08 -33.13 -9.84
CA ILE D 259 49.50 -32.97 -8.50
C ILE D 259 47.97 -32.81 -8.68
N ASP D 260 47.55 -32.00 -9.67
CA ASP D 260 46.13 -31.79 -9.96
C ASP D 260 45.45 -33.08 -10.48
N LYS D 261 46.17 -33.94 -11.22
CA LYS D 261 45.61 -35.22 -11.68
C LYS D 261 45.36 -36.12 -10.47
N ARG D 262 46.32 -36.17 -9.52
CA ARG D 262 46.20 -36.97 -8.30
C ARG D 262 45.07 -36.44 -7.40
N MET D 263 44.85 -35.12 -7.37
CA MET D 263 43.77 -34.53 -6.57
C MET D 263 42.42 -34.85 -7.21
N ASN D 264 42.29 -34.65 -8.54
CA ASN D 264 41.05 -34.92 -9.25
C ASN D 264 40.71 -36.42 -9.29
N SER D 265 41.72 -37.32 -9.20
CA SER D 265 41.46 -38.77 -9.17
C SER D 265 41.00 -39.22 -7.77
N ILE D 266 41.48 -38.56 -6.70
CA ILE D 266 41.12 -38.93 -5.31
C ILE D 266 39.93 -38.11 -4.77
N LYS D 267 39.52 -37.01 -5.42
CA LYS D 267 38.38 -36.23 -4.94
C LYS D 267 37.05 -37.05 -5.06
N PRO D 268 36.73 -37.77 -6.18
CA PRO D 268 35.50 -38.59 -6.19
C PRO D 268 35.54 -39.73 -5.17
N ASP D 269 36.72 -40.36 -4.99
CA ASP D 269 36.89 -41.43 -4.00
C ASP D 269 36.61 -40.89 -2.58
N LEU D 270 37.04 -39.65 -2.30
CA LEU D 270 36.86 -39.02 -1.01
C LEU D 270 35.39 -38.63 -0.74
N ILE D 271 34.59 -38.34 -1.77
CA ILE D 271 33.19 -37.95 -1.56
C ILE D 271 32.33 -39.22 -1.34
N GLN D 272 32.52 -40.28 -2.15
CA GLN D 272 31.76 -41.52 -1.96
C GLN D 272 32.08 -42.19 -0.62
N LEU D 273 33.31 -42.01 -0.08
CA LEU D 273 33.70 -42.54 1.25
C LEU D 273 32.97 -41.75 2.34
N ARG D 274 32.78 -40.43 2.16
CA ARG D 274 32.08 -39.58 3.12
C ARG D 274 30.60 -39.98 3.16
N LYS D 275 29.97 -40.21 1.98
CA LYS D 275 28.55 -40.63 1.93
C LYS D 275 28.35 -42.06 2.44
N THR D 276 29.34 -42.95 2.27
CA THR D 276 29.23 -44.33 2.75
C THR D 276 29.31 -44.36 4.29
N ARG D 277 30.32 -43.71 4.89
CA ARG D 277 30.47 -43.68 6.35
C ARG D 277 29.29 -42.98 7.05
N ASP D 278 28.68 -41.95 6.43
CA ASP D 278 27.54 -41.25 7.03
C ASP D 278 26.28 -42.14 7.04
N GLN D 279 26.14 -43.05 6.06
CA GLN D 279 25.00 -43.98 6.02
C GLN D 279 25.17 -45.07 7.08
N TYR D 280 26.42 -45.54 7.31
CA TYR D 280 26.68 -46.54 8.35
C TYR D 280 26.40 -45.97 9.75
N LEU D 281 26.63 -44.67 9.97
CA LEU D 281 26.34 -44.03 11.27
C LEU D 281 24.83 -43.84 11.44
N MET D 282 24.10 -43.44 10.37
CA MET D 282 22.65 -43.24 10.42
C MET D 282 21.92 -44.56 10.77
N TRP D 283 22.34 -45.69 10.19
CA TRP D 283 21.75 -47.00 10.48
C TRP D 283 22.12 -47.50 11.89
N LEU D 284 23.33 -47.13 12.38
CA LEU D 284 23.80 -47.50 13.72
C LEU D 284 22.94 -46.85 14.82
N THR D 285 22.39 -45.63 14.56
CA THR D 285 21.52 -44.95 15.53
C THR D 285 20.12 -45.58 15.58
N GLN D 286 19.63 -46.13 14.46
CA GLN D 286 18.30 -46.74 14.40
C GLN D 286 18.32 -48.13 15.03
#